data_1AJ6
# 
_entry.id   1AJ6 
# 
_audit_conform.dict_name       mmcif_pdbx.dic 
_audit_conform.dict_version    5.389 
_audit_conform.dict_location   http://mmcif.pdb.org/dictionaries/ascii/mmcif_pdbx.dic 
# 
loop_
_database_2.database_id 
_database_2.database_code 
_database_2.pdbx_database_accession 
_database_2.pdbx_DOI 
PDB   1AJ6         pdb_00001aj6 10.2210/pdb1aj6/pdb 
WWPDB D_1000170881 ?            ?                   
# 
loop_
_pdbx_audit_revision_history.ordinal 
_pdbx_audit_revision_history.data_content_type 
_pdbx_audit_revision_history.major_revision 
_pdbx_audit_revision_history.minor_revision 
_pdbx_audit_revision_history.revision_date 
1 'Structure model' 1 0 1998-05-20 
2 'Structure model' 1 1 2008-03-03 
3 'Structure model' 1 2 2011-07-13 
4 'Structure model' 1 3 2021-11-03 
5 'Structure model' 1 4 2024-02-07 
6 'Structure model' 1 5 2024-04-03 
# 
_pdbx_audit_revision_details.ordinal             1 
_pdbx_audit_revision_details.revision_ordinal    1 
_pdbx_audit_revision_details.data_content_type   'Structure model' 
_pdbx_audit_revision_details.provider            repository 
_pdbx_audit_revision_details.type                'Initial release' 
_pdbx_audit_revision_details.description         ? 
_pdbx_audit_revision_details.details             ? 
# 
loop_
_pdbx_audit_revision_group.ordinal 
_pdbx_audit_revision_group.revision_ordinal 
_pdbx_audit_revision_group.data_content_type 
_pdbx_audit_revision_group.group 
1 2 'Structure model' 'Version format compliance' 
2 3 'Structure model' 'Non-polymer description'   
3 3 'Structure model' 'Version format compliance' 
4 4 'Structure model' 'Database references'       
5 4 'Structure model' 'Derived calculations'      
6 4 'Structure model' Other                       
7 5 'Structure model' 'Data collection'           
8 6 'Structure model' 'Refinement description'    
# 
loop_
_pdbx_audit_revision_category.ordinal 
_pdbx_audit_revision_category.revision_ordinal 
_pdbx_audit_revision_category.data_content_type 
_pdbx_audit_revision_category.category 
1 4 'Structure model' database_2                    
2 4 'Structure model' pdbx_database_status          
3 4 'Structure model' struct_ref_seq_dif            
4 4 'Structure model' struct_site                   
5 5 'Structure model' chem_comp_atom                
6 5 'Structure model' chem_comp_bond                
7 6 'Structure model' pdbx_initial_refinement_model 
# 
loop_
_pdbx_audit_revision_item.ordinal 
_pdbx_audit_revision_item.revision_ordinal 
_pdbx_audit_revision_item.data_content_type 
_pdbx_audit_revision_item.item 
1 4 'Structure model' '_database_2.pdbx_DOI'                
2 4 'Structure model' '_database_2.pdbx_database_accession' 
3 4 'Structure model' '_pdbx_database_status.process_site'  
4 4 'Structure model' '_struct_ref_seq_dif.details'         
5 4 'Structure model' '_struct_site.pdbx_auth_asym_id'      
6 4 'Structure model' '_struct_site.pdbx_auth_comp_id'      
7 4 'Structure model' '_struct_site.pdbx_auth_seq_id'       
# 
_pdbx_database_status.status_code                     REL 
_pdbx_database_status.entry_id                        1AJ6 
_pdbx_database_status.recvd_initial_deposition_date   1997-05-15 
_pdbx_database_status.deposit_site                    ? 
_pdbx_database_status.process_site                    BNL 
_pdbx_database_status.status_code_sf                  REL 
_pdbx_database_status.status_code_mr                  ? 
_pdbx_database_status.SG_entry                        ? 
_pdbx_database_status.pdb_format_compatible           Y 
_pdbx_database_status.status_code_cs                  ? 
_pdbx_database_status.status_code_nmr_data            ? 
_pdbx_database_status.methods_development_category    ? 
# 
loop_
_audit_author.name 
_audit_author.pdbx_ordinal 
'Weston, S.A.'    1 
'Tunnicliffe, A.' 2 
'Pauptit, R.A.'   3 
# 
loop_
_citation.id 
_citation.title 
_citation.journal_abbrev 
_citation.journal_volume 
_citation.page_first 
_citation.page_last 
_citation.year 
_citation.journal_id_ASTM 
_citation.country 
_citation.journal_id_ISSN 
_citation.journal_id_CSD 
_citation.book_publisher 
_citation.pdbx_database_id_PubMed 
_citation.pdbx_database_id_DOI 
primary 
;The entropic penalty of ordered water accounts for weaker binding of the antibiotic novobiocin to a resistant mutant of DNA gyrase: a thermodynamic and crystallographic study.
;
Biochemistry      36 9663 9673 1997 BICHAW US 0006-2960 0033 ? 9245398 10.1021/bi970294+ 
1       'Antibacterial Design Based on the Structures of Gyrase-Inhibitor Complexes' 'To be Published' ?  ?    ?    ?    ?      ?  
?         0353 ? ?       ?                 
2       
;The High-Resolution Crystal Structure of a 24-kDa Gyrase B Fragment from E. Coli Complexed with One of the Most Potent Coumarin Inhibitors, Clorobiocin
;
Proteins          28 41   ?    1997 PSFGEY US 0887-3585 0867 ? ?       ?                 
3       'The Nature of Inhibition of DNA Gyrase by the Coumarins and the Cyclothialidines Revealed by X-Ray Crystallography' 
'Embo J.'         15 1412 ?    1996 EMJODG UK 0261-4189 0897 ? ?       ?                 
# 
loop_
_citation_author.citation_id 
_citation_author.name 
_citation_author.ordinal 
_citation_author.identifier_ORCID 
primary 'Holdgate, G.A.'   1  ? 
primary 'Tunnicliffe, A.'  2  ? 
primary 'Ward, W.H.'       3  ? 
primary 'Weston, S.A.'     4  ? 
primary 'Rosenbrock, G.'   5  ? 
primary 'Barth, P.T.'      6  ? 
primary 'Taylor, I.W.'     7  ? 
primary 'Pauptit, R.A.'    8  ? 
primary 'Timms, D.'        9  ? 
1       'Pauptit, R.A.'    10 ? 
1       'Weston, S.A.'     11 ? 
1       'Breeze, A.L.'     12 ? 
1       'Derbyshire, D.J.' 13 ? 
1       'Tucker, A.D.'     14 ? 
1       'Hales, N.'        15 ? 
1       'Hollinshead, D.'  16 ? 
1       'Timms, D.'        17 ? 
2       'Tsai, F.T.'       18 ? 
2       'Singh, O.M.'      19 ? 
2       'Skarzynski, T.'   20 ? 
2       'Wonacott, A.J.'   21 ? 
2       'Weston, S.'       22 ? 
2       'Tucker, A.'       23 ? 
2       'Pauptit, R.A.'    24 ? 
2       'Breeze, A.L.'     25 ? 
2       'Poyser, J.P.'     26 ? 
2       
;O'Brien, R.
;
27 ? 
2       'Ladbury, J.E.'    28 ? 
2       'Wigley, D.B.'     29 ? 
3       'Lewis, R.J.'      30 ? 
3       'Singh, O.M.'      31 ? 
3       'Smith, C.V.'      32 ? 
3       'Skarzynski, T.'   33 ? 
3       'Maxwell, A.'      34 ? 
3       'Wonacott, A.J.'   35 ? 
3       'Wigley, D.B.'     36 ? 
# 
loop_
_entity.id 
_entity.type 
_entity.src_method 
_entity.pdbx_description 
_entity.formula_weight 
_entity.pdbx_number_of_molecules 
_entity.pdbx_ec 
_entity.pdbx_mutation 
_entity.pdbx_fragment 
_entity.details 
1 polymer     man GYRASE     24040.936 1  5.99.1.3 R136H 'N-TERMINAL 24 KDA' ? 
2 non-polymer syn NOVOBIOCIN 612.624   1  ?        ?     ?                   ? 
3 water       nat water      18.015    89 ?        ?     ?                   ? 
# 
_entity_poly.entity_id                      1 
_entity_poly.type                           'polypeptide(L)' 
_entity_poly.nstd_linkage                   no 
_entity_poly.nstd_monomer                   no 
_entity_poly.pdbx_seq_one_letter_code       
;SNSYDSSSIKVLKGLDAVRKRPGMYIGDTDDGTGLHHMVFEVVDNAIDEALAGHCKEIIVTIHADNSVSVQDDGRGIPTG
IHPEEGVSAAEVIMTVLHAGGKFDDNSYKVSGGLHGVGVSVVNALSQKLELVIQHEGKIHRQIYEHGVPQAPLAVTGETE
KTGTMVRFWPSLETFTNVTEFEYEILAKRLRELSFLNSGVSIRLRDKRDGKEDHFHYEG
;
_entity_poly.pdbx_seq_one_letter_code_can   
;SNSYDSSSIKVLKGLDAVRKRPGMYIGDTDDGTGLHHMVFEVVDNAIDEALAGHCKEIIVTIHADNSVSVQDDGRGIPTG
IHPEEGVSAAEVIMTVLHAGGKFDDNSYKVSGGLHGVGVSVVNALSQKLELVIQHEGKIHRQIYEHGVPQAPLAVTGETE
KTGTMVRFWPSLETFTNVTEFEYEILAKRLRELSFLNSGVSIRLRDKRDGKEDHFHYEG
;
_entity_poly.pdbx_strand_id                 A 
_entity_poly.pdbx_target_identifier         ? 
# 
loop_
_pdbx_entity_nonpoly.entity_id 
_pdbx_entity_nonpoly.name 
_pdbx_entity_nonpoly.comp_id 
2 NOVOBIOCIN NOV 
3 water      HOH 
# 
loop_
_entity_poly_seq.entity_id 
_entity_poly_seq.num 
_entity_poly_seq.mon_id 
_entity_poly_seq.hetero 
1 1   SER n 
1 2   ASN n 
1 3   SER n 
1 4   TYR n 
1 5   ASP n 
1 6   SER n 
1 7   SER n 
1 8   SER n 
1 9   ILE n 
1 10  LYS n 
1 11  VAL n 
1 12  LEU n 
1 13  LYS n 
1 14  GLY n 
1 15  LEU n 
1 16  ASP n 
1 17  ALA n 
1 18  VAL n 
1 19  ARG n 
1 20  LYS n 
1 21  ARG n 
1 22  PRO n 
1 23  GLY n 
1 24  MET n 
1 25  TYR n 
1 26  ILE n 
1 27  GLY n 
1 28  ASP n 
1 29  THR n 
1 30  ASP n 
1 31  ASP n 
1 32  GLY n 
1 33  THR n 
1 34  GLY n 
1 35  LEU n 
1 36  HIS n 
1 37  HIS n 
1 38  MET n 
1 39  VAL n 
1 40  PHE n 
1 41  GLU n 
1 42  VAL n 
1 43  VAL n 
1 44  ASP n 
1 45  ASN n 
1 46  ALA n 
1 47  ILE n 
1 48  ASP n 
1 49  GLU n 
1 50  ALA n 
1 51  LEU n 
1 52  ALA n 
1 53  GLY n 
1 54  HIS n 
1 55  CYS n 
1 56  LYS n 
1 57  GLU n 
1 58  ILE n 
1 59  ILE n 
1 60  VAL n 
1 61  THR n 
1 62  ILE n 
1 63  HIS n 
1 64  ALA n 
1 65  ASP n 
1 66  ASN n 
1 67  SER n 
1 68  VAL n 
1 69  SER n 
1 70  VAL n 
1 71  GLN n 
1 72  ASP n 
1 73  ASP n 
1 74  GLY n 
1 75  ARG n 
1 76  GLY n 
1 77  ILE n 
1 78  PRO n 
1 79  THR n 
1 80  GLY n 
1 81  ILE n 
1 82  HIS n 
1 83  PRO n 
1 84  GLU n 
1 85  GLU n 
1 86  GLY n 
1 87  VAL n 
1 88  SER n 
1 89  ALA n 
1 90  ALA n 
1 91  GLU n 
1 92  VAL n 
1 93  ILE n 
1 94  MET n 
1 95  THR n 
1 96  VAL n 
1 97  LEU n 
1 98  HIS n 
1 99  ALA n 
1 100 GLY n 
1 101 GLY n 
1 102 LYS n 
1 103 PHE n 
1 104 ASP n 
1 105 ASP n 
1 106 ASN n 
1 107 SER n 
1 108 TYR n 
1 109 LYS n 
1 110 VAL n 
1 111 SER n 
1 112 GLY n 
1 113 GLY n 
1 114 LEU n 
1 115 HIS n 
1 116 GLY n 
1 117 VAL n 
1 118 GLY n 
1 119 VAL n 
1 120 SER n 
1 121 VAL n 
1 122 VAL n 
1 123 ASN n 
1 124 ALA n 
1 125 LEU n 
1 126 SER n 
1 127 GLN n 
1 128 LYS n 
1 129 LEU n 
1 130 GLU n 
1 131 LEU n 
1 132 VAL n 
1 133 ILE n 
1 134 GLN n 
1 135 HIS n 
1 136 GLU n 
1 137 GLY n 
1 138 LYS n 
1 139 ILE n 
1 140 HIS n 
1 141 ARG n 
1 142 GLN n 
1 143 ILE n 
1 144 TYR n 
1 145 GLU n 
1 146 HIS n 
1 147 GLY n 
1 148 VAL n 
1 149 PRO n 
1 150 GLN n 
1 151 ALA n 
1 152 PRO n 
1 153 LEU n 
1 154 ALA n 
1 155 VAL n 
1 156 THR n 
1 157 GLY n 
1 158 GLU n 
1 159 THR n 
1 160 GLU n 
1 161 LYS n 
1 162 THR n 
1 163 GLY n 
1 164 THR n 
1 165 MET n 
1 166 VAL n 
1 167 ARG n 
1 168 PHE n 
1 169 TRP n 
1 170 PRO n 
1 171 SER n 
1 172 LEU n 
1 173 GLU n 
1 174 THR n 
1 175 PHE n 
1 176 THR n 
1 177 ASN n 
1 178 VAL n 
1 179 THR n 
1 180 GLU n 
1 181 PHE n 
1 182 GLU n 
1 183 TYR n 
1 184 GLU n 
1 185 ILE n 
1 186 LEU n 
1 187 ALA n 
1 188 LYS n 
1 189 ARG n 
1 190 LEU n 
1 191 ARG n 
1 192 GLU n 
1 193 LEU n 
1 194 SER n 
1 195 PHE n 
1 196 LEU n 
1 197 ASN n 
1 198 SER n 
1 199 GLY n 
1 200 VAL n 
1 201 SER n 
1 202 ILE n 
1 203 ARG n 
1 204 LEU n 
1 205 ARG n 
1 206 ASP n 
1 207 LYS n 
1 208 ARG n 
1 209 ASP n 
1 210 GLY n 
1 211 LYS n 
1 212 GLU n 
1 213 ASP n 
1 214 HIS n 
1 215 PHE n 
1 216 HIS n 
1 217 TYR n 
1 218 GLU n 
1 219 GLY n 
# 
_entity_src_gen.entity_id                          1 
_entity_src_gen.pdbx_src_id                        1 
_entity_src_gen.pdbx_alt_source_flag               sample 
_entity_src_gen.pdbx_seq_type                      ? 
_entity_src_gen.pdbx_beg_seq_num                   ? 
_entity_src_gen.pdbx_end_seq_num                   ? 
_entity_src_gen.gene_src_common_name               ? 
_entity_src_gen.gene_src_genus                     Escherichia 
_entity_src_gen.pdbx_gene_src_gene                 GYRB 
_entity_src_gen.gene_src_species                   ? 
_entity_src_gen.gene_src_strain                    ? 
_entity_src_gen.gene_src_tissue                    ? 
_entity_src_gen.gene_src_tissue_fraction           ? 
_entity_src_gen.gene_src_details                   ? 
_entity_src_gen.pdbx_gene_src_fragment             ? 
_entity_src_gen.pdbx_gene_src_scientific_name      'Escherichia coli' 
_entity_src_gen.pdbx_gene_src_ncbi_taxonomy_id     562 
_entity_src_gen.pdbx_gene_src_variant              ? 
_entity_src_gen.pdbx_gene_src_cell_line            ? 
_entity_src_gen.pdbx_gene_src_atcc                 ? 
_entity_src_gen.pdbx_gene_src_organ                ? 
_entity_src_gen.pdbx_gene_src_organelle            ? 
_entity_src_gen.pdbx_gene_src_cell                 ? 
_entity_src_gen.pdbx_gene_src_cellular_location    CYTOPLASM 
_entity_src_gen.host_org_common_name               ? 
_entity_src_gen.pdbx_host_org_scientific_name      'Escherichia coli' 
_entity_src_gen.pdbx_host_org_ncbi_taxonomy_id     562 
_entity_src_gen.host_org_genus                     Escherichia 
_entity_src_gen.pdbx_host_org_gene                 ? 
_entity_src_gen.pdbx_host_org_organ                ? 
_entity_src_gen.host_org_species                   ? 
_entity_src_gen.pdbx_host_org_tissue               ? 
_entity_src_gen.pdbx_host_org_tissue_fraction      ? 
_entity_src_gen.pdbx_host_org_strain               MM294 
_entity_src_gen.pdbx_host_org_variant              ? 
_entity_src_gen.pdbx_host_org_cell_line            ? 
_entity_src_gen.pdbx_host_org_atcc                 ? 
_entity_src_gen.pdbx_host_org_culture_collection   ? 
_entity_src_gen.pdbx_host_org_cell                 ? 
_entity_src_gen.pdbx_host_org_organelle            ? 
_entity_src_gen.pdbx_host_org_cellular_location    CYTOPLASM 
_entity_src_gen.pdbx_host_org_vector_type          ? 
_entity_src_gen.pdbx_host_org_vector               ? 
_entity_src_gen.host_org_details                   ? 
_entity_src_gen.expression_system_id               ? 
_entity_src_gen.plasmid_name                       ? 
_entity_src_gen.plasmid_details                    ? 
_entity_src_gen.pdbx_description                   
;PLASMID PTB382 ENCODING MUTANT DERIVED FROM PAM24 WHICH ENCODES 24 KDA SUBDOMAIN (SUPPLIED BY A. MAXWELL, LEICESTER), WHICH IN TURN WAS DERIVED FROM PAG111 PLASMID WHICH ENCODES FOR GYRB
;
# 
loop_
_chem_comp.id 
_chem_comp.type 
_chem_comp.mon_nstd_flag 
_chem_comp.name 
_chem_comp.pdbx_synonyms 
_chem_comp.formula 
_chem_comp.formula_weight 
ALA 'L-peptide linking' y ALANINE         ? 'C3 H7 N O2'     89.093  
ARG 'L-peptide linking' y ARGININE        ? 'C6 H15 N4 O2 1' 175.209 
ASN 'L-peptide linking' y ASPARAGINE      ? 'C4 H8 N2 O3'    132.118 
ASP 'L-peptide linking' y 'ASPARTIC ACID' ? 'C4 H7 N O4'     133.103 
CYS 'L-peptide linking' y CYSTEINE        ? 'C3 H7 N O2 S'   121.158 
GLN 'L-peptide linking' y GLUTAMINE       ? 'C5 H10 N2 O3'   146.144 
GLU 'L-peptide linking' y 'GLUTAMIC ACID' ? 'C5 H9 N O4'     147.129 
GLY 'peptide linking'   y GLYCINE         ? 'C2 H5 N O2'     75.067  
HIS 'L-peptide linking' y HISTIDINE       ? 'C6 H10 N3 O2 1' 156.162 
HOH non-polymer         . WATER           ? 'H2 O'           18.015  
ILE 'L-peptide linking' y ISOLEUCINE      ? 'C6 H13 N O2'    131.173 
LEU 'L-peptide linking' y LEUCINE         ? 'C6 H13 N O2'    131.173 
LYS 'L-peptide linking' y LYSINE          ? 'C6 H15 N2 O2 1' 147.195 
MET 'L-peptide linking' y METHIONINE      ? 'C5 H11 N O2 S'  149.211 
NOV non-polymer         . NOVOBIOCIN      
'4-Hydroxy-3-[4-hydroxy-3-(3-methylbut-2-enyl)benzamido]-8-methylcoumarin-7-yl 3-O-carbamoyl-5,5-di-C-methyl-alpha-l-lyxofuranoside' 
'C31 H36 N2 O11' 612.624 
PHE 'L-peptide linking' y PHENYLALANINE   ? 'C9 H11 N O2'    165.189 
PRO 'L-peptide linking' y PROLINE         ? 'C5 H9 N O2'     115.130 
SER 'L-peptide linking' y SERINE          ? 'C3 H7 N O3'     105.093 
THR 'L-peptide linking' y THREONINE       ? 'C4 H9 N O3'     119.119 
TRP 'L-peptide linking' y TRYPTOPHAN      ? 'C11 H12 N2 O2'  204.225 
TYR 'L-peptide linking' y TYROSINE        ? 'C9 H11 N O3'    181.189 
VAL 'L-peptide linking' y VALINE          ? 'C5 H11 N O2'    117.146 
# 
loop_
_pdbx_poly_seq_scheme.asym_id 
_pdbx_poly_seq_scheme.entity_id 
_pdbx_poly_seq_scheme.seq_id 
_pdbx_poly_seq_scheme.mon_id 
_pdbx_poly_seq_scheme.ndb_seq_num 
_pdbx_poly_seq_scheme.pdb_seq_num 
_pdbx_poly_seq_scheme.auth_seq_num 
_pdbx_poly_seq_scheme.pdb_mon_id 
_pdbx_poly_seq_scheme.auth_mon_id 
_pdbx_poly_seq_scheme.pdb_strand_id 
_pdbx_poly_seq_scheme.pdb_ins_code 
_pdbx_poly_seq_scheme.hetero 
A 1 1   SER 1   2   ?   ?   ?   A . n 
A 1 2   ASN 2   3   ?   ?   ?   A . n 
A 1 3   SER 3   4   ?   ?   ?   A . n 
A 1 4   TYR 4   5   ?   ?   ?   A . n 
A 1 5   ASP 5   6   ?   ?   ?   A . n 
A 1 6   SER 6   7   ?   ?   ?   A . n 
A 1 7   SER 7   8   ?   ?   ?   A . n 
A 1 8   SER 8   9   ?   ?   ?   A . n 
A 1 9   ILE 9   10  ?   ?   ?   A . n 
A 1 10  LYS 10  11  ?   ?   ?   A . n 
A 1 11  VAL 11  12  12  VAL VAL A . n 
A 1 12  LEU 12  13  13  LEU LEU A . n 
A 1 13  LYS 13  14  14  LYS LYS A . n 
A 1 14  GLY 14  15  15  GLY GLY A . n 
A 1 15  LEU 15  16  16  LEU LEU A . n 
A 1 16  ASP 16  17  17  ASP ASP A . n 
A 1 17  ALA 17  18  18  ALA ALA A . n 
A 1 18  VAL 18  19  19  VAL VAL A . n 
A 1 19  ARG 19  20  20  ARG ARG A . n 
A 1 20  LYS 20  21  21  LYS LYS A . n 
A 1 21  ARG 21  22  22  ARG ARG A . n 
A 1 22  PRO 22  23  23  PRO PRO A . n 
A 1 23  GLY 23  24  24  GLY GLY A . n 
A 1 24  MET 24  25  25  MET MET A . n 
A 1 25  TYR 25  26  26  TYR TYR A . n 
A 1 26  ILE 26  27  27  ILE ILE A . n 
A 1 27  GLY 27  28  28  GLY GLY A . n 
A 1 28  ASP 28  29  29  ASP ASP A . n 
A 1 29  THR 29  30  30  THR THR A . n 
A 1 30  ASP 30  31  31  ASP ASP A . n 
A 1 31  ASP 31  32  32  ASP ASP A . n 
A 1 32  GLY 32  33  33  GLY GLY A . n 
A 1 33  THR 33  34  34  THR THR A . n 
A 1 34  GLY 34  35  35  GLY GLY A . n 
A 1 35  LEU 35  36  36  LEU LEU A . n 
A 1 36  HIS 36  37  37  HIS HIS A . n 
A 1 37  HIS 37  38  38  HIS HIS A . n 
A 1 38  MET 38  39  39  MET MET A . n 
A 1 39  VAL 39  40  40  VAL VAL A . n 
A 1 40  PHE 40  41  41  PHE PHE A . n 
A 1 41  GLU 41  42  42  GLU GLU A . n 
A 1 42  VAL 42  43  43  VAL VAL A . n 
A 1 43  VAL 43  44  44  VAL VAL A . n 
A 1 44  ASP 44  45  45  ASP ASP A . n 
A 1 45  ASN 45  46  46  ASN ASN A . n 
A 1 46  ALA 46  47  47  ALA ALA A . n 
A 1 47  ILE 47  48  48  ILE ILE A . n 
A 1 48  ASP 48  49  49  ASP ASP A . n 
A 1 49  GLU 49  50  50  GLU GLU A . n 
A 1 50  ALA 50  51  51  ALA ALA A . n 
A 1 51  LEU 51  52  52  LEU LEU A . n 
A 1 52  ALA 52  53  53  ALA ALA A . n 
A 1 53  GLY 53  54  54  GLY GLY A . n 
A 1 54  HIS 54  55  55  HIS HIS A . n 
A 1 55  CYS 55  56  56  CYS CYS A . n 
A 1 56  LYS 56  57  57  LYS LYS A . n 
A 1 57  GLU 57  58  58  GLU GLU A . n 
A 1 58  ILE 58  59  59  ILE ILE A . n 
A 1 59  ILE 59  60  60  ILE ILE A . n 
A 1 60  VAL 60  61  61  VAL VAL A . n 
A 1 61  THR 61  62  62  THR THR A . n 
A 1 62  ILE 62  63  63  ILE ILE A . n 
A 1 63  HIS 63  64  64  HIS HIS A . n 
A 1 64  ALA 64  65  65  ALA ALA A . n 
A 1 65  ASP 65  66  66  ASP ASP A . n 
A 1 66  ASN 66  67  67  ASN ASN A . n 
A 1 67  SER 67  68  68  SER SER A . n 
A 1 68  VAL 68  69  69  VAL VAL A . n 
A 1 69  SER 69  70  70  SER SER A . n 
A 1 70  VAL 70  71  71  VAL VAL A . n 
A 1 71  GLN 71  72  72  GLN GLN A . n 
A 1 72  ASP 72  73  73  ASP ASP A . n 
A 1 73  ASP 73  74  74  ASP ASP A . n 
A 1 74  GLY 74  75  75  GLY GLY A . n 
A 1 75  ARG 75  76  76  ARG ARG A . n 
A 1 76  GLY 76  77  77  GLY GLY A . n 
A 1 77  ILE 77  78  78  ILE ILE A . n 
A 1 78  PRO 78  79  79  PRO PRO A . n 
A 1 79  THR 79  80  80  THR THR A . n 
A 1 80  GLY 80  81  81  GLY GLY A . n 
A 1 81  ILE 81  82  82  ILE ILE A . n 
A 1 82  HIS 82  83  ?   ?   ?   A . n 
A 1 83  PRO 83  84  ?   ?   ?   A . n 
A 1 84  GLU 84  85  ?   ?   ?   A . n 
A 1 85  GLU 85  86  ?   ?   ?   A . n 
A 1 86  GLY 86  87  ?   ?   ?   A . n 
A 1 87  VAL 87  88  88  VAL VAL A . n 
A 1 88  SER 88  89  89  SER SER A . n 
A 1 89  ALA 89  90  90  ALA ALA A . n 
A 1 90  ALA 90  91  91  ALA ALA A . n 
A 1 91  GLU 91  92  92  GLU GLU A . n 
A 1 92  VAL 92  93  93  VAL VAL A . n 
A 1 93  ILE 93  94  94  ILE ILE A . n 
A 1 94  MET 94  95  95  MET MET A . n 
A 1 95  THR 95  96  96  THR THR A . n 
A 1 96  VAL 96  97  97  VAL VAL A . n 
A 1 97  LEU 97  98  98  LEU LEU A . n 
A 1 98  HIS 98  99  99  HIS HIS A . n 
A 1 99  ALA 99  100 100 ALA ALA A . n 
A 1 100 GLY 100 101 101 GLY GLY A . n 
A 1 101 GLY 101 102 102 GLY GLY A . n 
A 1 102 LYS 102 103 103 LYS LYS A . n 
A 1 103 PHE 103 104 104 PHE PHE A . n 
A 1 104 ASP 104 105 ?   ?   ?   A . n 
A 1 105 ASP 105 106 ?   ?   ?   A . n 
A 1 106 ASN 106 107 ?   ?   ?   A . n 
A 1 107 SER 107 108 ?   ?   ?   A . n 
A 1 108 TYR 108 109 ?   ?   ?   A . n 
A 1 109 LYS 109 110 ?   ?   ?   A . n 
A 1 110 VAL 110 111 ?   ?   ?   A . n 
A 1 111 SER 111 112 112 SER SER A . n 
A 1 112 GLY 112 113 113 GLY GLY A . n 
A 1 113 GLY 113 114 114 GLY GLY A . n 
A 1 114 LEU 114 115 115 LEU LEU A . n 
A 1 115 HIS 115 116 116 HIS HIS A . n 
A 1 116 GLY 116 117 117 GLY GLY A . n 
A 1 117 VAL 117 118 118 VAL VAL A . n 
A 1 118 GLY 118 119 119 GLY GLY A . n 
A 1 119 VAL 119 120 120 VAL VAL A . n 
A 1 120 SER 120 121 121 SER SER A . n 
A 1 121 VAL 121 122 122 VAL VAL A . n 
A 1 122 VAL 122 123 123 VAL VAL A . n 
A 1 123 ASN 123 124 124 ASN ASN A . n 
A 1 124 ALA 124 125 125 ALA ALA A . n 
A 1 125 LEU 125 126 126 LEU LEU A . n 
A 1 126 SER 126 127 127 SER SER A . n 
A 1 127 GLN 127 128 128 GLN GLN A . n 
A 1 128 LYS 128 129 129 LYS LYS A . n 
A 1 129 LEU 129 130 130 LEU LEU A . n 
A 1 130 GLU 130 131 131 GLU GLU A . n 
A 1 131 LEU 131 132 132 LEU LEU A . n 
A 1 132 VAL 132 133 133 VAL VAL A . n 
A 1 133 ILE 133 134 134 ILE ILE A . n 
A 1 134 GLN 134 135 135 GLN GLN A . n 
A 1 135 HIS 135 136 136 HIS HIS A . n 
A 1 136 GLU 136 137 137 GLU GLU A . n 
A 1 137 GLY 137 138 138 GLY GLY A . n 
A 1 138 LYS 138 139 139 LYS LYS A . n 
A 1 139 ILE 139 140 140 ILE ILE A . n 
A 1 140 HIS 140 141 141 HIS HIS A . n 
A 1 141 ARG 141 142 142 ARG ARG A . n 
A 1 142 GLN 142 143 143 GLN GLN A . n 
A 1 143 ILE 143 144 144 ILE ILE A . n 
A 1 144 TYR 144 145 145 TYR TYR A . n 
A 1 145 GLU 145 146 146 GLU GLU A . n 
A 1 146 HIS 146 147 147 HIS HIS A . n 
A 1 147 GLY 147 148 148 GLY GLY A . n 
A 1 148 VAL 148 149 149 VAL VAL A . n 
A 1 149 PRO 149 150 150 PRO PRO A . n 
A 1 150 GLN 150 151 151 GLN GLN A . n 
A 1 151 ALA 151 152 152 ALA ALA A . n 
A 1 152 PRO 152 153 153 PRO PRO A . n 
A 1 153 LEU 153 154 154 LEU LEU A . n 
A 1 154 ALA 154 155 155 ALA ALA A . n 
A 1 155 VAL 155 156 156 VAL VAL A . n 
A 1 156 THR 156 157 157 THR THR A . n 
A 1 157 GLY 157 158 158 GLY GLY A . n 
A 1 158 GLU 158 159 159 GLU GLU A . n 
A 1 159 THR 159 160 160 THR THR A . n 
A 1 160 GLU 160 161 161 GLU GLU A . n 
A 1 161 LYS 161 162 162 LYS LYS A . n 
A 1 162 THR 162 163 163 THR THR A . n 
A 1 163 GLY 163 164 164 GLY GLY A . n 
A 1 164 THR 164 165 165 THR THR A . n 
A 1 165 MET 165 166 166 MET MET A . n 
A 1 166 VAL 166 167 167 VAL VAL A . n 
A 1 167 ARG 167 168 168 ARG ARG A . n 
A 1 168 PHE 168 169 169 PHE PHE A . n 
A 1 169 TRP 169 170 170 TRP TRP A . n 
A 1 170 PRO 170 171 171 PRO PRO A . n 
A 1 171 SER 171 172 172 SER SER A . n 
A 1 172 LEU 172 173 173 LEU LEU A . n 
A 1 173 GLU 173 174 174 GLU GLU A . n 
A 1 174 THR 174 175 175 THR THR A . n 
A 1 175 PHE 175 176 176 PHE PHE A . n 
A 1 176 THR 176 177 177 THR THR A . n 
A 1 177 ASN 177 178 178 ASN ASN A . n 
A 1 178 VAL 178 179 179 VAL VAL A . n 
A 1 179 THR 179 180 180 THR THR A . n 
A 1 180 GLU 180 181 181 GLU GLU A . n 
A 1 181 PHE 181 182 182 PHE PHE A . n 
A 1 182 GLU 182 183 183 GLU GLU A . n 
A 1 183 TYR 183 184 184 TYR TYR A . n 
A 1 184 GLU 184 185 185 GLU GLU A . n 
A 1 185 ILE 185 186 186 ILE ILE A . n 
A 1 186 LEU 186 187 187 LEU LEU A . n 
A 1 187 ALA 187 188 188 ALA ALA A . n 
A 1 188 LYS 188 189 189 LYS LYS A . n 
A 1 189 ARG 189 190 190 ARG ARG A . n 
A 1 190 LEU 190 191 191 LEU LEU A . n 
A 1 191 ARG 191 192 192 ARG ARG A . n 
A 1 192 GLU 192 193 193 GLU GLU A . n 
A 1 193 LEU 193 194 194 LEU LEU A . n 
A 1 194 SER 194 195 195 SER SER A . n 
A 1 195 PHE 195 196 196 PHE PHE A . n 
A 1 196 LEU 196 197 197 LEU LEU A . n 
A 1 197 ASN 197 198 198 ASN ASN A . n 
A 1 198 SER 198 199 199 SER SER A . n 
A 1 199 GLY 199 200 200 GLY GLY A . n 
A 1 200 VAL 200 201 201 VAL VAL A . n 
A 1 201 SER 201 202 202 SER SER A . n 
A 1 202 ILE 202 203 203 ILE ILE A . n 
A 1 203 ARG 203 204 204 ARG ARG A . n 
A 1 204 LEU 204 205 205 LEU LEU A . n 
A 1 205 ARG 205 206 206 ARG ARG A . n 
A 1 206 ASP 206 207 207 ASP ASP A . n 
A 1 207 LYS 207 208 208 LYS LYS A . n 
A 1 208 ARG 208 209 209 ARG ARG A . n 
A 1 209 ASP 209 210 210 ASP ASP A . n 
A 1 210 GLY 210 211 211 GLY GLY A . n 
A 1 211 LYS 211 212 212 LYS LYS A . n 
A 1 212 GLU 212 213 213 GLU GLU A . n 
A 1 213 ASP 213 214 214 ASP ASP A . n 
A 1 214 HIS 214 215 215 HIS HIS A . n 
A 1 215 PHE 215 216 216 PHE PHE A . n 
A 1 216 HIS 216 217 217 HIS HIS A . n 
A 1 217 TYR 217 218 ?   ?   ?   A . n 
A 1 218 GLU 218 219 ?   ?   ?   A . n 
A 1 219 GLY 219 220 ?   ?   ?   A . n 
# 
loop_
_pdbx_nonpoly_scheme.asym_id 
_pdbx_nonpoly_scheme.entity_id 
_pdbx_nonpoly_scheme.mon_id 
_pdbx_nonpoly_scheme.ndb_seq_num 
_pdbx_nonpoly_scheme.pdb_seq_num 
_pdbx_nonpoly_scheme.auth_seq_num 
_pdbx_nonpoly_scheme.pdb_mon_id 
_pdbx_nonpoly_scheme.auth_mon_id 
_pdbx_nonpoly_scheme.pdb_strand_id 
_pdbx_nonpoly_scheme.pdb_ins_code 
B 2 NOV 1  1   1   NOV NOV A . 
C 3 HOH 1  221 1   HOH HOH A . 
C 3 HOH 2  222 2   HOH HOH A . 
C 3 HOH 3  223 3   HOH HOH A . 
C 3 HOH 4  224 4   HOH HOH A . 
C 3 HOH 5  225 5   HOH HOH A . 
C 3 HOH 6  226 6   HOH HOH A . 
C 3 HOH 7  227 7   HOH HOH A . 
C 3 HOH 8  228 8   HOH HOH A . 
C 3 HOH 9  229 10  HOH HOH A . 
C 3 HOH 10 230 11  HOH HOH A . 
C 3 HOH 11 231 12  HOH HOH A . 
C 3 HOH 12 232 13  HOH HOH A . 
C 3 HOH 13 233 14  HOH HOH A . 
C 3 HOH 14 234 15  HOH HOH A . 
C 3 HOH 15 235 16  HOH HOH A . 
C 3 HOH 16 236 17  HOH HOH A . 
C 3 HOH 17 237 18  HOH HOH A . 
C 3 HOH 18 238 19  HOH HOH A . 
C 3 HOH 19 239 20  HOH HOH A . 
C 3 HOH 20 240 21  HOH HOH A . 
C 3 HOH 21 241 23  HOH HOH A . 
C 3 HOH 22 242 24  HOH HOH A . 
C 3 HOH 23 243 25  HOH HOH A . 
C 3 HOH 24 244 26  HOH HOH A . 
C 3 HOH 25 245 28  HOH HOH A . 
C 3 HOH 26 246 29  HOH HOH A . 
C 3 HOH 27 247 31  HOH HOH A . 
C 3 HOH 28 248 32  HOH HOH A . 
C 3 HOH 29 249 33  HOH HOH A . 
C 3 HOH 30 250 34  HOH HOH A . 
C 3 HOH 31 251 35  HOH HOH A . 
C 3 HOH 32 252 36  HOH HOH A . 
C 3 HOH 33 253 37  HOH HOH A . 
C 3 HOH 34 254 38  HOH HOH A . 
C 3 HOH 35 255 39  HOH HOH A . 
C 3 HOH 36 256 41  HOH HOH A . 
C 3 HOH 37 257 42  HOH HOH A . 
C 3 HOH 38 258 44  HOH HOH A . 
C 3 HOH 39 259 45  HOH HOH A . 
C 3 HOH 40 260 46  HOH HOH A . 
C 3 HOH 41 261 47  HOH HOH A . 
C 3 HOH 42 262 48  HOH HOH A . 
C 3 HOH 43 263 49  HOH HOH A . 
C 3 HOH 44 264 52  HOH HOH A . 
C 3 HOH 45 265 53  HOH HOH A . 
C 3 HOH 46 266 54  HOH HOH A . 
C 3 HOH 47 267 55  HOH HOH A . 
C 3 HOH 48 268 56  HOH HOH A . 
C 3 HOH 49 269 58  HOH HOH A . 
C 3 HOH 50 270 59  HOH HOH A . 
C 3 HOH 51 271 61  HOH HOH A . 
C 3 HOH 52 272 62  HOH HOH A . 
C 3 HOH 53 273 63  HOH HOH A . 
C 3 HOH 54 274 64  HOH HOH A . 
C 3 HOH 55 275 65  HOH HOH A . 
C 3 HOH 56 276 66  HOH HOH A . 
C 3 HOH 57 277 68  HOH HOH A . 
C 3 HOH 58 278 70  HOH HOH A . 
C 3 HOH 59 279 71  HOH HOH A . 
C 3 HOH 60 280 72  HOH HOH A . 
C 3 HOH 61 281 73  HOH HOH A . 
C 3 HOH 62 282 74  HOH HOH A . 
C 3 HOH 63 283 75  HOH HOH A . 
C 3 HOH 64 284 76  HOH HOH A . 
C 3 HOH 65 285 77  HOH HOH A . 
C 3 HOH 66 286 78  HOH HOH A . 
C 3 HOH 67 287 79  HOH HOH A . 
C 3 HOH 68 288 80  HOH HOH A . 
C 3 HOH 69 289 81  HOH HOH A . 
C 3 HOH 70 290 82  HOH HOH A . 
C 3 HOH 71 291 83  HOH HOH A . 
C 3 HOH 72 292 84  HOH HOH A . 
C 3 HOH 73 293 85  HOH HOH A . 
C 3 HOH 74 294 86  HOH HOH A . 
C 3 HOH 75 295 88  HOH HOH A . 
C 3 HOH 76 296 89  HOH HOH A . 
C 3 HOH 77 297 90  HOH HOH A . 
C 3 HOH 78 298 92  HOH HOH A . 
C 3 HOH 79 299 93  HOH HOH A . 
C 3 HOH 80 300 94  HOH HOH A . 
C 3 HOH 81 301 95  HOH HOH A . 
C 3 HOH 82 302 96  HOH HOH A . 
C 3 HOH 83 303 97  HOH HOH A . 
C 3 HOH 84 304 98  HOH HOH A . 
C 3 HOH 85 305 99  HOH HOH A . 
C 3 HOH 86 306 100 HOH HOH A . 
C 3 HOH 87 307 101 HOH HOH A . 
C 3 HOH 88 308 102 HOH HOH A . 
C 3 HOH 89 309 103 HOH HOH A . 
# 
loop_
_pdbx_unobs_or_zero_occ_atoms.id 
_pdbx_unobs_or_zero_occ_atoms.PDB_model_num 
_pdbx_unobs_or_zero_occ_atoms.polymer_flag 
_pdbx_unobs_or_zero_occ_atoms.occupancy_flag 
_pdbx_unobs_or_zero_occ_atoms.auth_asym_id 
_pdbx_unobs_or_zero_occ_atoms.auth_comp_id 
_pdbx_unobs_or_zero_occ_atoms.auth_seq_id 
_pdbx_unobs_or_zero_occ_atoms.PDB_ins_code 
_pdbx_unobs_or_zero_occ_atoms.auth_atom_id 
_pdbx_unobs_or_zero_occ_atoms.label_alt_id 
_pdbx_unobs_or_zero_occ_atoms.label_asym_id 
_pdbx_unobs_or_zero_occ_atoms.label_comp_id 
_pdbx_unobs_or_zero_occ_atoms.label_seq_id 
_pdbx_unobs_or_zero_occ_atoms.label_atom_id 
1  1 Y 1 A LYS 14  ? CG  ? A LYS 13  CG  
2  1 Y 1 A LYS 14  ? CD  ? A LYS 13  CD  
3  1 Y 1 A LYS 14  ? CE  ? A LYS 13  CE  
4  1 Y 1 A LYS 14  ? NZ  ? A LYS 13  NZ  
5  1 Y 1 A ASP 49  ? CG  ? A ASP 48  CG  
6  1 Y 1 A ASP 49  ? OD1 ? A ASP 48  OD1 
7  1 Y 1 A ASP 49  ? OD2 ? A ASP 48  OD2 
8  1 Y 1 A LYS 57  ? CD  ? A LYS 56  CD  
9  1 Y 1 A LYS 57  ? CE  ? A LYS 56  CE  
10 1 Y 1 A LYS 57  ? NZ  ? A LYS 56  NZ  
11 1 Y 1 A LYS 103 ? CG  ? A LYS 102 CG  
12 1 Y 1 A LYS 103 ? CD  ? A LYS 102 CD  
13 1 Y 1 A LYS 103 ? CE  ? A LYS 102 CE  
14 1 Y 1 A LYS 103 ? NZ  ? A LYS 102 NZ  
15 1 Y 1 A GLN 128 ? CG  ? A GLN 127 CG  
16 1 Y 1 A GLN 128 ? CD  ? A GLN 127 CD  
17 1 Y 1 A GLN 128 ? OE1 ? A GLN 127 OE1 
18 1 Y 1 A GLN 128 ? NE2 ? A GLN 127 NE2 
19 1 Y 1 A GLU 159 ? CG  ? A GLU 158 CG  
20 1 Y 1 A GLU 159 ? CD  ? A GLU 158 CD  
21 1 Y 1 A GLU 159 ? OE1 ? A GLU 158 OE1 
22 1 Y 1 A GLU 159 ? OE2 ? A GLU 158 OE2 
23 1 Y 1 A LYS 162 ? CD  ? A LYS 161 CD  
24 1 Y 1 A LYS 162 ? CE  ? A LYS 161 CE  
25 1 Y 1 A LYS 162 ? NZ  ? A LYS 161 NZ  
26 1 Y 1 A GLU 181 ? CD  ? A GLU 180 CD  
27 1 Y 1 A GLU 181 ? OE1 ? A GLU 180 OE1 
28 1 Y 1 A GLU 181 ? OE2 ? A GLU 180 OE2 
29 1 Y 1 A LYS 208 ? CD  ? A LYS 207 CD  
30 1 Y 1 A LYS 208 ? CE  ? A LYS 207 CE  
31 1 Y 1 A LYS 208 ? NZ  ? A LYS 207 NZ  
32 1 Y 1 A GLU 213 ? CD  ? A GLU 212 CD  
33 1 Y 1 A GLU 213 ? OE1 ? A GLU 212 OE1 
34 1 Y 1 A GLU 213 ? OE2 ? A GLU 212 OE2 
# 
loop_
_software.name 
_software.classification 
_software.version 
_software.citation_id 
_software.pdbx_ordinal 
CCP4   'model building' .  ? 1 
TNT    refinement       5D ? 2 
MOSFLM 'data reduction' .  ? 3 
CCP4   'data scaling'   .  ? 4 
CCP4   phasing          .  ? 5 
# 
_cell.entry_id           1AJ6 
_cell.length_a           39.500 
_cell.length_b           47.720 
_cell.length_c           114.410 
_cell.angle_alpha        90.00 
_cell.angle_beta         90.00 
_cell.angle_gamma        90.00 
_cell.Z_PDB              4 
_cell.pdbx_unique_axis   ? 
# 
_symmetry.entry_id                         1AJ6 
_symmetry.space_group_name_H-M             'P 21 21 21' 
_symmetry.pdbx_full_space_group_name_H-M   ? 
_symmetry.cell_setting                     ? 
_symmetry.Int_Tables_number                19 
# 
_exptl.entry_id          1AJ6 
_exptl.method            'X-RAY DIFFRACTION' 
_exptl.crystals_number   1 
# 
_exptl_crystal.id                    1 
_exptl_crystal.density_meas          ? 
_exptl_crystal.density_Matthews      2.2 
_exptl_crystal.density_percent_sol   45. 
_exptl_crystal.description           ? 
# 
_exptl_crystal_grow.crystal_id      1 
_exptl_crystal_grow.method          'VAPOR DIFFUSION, HANGING DROP' 
_exptl_crystal_grow.temp            ? 
_exptl_crystal_grow.temp_details    ? 
_exptl_crystal_grow.pH              6.2 
_exptl_crystal_grow.pdbx_pH_range   ? 
_exptl_crystal_grow.pdbx_details    
;HANGING DROP VAPOR DIFFUSION; 12MGS/ML PROTEIN/NOVOBIOCIN MIXED WITH EQUAL VOLUME OF RESERVOIR SOLUTION (12% V/V PEG200, 100MM MES PH6.2), vapor diffusion - hanging drop
;
# 
_diffrn.id                     1 
_diffrn.ambient_temp           100 
_diffrn.ambient_temp_details   ? 
_diffrn.crystal_id             1 
# 
_diffrn_detector.diffrn_id              1 
_diffrn_detector.detector               'IMAGE PLATE' 
_diffrn_detector.type                   MARRESEARCH 
_diffrn_detector.pdbx_collection_date   1996-06 
_diffrn_detector.details                'VERTICALLY FOCUSSED PT-COATED MIRROR' 
# 
_diffrn_radiation.diffrn_id                        1 
_diffrn_radiation.wavelength_id                    1 
_diffrn_radiation.pdbx_monochromatic_or_laue_m_l   M 
_diffrn_radiation.monochromator                    'SI(111)' 
_diffrn_radiation.pdbx_diffrn_protocol             ? 
_diffrn_radiation.pdbx_scattering_type             x-ray 
# 
_diffrn_radiation_wavelength.id           1 
_diffrn_radiation_wavelength.wavelength   0.87 
_diffrn_radiation_wavelength.wt           1.0 
# 
_diffrn_source.diffrn_id                   1 
_diffrn_source.source                      SYNCHROTRON 
_diffrn_source.type                        'SRS BEAMLINE PX9.6' 
_diffrn_source.pdbx_synchrotron_site       SRS 
_diffrn_source.pdbx_synchrotron_beamline   PX9.6 
_diffrn_source.pdbx_wavelength             0.87 
_diffrn_source.pdbx_wavelength_list        ? 
# 
_reflns.entry_id                     1AJ6 
_reflns.observed_criterion_sigma_I   0. 
_reflns.observed_criterion_sigma_F   ? 
_reflns.d_resolution_low             19.8 
_reflns.d_resolution_high            2.3 
_reflns.number_obs                   9455 
_reflns.number_all                   ? 
_reflns.percent_possible_obs         94.8 
_reflns.pdbx_Rmerge_I_obs            0.0650000 
_reflns.pdbx_Rsym_value              0.0650000 
_reflns.pdbx_netI_over_sigmaI        8.5 
_reflns.B_iso_Wilson_estimate        23.7 
_reflns.pdbx_redundancy              5.1 
_reflns.pdbx_ordinal                 1 
_reflns.pdbx_diffrn_id               1 
# 
_reflns_shell.d_res_high             2.30 
_reflns_shell.d_res_low              2.38 
_reflns_shell.percent_possible_all   97. 
_reflns_shell.Rmerge_I_obs           0.1310000 
_reflns_shell.pdbx_Rsym_value        0.1310000 
_reflns_shell.meanI_over_sigI_obs    5.6 
_reflns_shell.pdbx_redundancy        5.2 
_reflns_shell.pdbx_ordinal           1 
_reflns_shell.pdbx_diffrn_id         1 
# 
_refine.entry_id                                 1AJ6 
_refine.ls_number_reflns_obs                     9455 
_refine.ls_number_reflns_all                     9455 
_refine.pdbx_ls_sigma_I                          ? 
_refine.pdbx_ls_sigma_F                          0.0 
_refine.pdbx_data_cutoff_high_absF               ? 
_refine.pdbx_data_cutoff_low_absF                ? 
_refine.pdbx_data_cutoff_high_rms_absF           ? 
_refine.ls_d_res_low                             19.8 
_refine.ls_d_res_high                            2.3 
_refine.ls_percent_reflns_obs                    95. 
_refine.ls_R_factor_obs                          0.2060000 
_refine.ls_R_factor_all                          0.2060000 
_refine.ls_R_factor_R_work                       0.1950000 
_refine.ls_R_factor_R_free                       0.2900000 
_refine.ls_R_factor_R_free_error                 ? 
_refine.ls_R_factor_R_free_error_details         ? 
_refine.ls_percent_reflns_R_free                 10.0 
_refine.ls_number_reflns_R_free                  999 
_refine.ls_number_parameters                     ? 
_refine.ls_number_restraints                     ? 
_refine.occupancy_min                            ? 
_refine.occupancy_max                            ? 
_refine.B_iso_mean                               ? 
_refine.aniso_B[1][1]                            ? 
_refine.aniso_B[2][2]                            ? 
_refine.aniso_B[3][3]                            ? 
_refine.aniso_B[1][2]                            ? 
_refine.aniso_B[1][3]                            ? 
_refine.aniso_B[2][3]                            ? 
_refine.solvent_model_details                    TNT 
_refine.solvent_model_param_ksol                 1.0 
_refine.solvent_model_param_bsol                 241. 
_refine.pdbx_ls_cross_valid_method               THROUGHOUT 
_refine.details                                  
;STRAINED GEOMETRY AND DIFFERENCE DENSITY AT PRO 23 SUGGEST
IT MIGHT HAVE MORE THAN ONE CONFORMATION.

ASN 178 IS IN A DISALLOWED REGION OF THE RAMACHANDRAN PLOT.
IT ADOPTS A CLASSICAL C-7 AXIAL CONFORMATION TYPICAL OF
GLYCINE RESIDUES WITH A CO(N-1)..N(N+1) H-BOND.
;
_refine.pdbx_starting_model                      'WILD-TYPE 24KDA FRAGMENT/NOVOBIOCIN COMPLEX' 
_refine.pdbx_method_to_determine_struct          'DIFFERENCE FOURIER' 
_refine.pdbx_isotropic_thermal_model             'TNT BCORREL' 
_refine.pdbx_stereochemistry_target_values       'TNT PROGEO' 
_refine.pdbx_stereochem_target_val_spec_case     ? 
_refine.pdbx_R_Free_selection_details            RANDOM 
_refine.pdbx_overall_ESU_R                       ? 
_refine.pdbx_overall_ESU_R_Free                  ? 
_refine.overall_SU_ML                            ? 
_refine.overall_SU_B                             ? 
_refine.pdbx_refine_id                           'X-RAY DIFFRACTION' 
_refine.pdbx_diffrn_id                           1 
_refine.pdbx_TLS_residual_ADP_flag               ? 
_refine.correlation_coeff_Fo_to_Fc               ? 
_refine.correlation_coeff_Fo_to_Fc_free          ? 
_refine.pdbx_solvent_vdw_probe_radii             ? 
_refine.pdbx_solvent_ion_probe_radii             ? 
_refine.pdbx_solvent_shrinkage_radii             ? 
_refine.pdbx_overall_phase_error                 ? 
_refine.overall_SU_R_Cruickshank_DPI             ? 
_refine.pdbx_overall_SU_R_free_Cruickshank_DPI   ? 
_refine.pdbx_overall_SU_R_Blow_DPI               ? 
_refine.pdbx_overall_SU_R_free_Blow_DPI          ? 
# 
_refine_hist.pdbx_refine_id                   'X-RAY DIFFRACTION' 
_refine_hist.cycle_id                         LAST 
_refine_hist.pdbx_number_atoms_protein        1459 
_refine_hist.pdbx_number_atoms_nucleic_acid   0 
_refine_hist.pdbx_number_atoms_ligand         44 
_refine_hist.number_atoms_solvent             89 
_refine_hist.number_atoms_total               1592 
_refine_hist.d_res_high                       2.3 
_refine_hist.d_res_low                        19.8 
# 
loop_
_refine_ls_restr.type 
_refine_ls_restr.dev_ideal 
_refine_ls_restr.dev_ideal_target 
_refine_ls_restr.weight 
_refine_ls_restr.number 
_refine_ls_restr.pdbx_refine_id 
_refine_ls_restr.pdbx_restraint_function 
t_bond_d           0.012 ? 3.0   1531 'X-RAY DIFFRACTION' ? 
t_angle_deg        1.366 ? 3.0   2076 'X-RAY DIFFRACTION' ? 
t_dihedral_angle_d 18.9  ? 0.0   886  'X-RAY DIFFRACTION' ? 
t_incorr_chiral_ct 0     ? ?     ?    'X-RAY DIFFRACTION' ? 
t_pseud_angle      ?     ? ?     ?    'X-RAY DIFFRACTION' ? 
t_trig_c_planes    0.010 ? 5.0   32   'X-RAY DIFFRACTION' ? 
t_gen_planes       0.015 ? 10.0  228  'X-RAY DIFFRACTION' ? 
t_it               2.10  ? 20.00 1521 'X-RAY DIFFRACTION' ? 
t_nbd              0.051 ? 8.0   32   'X-RAY DIFFRACTION' ? 
# 
_pdbx_refine.entry_id                                    1AJ6 
_pdbx_refine.R_factor_all_no_cutoff                      0.2060000 
_pdbx_refine.R_factor_obs_no_cutoff                      0.1970000 
_pdbx_refine.free_R_factor_no_cutoff                     0.2990000 
_pdbx_refine.free_R_val_test_set_size_perc_no_cutoff     10. 
_pdbx_refine.free_R_val_test_set_ct_no_cutoff            999 
_pdbx_refine.R_factor_all_4sig_cutoff                    ? 
_pdbx_refine.R_factor_obs_4sig_cutoff                    ? 
_pdbx_refine.free_R_factor_4sig_cutoff                   ? 
_pdbx_refine.free_R_val_test_set_size_perc_4sig_cutoff   ? 
_pdbx_refine.free_R_val_test_set_ct_4sig_cutoff          ? 
_pdbx_refine.number_reflns_obs_4sig_cutoff               ? 
_pdbx_refine.pdbx_refine_id                              'X-RAY DIFFRACTION' 
_pdbx_refine.free_R_error_no_cutoff                      ? 
# 
_struct.entry_id                  1AJ6 
_struct.title                     
;NOVOBIOCIN-RESISTANT MUTANT (R136H) OF THE N-TERMINAL 24 KDA FRAGMENT OF DNA GYRASE B COMPLEXED WITH NOVOBIOCIN AT 2.3 ANGSTROMS RESOLUTION
;
_struct.pdbx_model_details        ? 
_struct.pdbx_CASP_flag            ? 
_struct.pdbx_model_type_details   ? 
# 
_struct_keywords.entry_id        1AJ6 
_struct_keywords.pdbx_keywords   TOPOISOMERASE 
_struct_keywords.text            'TOPOISOMERASE, GYRASE, NOVOBIOCIN, ANTIBIOTIC, RESISTANT MUTANT' 
# 
loop_
_struct_asym.id 
_struct_asym.pdbx_blank_PDB_chainid_flag 
_struct_asym.pdbx_modified 
_struct_asym.entity_id 
_struct_asym.details 
A N N 1 ? 
B N N 2 ? 
C N N 3 ? 
# 
_struct_ref.id                         1 
_struct_ref.db_name                    UNP 
_struct_ref.db_code                    GYRB_ECOLI 
_struct_ref.entity_id                  1 
_struct_ref.pdbx_db_accession          P06982 
_struct_ref.pdbx_align_begin           1 
_struct_ref.pdbx_seq_one_letter_code   
;SNSYDSSSIKVLKGLDAVRKRPGMYIGDTDDGTGLHHMVFEVVDNAIDEALAGHCKEIIVTIHADNSVSVQDDGRGIPTG
IHPEEGVSAAEVIMTVLHAGGKFDDNSYKVSGGLHGVGVSVVNALSQKLELVIQREGKIHRQIYEHGVPQAPLAVTGETE
KTGTMVRFWPSLETFTNVTEFEYEILAKRLRELSFLNSGVSIRLRDKRDGKEDHFHYEGGIKAFVEYLNKNKTPIHPNIF
YFSTEKDGIGVEVALQWNDGFQENIYCFTNNIPQRDGGTHLAGFRAAMTRTLNAYMDKEGYSKKAKVSATGDDAREGLIA
VVSVKVPDPKFSSQTKDKLVSSEVKSAVEQQMNELLAEYLLENPTDAKIVVGKIIDAARAREAARRAREMTRRKGALDLA
GLPGKLADCQERDPALSELYLVEGDSAGGSAKQGRNRKNQAILPLKGKILNVEKARFDKMLSSQEVATLITALGCGIGRD
EYNPDKLRYHSIIIMTDADVDGSHIRTLLLTFFYRQMPEIVERGHVYIAQPPLYKVKKGKQEQYIKDDEAMDQYQISIAL
DGATLHTNASAPALAGEALEKLVSEYNATQKMINRMERRYPKAMLKELIYQPTLTEADLSDEQTVTRWVNALVSELNDKE
QHGSQWKFDVHTNAEQNLFEPIVRVRTHGVDTDYPLDHEFITGGEYRRICTLGEKLRGLLEEDAFIERGERRQPVASFEQ
ALDWLVKESRRGLSIQRYKGLGEMNPEQLWETTMDPESRRMLRVTVKDAIAADQLFTTLMGDAVEPRRAFIEENALKAAN
IDI
;
_struct_ref.pdbx_db_isoform            ? 
# 
_struct_ref_seq.align_id                      1 
_struct_ref_seq.ref_id                        1 
_struct_ref_seq.pdbx_PDB_id_code              1AJ6 
_struct_ref_seq.pdbx_strand_id                A 
_struct_ref_seq.seq_align_beg                 1 
_struct_ref_seq.pdbx_seq_align_beg_ins_code   ? 
_struct_ref_seq.seq_align_end                 219 
_struct_ref_seq.pdbx_seq_align_end_ins_code   ? 
_struct_ref_seq.pdbx_db_accession             P06982 
_struct_ref_seq.db_align_beg                  1 
_struct_ref_seq.pdbx_db_align_beg_ins_code    ? 
_struct_ref_seq.db_align_end                  219 
_struct_ref_seq.pdbx_db_align_end_ins_code    ? 
_struct_ref_seq.pdbx_auth_seq_align_beg       2 
_struct_ref_seq.pdbx_auth_seq_align_end       220 
# 
_struct_ref_seq_dif.align_id                     1 
_struct_ref_seq_dif.pdbx_pdb_id_code             1AJ6 
_struct_ref_seq_dif.mon_id                       HIS 
_struct_ref_seq_dif.pdbx_pdb_strand_id           A 
_struct_ref_seq_dif.seq_num                      135 
_struct_ref_seq_dif.pdbx_pdb_ins_code            ? 
_struct_ref_seq_dif.pdbx_seq_db_name             UNP 
_struct_ref_seq_dif.pdbx_seq_db_accession_code   P06982 
_struct_ref_seq_dif.db_mon_id                    ARG 
_struct_ref_seq_dif.pdbx_seq_db_seq_num          135 
_struct_ref_seq_dif.details                      'engineered mutation' 
_struct_ref_seq_dif.pdbx_auth_seq_num            136 
_struct_ref_seq_dif.pdbx_ordinal                 1 
# 
_pdbx_struct_assembly.id                   1 
_pdbx_struct_assembly.details              author_defined_assembly 
_pdbx_struct_assembly.method_details       ? 
_pdbx_struct_assembly.oligomeric_details   monomeric 
_pdbx_struct_assembly.oligomeric_count     1 
# 
_pdbx_struct_assembly_gen.assembly_id       1 
_pdbx_struct_assembly_gen.oper_expression   1 
_pdbx_struct_assembly_gen.asym_id_list      A,B,C 
# 
_pdbx_struct_oper_list.id                   1 
_pdbx_struct_oper_list.type                 'identity operation' 
_pdbx_struct_oper_list.name                 1_555 
_pdbx_struct_oper_list.symmetry_operation   x,y,z 
_pdbx_struct_oper_list.matrix[1][1]         1.0000000000 
_pdbx_struct_oper_list.matrix[1][2]         0.0000000000 
_pdbx_struct_oper_list.matrix[1][3]         0.0000000000 
_pdbx_struct_oper_list.vector[1]            0.0000000000 
_pdbx_struct_oper_list.matrix[2][1]         0.0000000000 
_pdbx_struct_oper_list.matrix[2][2]         1.0000000000 
_pdbx_struct_oper_list.matrix[2][3]         0.0000000000 
_pdbx_struct_oper_list.vector[2]            0.0000000000 
_pdbx_struct_oper_list.matrix[3][1]         0.0000000000 
_pdbx_struct_oper_list.matrix[3][2]         0.0000000000 
_pdbx_struct_oper_list.matrix[3][3]         1.0000000000 
_pdbx_struct_oper_list.vector[3]            0.0000000000 
# 
_struct_biol.id   1 
# 
loop_
_struct_conf.conf_type_id 
_struct_conf.id 
_struct_conf.pdbx_PDB_helix_id 
_struct_conf.beg_label_comp_id 
_struct_conf.beg_label_asym_id 
_struct_conf.beg_label_seq_id 
_struct_conf.pdbx_beg_PDB_ins_code 
_struct_conf.end_label_comp_id 
_struct_conf.end_label_asym_id 
_struct_conf.end_label_seq_id 
_struct_conf.pdbx_end_PDB_ins_code 
_struct_conf.beg_auth_comp_id 
_struct_conf.beg_auth_asym_id 
_struct_conf.beg_auth_seq_id 
_struct_conf.end_auth_comp_id 
_struct_conf.end_auth_asym_id 
_struct_conf.end_auth_seq_id 
_struct_conf.pdbx_PDB_helix_class 
_struct_conf.details 
_struct_conf.pdbx_PDB_helix_length 
HELX_P HELX_P1 1 LEU A 12  ? LYS A 20  ? LEU A 13  LYS A 21  1 ? 9  
HELX_P HELX_P2 2 PRO A 22  ? ILE A 26  ? PRO A 23  ILE A 27  1 ? 5  
HELX_P HELX_P3 3 THR A 33  ? LEU A 51  ? THR A 34  LEU A 52  1 ? 19 
HELX_P HELX_P4 4 ALA A 89  ? THR A 95  ? ALA A 90  THR A 96  1 ? 7  
HELX_P HELX_P5 5 VAL A 119 ? ALA A 124 ? VAL A 120 ALA A 125 1 ? 6  
HELX_P HELX_P6 6 TYR A 183 ? ASN A 197 ? TYR A 184 ASN A 198 1 ? 15 
# 
_struct_conf_type.id          HELX_P 
_struct_conf_type.criteria    ? 
_struct_conf_type.reference   ? 
# 
_struct_sheet.id               A 
_struct_sheet.type             ? 
_struct_sheet.number_strands   8 
_struct_sheet.details          ? 
# 
loop_
_struct_sheet_order.sheet_id 
_struct_sheet_order.range_id_1 
_struct_sheet_order.range_id_2 
_struct_sheet_order.offset 
_struct_sheet_order.sense 
A 1 2 ? anti-parallel 
A 2 3 ? parallel      
A 3 4 ? anti-parallel 
A 4 5 ? anti-parallel 
A 5 6 ? anti-parallel 
A 6 7 ? anti-parallel 
A 7 8 ? anti-parallel 
# 
loop_
_struct_sheet_range.sheet_id 
_struct_sheet_range.id 
_struct_sheet_range.beg_label_comp_id 
_struct_sheet_range.beg_label_asym_id 
_struct_sheet_range.beg_label_seq_id 
_struct_sheet_range.pdbx_beg_PDB_ins_code 
_struct_sheet_range.end_label_comp_id 
_struct_sheet_range.end_label_asym_id 
_struct_sheet_range.end_label_seq_id 
_struct_sheet_range.pdbx_end_PDB_ins_code 
_struct_sheet_range.beg_auth_comp_id 
_struct_sheet_range.beg_auth_asym_id 
_struct_sheet_range.beg_auth_seq_id 
_struct_sheet_range.end_auth_comp_id 
_struct_sheet_range.end_auth_asym_id 
_struct_sheet_range.end_auth_seq_id 
A 1 GLY A 210 ? PHE A 215 ? GLY A 211 PHE A 216 
A 2 ILE A 202 ? LYS A 207 ? ILE A 203 LYS A 208 
A 3 ILE A 58  ? HIS A 63  ? ILE A 59  HIS A 64  
A 4 SER A 67  ? ASP A 72  ? SER A 68  ASP A 73  
A 5 GLY A 163 ? PRO A 170 ? GLY A 164 PRO A 171 
A 6 SER A 126 ? HIS A 135 ? SER A 127 HIS A 136 
A 7 LYS A 138 ? TYR A 144 ? LYS A 139 TYR A 145 
A 8 ALA A 154 ? GLU A 158 ? ALA A 155 GLU A 159 
# 
loop_
_pdbx_struct_sheet_hbond.sheet_id 
_pdbx_struct_sheet_hbond.range_id_1 
_pdbx_struct_sheet_hbond.range_id_2 
_pdbx_struct_sheet_hbond.range_1_label_atom_id 
_pdbx_struct_sheet_hbond.range_1_label_comp_id 
_pdbx_struct_sheet_hbond.range_1_label_asym_id 
_pdbx_struct_sheet_hbond.range_1_label_seq_id 
_pdbx_struct_sheet_hbond.range_1_PDB_ins_code 
_pdbx_struct_sheet_hbond.range_1_auth_atom_id 
_pdbx_struct_sheet_hbond.range_1_auth_comp_id 
_pdbx_struct_sheet_hbond.range_1_auth_asym_id 
_pdbx_struct_sheet_hbond.range_1_auth_seq_id 
_pdbx_struct_sheet_hbond.range_2_label_atom_id 
_pdbx_struct_sheet_hbond.range_2_label_comp_id 
_pdbx_struct_sheet_hbond.range_2_label_asym_id 
_pdbx_struct_sheet_hbond.range_2_label_seq_id 
_pdbx_struct_sheet_hbond.range_2_PDB_ins_code 
_pdbx_struct_sheet_hbond.range_2_auth_atom_id 
_pdbx_struct_sheet_hbond.range_2_auth_comp_id 
_pdbx_struct_sheet_hbond.range_2_auth_asym_id 
_pdbx_struct_sheet_hbond.range_2_auth_seq_id 
A 1 2 O ASP A 213 ? O ASP A 214 N LEU A 204 ? N LEU A 205 
A 2 3 O ARG A 203 ? O ARG A 204 N ILE A 58  ? N ILE A 59  
A 3 4 O ILE A 59  ? O ILE A 60  N GLN A 71  ? N GLN A 72  
A 4 5 O VAL A 68  ? O VAL A 69  N PHE A 168 ? N PHE A 169 
A 5 6 O GLY A 163 ? O GLY A 164 N GLN A 134 ? N GLN A 135 
A 6 7 O LEU A 129 ? O LEU A 130 N TYR A 144 ? N TYR A 145 
A 7 8 O ARG A 141 ? O ARG A 142 N ALA A 154 ? N ALA A 155 
# 
_struct_site.id                   AC1 
_struct_site.pdbx_evidence_code   Software 
_struct_site.pdbx_auth_asym_id    A 
_struct_site.pdbx_auth_comp_id    NOV 
_struct_site.pdbx_auth_seq_id     1 
_struct_site.pdbx_auth_ins_code   ? 
_struct_site.pdbx_num_residues    10 
_struct_site.details              'BINDING SITE FOR RESIDUE NOV A 1' 
# 
loop_
_struct_site_gen.id 
_struct_site_gen.site_id 
_struct_site_gen.pdbx_num_res 
_struct_site_gen.label_comp_id 
_struct_site_gen.label_asym_id 
_struct_site_gen.label_seq_id 
_struct_site_gen.pdbx_auth_ins_code 
_struct_site_gen.auth_comp_id 
_struct_site_gen.auth_asym_id 
_struct_site_gen.auth_seq_id 
_struct_site_gen.label_atom_id 
_struct_site_gen.label_alt_id 
_struct_site_gen.symmetry 
_struct_site_gen.details 
1  AC1 10 ASN A 45 ? ASN A 46  . ? 1_555 ? 
2  AC1 10 GLU A 49 ? GLU A 50  . ? 1_555 ? 
3  AC1 10 ASP A 72 ? ASP A 73  . ? 1_555 ? 
4  AC1 10 ARG A 75 ? ARG A 76  . ? 1_555 ? 
5  AC1 10 ILE A 77 ? ILE A 78  . ? 1_555 ? 
6  AC1 10 PRO A 78 ? PRO A 79  . ? 1_555 ? 
7  AC1 10 HOH C .  ? HOH A 227 . ? 1_555 ? 
8  AC1 10 HOH C .  ? HOH A 231 . ? 1_555 ? 
9  AC1 10 HOH C .  ? HOH A 265 . ? 1_555 ? 
10 AC1 10 HOH C .  ? HOH A 270 . ? 1_555 ? 
# 
_pdbx_validate_rmsd_angle.id                         1 
_pdbx_validate_rmsd_angle.PDB_model_num              1 
_pdbx_validate_rmsd_angle.auth_atom_id_1             C 
_pdbx_validate_rmsd_angle.auth_asym_id_1             A 
_pdbx_validate_rmsd_angle.auth_comp_id_1             ARG 
_pdbx_validate_rmsd_angle.auth_seq_id_1              22 
_pdbx_validate_rmsd_angle.PDB_ins_code_1             ? 
_pdbx_validate_rmsd_angle.label_alt_id_1             ? 
_pdbx_validate_rmsd_angle.auth_atom_id_2             N 
_pdbx_validate_rmsd_angle.auth_asym_id_2             A 
_pdbx_validate_rmsd_angle.auth_comp_id_2             PRO 
_pdbx_validate_rmsd_angle.auth_seq_id_2              23 
_pdbx_validate_rmsd_angle.PDB_ins_code_2             ? 
_pdbx_validate_rmsd_angle.label_alt_id_2             ? 
_pdbx_validate_rmsd_angle.auth_atom_id_3             CD 
_pdbx_validate_rmsd_angle.auth_asym_id_3             A 
_pdbx_validate_rmsd_angle.auth_comp_id_3             PRO 
_pdbx_validate_rmsd_angle.auth_seq_id_3              23 
_pdbx_validate_rmsd_angle.PDB_ins_code_3             ? 
_pdbx_validate_rmsd_angle.label_alt_id_3             ? 
_pdbx_validate_rmsd_angle.angle_value                112.41 
_pdbx_validate_rmsd_angle.angle_target_value         128.40 
_pdbx_validate_rmsd_angle.angle_deviation            -15.99 
_pdbx_validate_rmsd_angle.angle_standard_deviation   2.10 
_pdbx_validate_rmsd_angle.linker_flag                Y 
# 
loop_
_pdbx_validate_torsion.id 
_pdbx_validate_torsion.PDB_model_num 
_pdbx_validate_torsion.auth_comp_id 
_pdbx_validate_torsion.auth_asym_id 
_pdbx_validate_torsion.auth_seq_id 
_pdbx_validate_torsion.PDB_ins_code 
_pdbx_validate_torsion.label_alt_id 
_pdbx_validate_torsion.phi 
_pdbx_validate_torsion.psi 
1 1 HIS A 99  ? ? 34.57   50.84  
2 1 HIS A 136 ? ? 177.56  154.97 
3 1 ASN A 178 ? ? 72.85   -83.09 
4 1 ASP A 210 ? ? -150.19 1.32   
# 
_pdbx_entry_details.entry_id                 1AJ6 
_pdbx_entry_details.compound_details         
;THE MUTATED RESIDUE HIS 136 HAS AN UNUSUAL ECLIPSED SIDE
CHAIN CONFORMATION WHICH IS STABILISED BY HYDROGEN BONDS.
;
_pdbx_entry_details.source_details           ? 
_pdbx_entry_details.nonpolymer_details       ? 
_pdbx_entry_details.sequence_details         ? 
_pdbx_entry_details.has_ligand_of_interest   ? 
# 
loop_
_pdbx_unobs_or_zero_occ_residues.id 
_pdbx_unobs_or_zero_occ_residues.PDB_model_num 
_pdbx_unobs_or_zero_occ_residues.polymer_flag 
_pdbx_unobs_or_zero_occ_residues.occupancy_flag 
_pdbx_unobs_or_zero_occ_residues.auth_asym_id 
_pdbx_unobs_or_zero_occ_residues.auth_comp_id 
_pdbx_unobs_or_zero_occ_residues.auth_seq_id 
_pdbx_unobs_or_zero_occ_residues.PDB_ins_code 
_pdbx_unobs_or_zero_occ_residues.label_asym_id 
_pdbx_unobs_or_zero_occ_residues.label_comp_id 
_pdbx_unobs_or_zero_occ_residues.label_seq_id 
1  1 Y 1 A SER 2   ? A SER 1   
2  1 Y 1 A ASN 3   ? A ASN 2   
3  1 Y 1 A SER 4   ? A SER 3   
4  1 Y 1 A TYR 5   ? A TYR 4   
5  1 Y 1 A ASP 6   ? A ASP 5   
6  1 Y 1 A SER 7   ? A SER 6   
7  1 Y 1 A SER 8   ? A SER 7   
8  1 Y 1 A SER 9   ? A SER 8   
9  1 Y 1 A ILE 10  ? A ILE 9   
10 1 Y 1 A LYS 11  ? A LYS 10  
11 1 Y 1 A HIS 83  ? A HIS 82  
12 1 Y 1 A PRO 84  ? A PRO 83  
13 1 Y 1 A GLU 85  ? A GLU 84  
14 1 Y 1 A GLU 86  ? A GLU 85  
15 1 Y 1 A GLY 87  ? A GLY 86  
16 1 Y 1 A ASP 105 ? A ASP 104 
17 1 Y 1 A ASP 106 ? A ASP 105 
18 1 Y 1 A ASN 107 ? A ASN 106 
19 1 Y 1 A SER 108 ? A SER 107 
20 1 Y 1 A TYR 109 ? A TYR 108 
21 1 Y 1 A LYS 110 ? A LYS 109 
22 1 Y 1 A VAL 111 ? A VAL 110 
23 1 Y 1 A TYR 218 ? A TYR 217 
24 1 Y 1 A GLU 219 ? A GLU 218 
25 1 Y 1 A GLY 220 ? A GLY 219 
# 
loop_
_chem_comp_atom.comp_id 
_chem_comp_atom.atom_id 
_chem_comp_atom.type_symbol 
_chem_comp_atom.pdbx_aromatic_flag 
_chem_comp_atom.pdbx_stereo_config 
_chem_comp_atom.pdbx_ordinal 
ALA N    N N N 1   
ALA CA   C N S 2   
ALA C    C N N 3   
ALA O    O N N 4   
ALA CB   C N N 5   
ALA OXT  O N N 6   
ALA H    H N N 7   
ALA H2   H N N 8   
ALA HA   H N N 9   
ALA HB1  H N N 10  
ALA HB2  H N N 11  
ALA HB3  H N N 12  
ALA HXT  H N N 13  
ARG N    N N N 14  
ARG CA   C N S 15  
ARG C    C N N 16  
ARG O    O N N 17  
ARG CB   C N N 18  
ARG CG   C N N 19  
ARG CD   C N N 20  
ARG NE   N N N 21  
ARG CZ   C N N 22  
ARG NH1  N N N 23  
ARG NH2  N N N 24  
ARG OXT  O N N 25  
ARG H    H N N 26  
ARG H2   H N N 27  
ARG HA   H N N 28  
ARG HB2  H N N 29  
ARG HB3  H N N 30  
ARG HG2  H N N 31  
ARG HG3  H N N 32  
ARG HD2  H N N 33  
ARG HD3  H N N 34  
ARG HE   H N N 35  
ARG HH11 H N N 36  
ARG HH12 H N N 37  
ARG HH21 H N N 38  
ARG HH22 H N N 39  
ARG HXT  H N N 40  
ASN N    N N N 41  
ASN CA   C N S 42  
ASN C    C N N 43  
ASN O    O N N 44  
ASN CB   C N N 45  
ASN CG   C N N 46  
ASN OD1  O N N 47  
ASN ND2  N N N 48  
ASN OXT  O N N 49  
ASN H    H N N 50  
ASN H2   H N N 51  
ASN HA   H N N 52  
ASN HB2  H N N 53  
ASN HB3  H N N 54  
ASN HD21 H N N 55  
ASN HD22 H N N 56  
ASN HXT  H N N 57  
ASP N    N N N 58  
ASP CA   C N S 59  
ASP C    C N N 60  
ASP O    O N N 61  
ASP CB   C N N 62  
ASP CG   C N N 63  
ASP OD1  O N N 64  
ASP OD2  O N N 65  
ASP OXT  O N N 66  
ASP H    H N N 67  
ASP H2   H N N 68  
ASP HA   H N N 69  
ASP HB2  H N N 70  
ASP HB3  H N N 71  
ASP HD2  H N N 72  
ASP HXT  H N N 73  
CYS N    N N N 74  
CYS CA   C N R 75  
CYS C    C N N 76  
CYS O    O N N 77  
CYS CB   C N N 78  
CYS SG   S N N 79  
CYS OXT  O N N 80  
CYS H    H N N 81  
CYS H2   H N N 82  
CYS HA   H N N 83  
CYS HB2  H N N 84  
CYS HB3  H N N 85  
CYS HG   H N N 86  
CYS HXT  H N N 87  
GLN N    N N N 88  
GLN CA   C N S 89  
GLN C    C N N 90  
GLN O    O N N 91  
GLN CB   C N N 92  
GLN CG   C N N 93  
GLN CD   C N N 94  
GLN OE1  O N N 95  
GLN NE2  N N N 96  
GLN OXT  O N N 97  
GLN H    H N N 98  
GLN H2   H N N 99  
GLN HA   H N N 100 
GLN HB2  H N N 101 
GLN HB3  H N N 102 
GLN HG2  H N N 103 
GLN HG3  H N N 104 
GLN HE21 H N N 105 
GLN HE22 H N N 106 
GLN HXT  H N N 107 
GLU N    N N N 108 
GLU CA   C N S 109 
GLU C    C N N 110 
GLU O    O N N 111 
GLU CB   C N N 112 
GLU CG   C N N 113 
GLU CD   C N N 114 
GLU OE1  O N N 115 
GLU OE2  O N N 116 
GLU OXT  O N N 117 
GLU H    H N N 118 
GLU H2   H N N 119 
GLU HA   H N N 120 
GLU HB2  H N N 121 
GLU HB3  H N N 122 
GLU HG2  H N N 123 
GLU HG3  H N N 124 
GLU HE2  H N N 125 
GLU HXT  H N N 126 
GLY N    N N N 127 
GLY CA   C N N 128 
GLY C    C N N 129 
GLY O    O N N 130 
GLY OXT  O N N 131 
GLY H    H N N 132 
GLY H2   H N N 133 
GLY HA2  H N N 134 
GLY HA3  H N N 135 
GLY HXT  H N N 136 
HIS N    N N N 137 
HIS CA   C N S 138 
HIS C    C N N 139 
HIS O    O N N 140 
HIS CB   C N N 141 
HIS CG   C Y N 142 
HIS ND1  N Y N 143 
HIS CD2  C Y N 144 
HIS CE1  C Y N 145 
HIS NE2  N Y N 146 
HIS OXT  O N N 147 
HIS H    H N N 148 
HIS H2   H N N 149 
HIS HA   H N N 150 
HIS HB2  H N N 151 
HIS HB3  H N N 152 
HIS HD1  H N N 153 
HIS HD2  H N N 154 
HIS HE1  H N N 155 
HIS HE2  H N N 156 
HIS HXT  H N N 157 
HOH O    O N N 158 
HOH H1   H N N 159 
HOH H2   H N N 160 
ILE N    N N N 161 
ILE CA   C N S 162 
ILE C    C N N 163 
ILE O    O N N 164 
ILE CB   C N S 165 
ILE CG1  C N N 166 
ILE CG2  C N N 167 
ILE CD1  C N N 168 
ILE OXT  O N N 169 
ILE H    H N N 170 
ILE H2   H N N 171 
ILE HA   H N N 172 
ILE HB   H N N 173 
ILE HG12 H N N 174 
ILE HG13 H N N 175 
ILE HG21 H N N 176 
ILE HG22 H N N 177 
ILE HG23 H N N 178 
ILE HD11 H N N 179 
ILE HD12 H N N 180 
ILE HD13 H N N 181 
ILE HXT  H N N 182 
LEU N    N N N 183 
LEU CA   C N S 184 
LEU C    C N N 185 
LEU O    O N N 186 
LEU CB   C N N 187 
LEU CG   C N N 188 
LEU CD1  C N N 189 
LEU CD2  C N N 190 
LEU OXT  O N N 191 
LEU H    H N N 192 
LEU H2   H N N 193 
LEU HA   H N N 194 
LEU HB2  H N N 195 
LEU HB3  H N N 196 
LEU HG   H N N 197 
LEU HD11 H N N 198 
LEU HD12 H N N 199 
LEU HD13 H N N 200 
LEU HD21 H N N 201 
LEU HD22 H N N 202 
LEU HD23 H N N 203 
LEU HXT  H N N 204 
LYS N    N N N 205 
LYS CA   C N S 206 
LYS C    C N N 207 
LYS O    O N N 208 
LYS CB   C N N 209 
LYS CG   C N N 210 
LYS CD   C N N 211 
LYS CE   C N N 212 
LYS NZ   N N N 213 
LYS OXT  O N N 214 
LYS H    H N N 215 
LYS H2   H N N 216 
LYS HA   H N N 217 
LYS HB2  H N N 218 
LYS HB3  H N N 219 
LYS HG2  H N N 220 
LYS HG3  H N N 221 
LYS HD2  H N N 222 
LYS HD3  H N N 223 
LYS HE2  H N N 224 
LYS HE3  H N N 225 
LYS HZ1  H N N 226 
LYS HZ2  H N N 227 
LYS HZ3  H N N 228 
LYS HXT  H N N 229 
MET N    N N N 230 
MET CA   C N S 231 
MET C    C N N 232 
MET O    O N N 233 
MET CB   C N N 234 
MET CG   C N N 235 
MET SD   S N N 236 
MET CE   C N N 237 
MET OXT  O N N 238 
MET H    H N N 239 
MET H2   H N N 240 
MET HA   H N N 241 
MET HB2  H N N 242 
MET HB3  H N N 243 
MET HG2  H N N 244 
MET HG3  H N N 245 
MET HE1  H N N 246 
MET HE2  H N N 247 
MET HE3  H N N 248 
MET HXT  H N N 249 
NOV C1   C N N 250 
NOV O1   O N N 251 
NOV N1   N N N 252 
NOV C12  C N N 253 
NOV O4   O N N 254 
NOV O5   O N N 255 
NOV C27  C N R 256 
NOV C28  C N S 257 
NOV C29  C N R 258 
NOV O6   O N N 259 
NOV C30  C N R 260 
NOV O7   O N N 261 
NOV C31  C N N 262 
NOV C23  C N N 263 
NOV C26  C N N 264 
NOV O8   O N N 265 
NOV C3   C Y N 266 
NOV C4   C Y N 267 
NOV C2   C N N 268 
NOV C5   C Y N 269 
NOV C9   C Y N 270 
NOV C10  C Y N 271 
NOV C11  C Y N 272 
NOV O10  O N N 273 
NOV C6   C N N 274 
NOV O11  O N N 275 
NOV C7   C N N 276 
NOV C8   C N N 277 
NOV O9   O N N 278 
NOV N2   N N N 279 
NOV C13  C N N 280 
NOV O2   O N N 281 
NOV C14  C Y N 282 
NOV C15  C Y N 283 
NOV C16  C Y N 284 
NOV C17  C Y N 285 
NOV O3   O N N 286 
NOV C18  C Y N 287 
NOV C19  C Y N 288 
NOV C20  C N N 289 
NOV C21  C N N 290 
NOV C22  C N N 291 
NOV C24  C N N 292 
NOV C25  C N N 293 
NOV H11A H N N 294 
NOV H12  H N N 295 
NOV H13  H N N 296 
NOV HN11 H N N 297 
NOV HN12 H N N 298 
NOV H27  H N N 299 
NOV H28  H N N 300 
NOV H29  H N N 301 
NOV HO6  H N N 302 
NOV H30  H N N 303 
NOV H231 H N N 304 
NOV H232 H N N 305 
NOV H233 H N N 306 
NOV H261 H N N 307 
NOV H262 H N N 308 
NOV H263 H N N 309 
NOV H21A H N N 310 
NOV H22  H N N 311 
NOV H23  H N N 312 
NOV H10  H N N 313 
NOV H11  H N N 314 
NOV HO9  H N N 315 
NOV HN2  H N N 316 
NOV H15  H N N 317 
NOV HO3  H N N 318 
NOV H18  H N N 319 
NOV H19  H N N 320 
NOV H201 H N N 321 
NOV H202 H N N 322 
NOV H21  H N N 323 
NOV H241 H N N 324 
NOV H242 H N N 325 
NOV H243 H N N 326 
NOV H251 H N N 327 
NOV H252 H N N 328 
NOV H253 H N N 329 
PHE N    N N N 330 
PHE CA   C N S 331 
PHE C    C N N 332 
PHE O    O N N 333 
PHE CB   C N N 334 
PHE CG   C Y N 335 
PHE CD1  C Y N 336 
PHE CD2  C Y N 337 
PHE CE1  C Y N 338 
PHE CE2  C Y N 339 
PHE CZ   C Y N 340 
PHE OXT  O N N 341 
PHE H    H N N 342 
PHE H2   H N N 343 
PHE HA   H N N 344 
PHE HB2  H N N 345 
PHE HB3  H N N 346 
PHE HD1  H N N 347 
PHE HD2  H N N 348 
PHE HE1  H N N 349 
PHE HE2  H N N 350 
PHE HZ   H N N 351 
PHE HXT  H N N 352 
PRO N    N N N 353 
PRO CA   C N S 354 
PRO C    C N N 355 
PRO O    O N N 356 
PRO CB   C N N 357 
PRO CG   C N N 358 
PRO CD   C N N 359 
PRO OXT  O N N 360 
PRO H    H N N 361 
PRO HA   H N N 362 
PRO HB2  H N N 363 
PRO HB3  H N N 364 
PRO HG2  H N N 365 
PRO HG3  H N N 366 
PRO HD2  H N N 367 
PRO HD3  H N N 368 
PRO HXT  H N N 369 
SER N    N N N 370 
SER CA   C N S 371 
SER C    C N N 372 
SER O    O N N 373 
SER CB   C N N 374 
SER OG   O N N 375 
SER OXT  O N N 376 
SER H    H N N 377 
SER H2   H N N 378 
SER HA   H N N 379 
SER HB2  H N N 380 
SER HB3  H N N 381 
SER HG   H N N 382 
SER HXT  H N N 383 
THR N    N N N 384 
THR CA   C N S 385 
THR C    C N N 386 
THR O    O N N 387 
THR CB   C N R 388 
THR OG1  O N N 389 
THR CG2  C N N 390 
THR OXT  O N N 391 
THR H    H N N 392 
THR H2   H N N 393 
THR HA   H N N 394 
THR HB   H N N 395 
THR HG1  H N N 396 
THR HG21 H N N 397 
THR HG22 H N N 398 
THR HG23 H N N 399 
THR HXT  H N N 400 
TRP N    N N N 401 
TRP CA   C N S 402 
TRP C    C N N 403 
TRP O    O N N 404 
TRP CB   C N N 405 
TRP CG   C Y N 406 
TRP CD1  C Y N 407 
TRP CD2  C Y N 408 
TRP NE1  N Y N 409 
TRP CE2  C Y N 410 
TRP CE3  C Y N 411 
TRP CZ2  C Y N 412 
TRP CZ3  C Y N 413 
TRP CH2  C Y N 414 
TRP OXT  O N N 415 
TRP H    H N N 416 
TRP H2   H N N 417 
TRP HA   H N N 418 
TRP HB2  H N N 419 
TRP HB3  H N N 420 
TRP HD1  H N N 421 
TRP HE1  H N N 422 
TRP HE3  H N N 423 
TRP HZ2  H N N 424 
TRP HZ3  H N N 425 
TRP HH2  H N N 426 
TRP HXT  H N N 427 
TYR N    N N N 428 
TYR CA   C N S 429 
TYR C    C N N 430 
TYR O    O N N 431 
TYR CB   C N N 432 
TYR CG   C Y N 433 
TYR CD1  C Y N 434 
TYR CD2  C Y N 435 
TYR CE1  C Y N 436 
TYR CE2  C Y N 437 
TYR CZ   C Y N 438 
TYR OH   O N N 439 
TYR OXT  O N N 440 
TYR H    H N N 441 
TYR H2   H N N 442 
TYR HA   H N N 443 
TYR HB2  H N N 444 
TYR HB3  H N N 445 
TYR HD1  H N N 446 
TYR HD2  H N N 447 
TYR HE1  H N N 448 
TYR HE2  H N N 449 
TYR HH   H N N 450 
TYR HXT  H N N 451 
VAL N    N N N 452 
VAL CA   C N S 453 
VAL C    C N N 454 
VAL O    O N N 455 
VAL CB   C N N 456 
VAL CG1  C N N 457 
VAL CG2  C N N 458 
VAL OXT  O N N 459 
VAL H    H N N 460 
VAL H2   H N N 461 
VAL HA   H N N 462 
VAL HB   H N N 463 
VAL HG11 H N N 464 
VAL HG12 H N N 465 
VAL HG13 H N N 466 
VAL HG21 H N N 467 
VAL HG22 H N N 468 
VAL HG23 H N N 469 
VAL HXT  H N N 470 
# 
loop_
_chem_comp_bond.comp_id 
_chem_comp_bond.atom_id_1 
_chem_comp_bond.atom_id_2 
_chem_comp_bond.value_order 
_chem_comp_bond.pdbx_aromatic_flag 
_chem_comp_bond.pdbx_stereo_config 
_chem_comp_bond.pdbx_ordinal 
ALA N   CA   sing N N 1   
ALA N   H    sing N N 2   
ALA N   H2   sing N N 3   
ALA CA  C    sing N N 4   
ALA CA  CB   sing N N 5   
ALA CA  HA   sing N N 6   
ALA C   O    doub N N 7   
ALA C   OXT  sing N N 8   
ALA CB  HB1  sing N N 9   
ALA CB  HB2  sing N N 10  
ALA CB  HB3  sing N N 11  
ALA OXT HXT  sing N N 12  
ARG N   CA   sing N N 13  
ARG N   H    sing N N 14  
ARG N   H2   sing N N 15  
ARG CA  C    sing N N 16  
ARG CA  CB   sing N N 17  
ARG CA  HA   sing N N 18  
ARG C   O    doub N N 19  
ARG C   OXT  sing N N 20  
ARG CB  CG   sing N N 21  
ARG CB  HB2  sing N N 22  
ARG CB  HB3  sing N N 23  
ARG CG  CD   sing N N 24  
ARG CG  HG2  sing N N 25  
ARG CG  HG3  sing N N 26  
ARG CD  NE   sing N N 27  
ARG CD  HD2  sing N N 28  
ARG CD  HD3  sing N N 29  
ARG NE  CZ   sing N N 30  
ARG NE  HE   sing N N 31  
ARG CZ  NH1  sing N N 32  
ARG CZ  NH2  doub N N 33  
ARG NH1 HH11 sing N N 34  
ARG NH1 HH12 sing N N 35  
ARG NH2 HH21 sing N N 36  
ARG NH2 HH22 sing N N 37  
ARG OXT HXT  sing N N 38  
ASN N   CA   sing N N 39  
ASN N   H    sing N N 40  
ASN N   H2   sing N N 41  
ASN CA  C    sing N N 42  
ASN CA  CB   sing N N 43  
ASN CA  HA   sing N N 44  
ASN C   O    doub N N 45  
ASN C   OXT  sing N N 46  
ASN CB  CG   sing N N 47  
ASN CB  HB2  sing N N 48  
ASN CB  HB3  sing N N 49  
ASN CG  OD1  doub N N 50  
ASN CG  ND2  sing N N 51  
ASN ND2 HD21 sing N N 52  
ASN ND2 HD22 sing N N 53  
ASN OXT HXT  sing N N 54  
ASP N   CA   sing N N 55  
ASP N   H    sing N N 56  
ASP N   H2   sing N N 57  
ASP CA  C    sing N N 58  
ASP CA  CB   sing N N 59  
ASP CA  HA   sing N N 60  
ASP C   O    doub N N 61  
ASP C   OXT  sing N N 62  
ASP CB  CG   sing N N 63  
ASP CB  HB2  sing N N 64  
ASP CB  HB3  sing N N 65  
ASP CG  OD1  doub N N 66  
ASP CG  OD2  sing N N 67  
ASP OD2 HD2  sing N N 68  
ASP OXT HXT  sing N N 69  
CYS N   CA   sing N N 70  
CYS N   H    sing N N 71  
CYS N   H2   sing N N 72  
CYS CA  C    sing N N 73  
CYS CA  CB   sing N N 74  
CYS CA  HA   sing N N 75  
CYS C   O    doub N N 76  
CYS C   OXT  sing N N 77  
CYS CB  SG   sing N N 78  
CYS CB  HB2  sing N N 79  
CYS CB  HB3  sing N N 80  
CYS SG  HG   sing N N 81  
CYS OXT HXT  sing N N 82  
GLN N   CA   sing N N 83  
GLN N   H    sing N N 84  
GLN N   H2   sing N N 85  
GLN CA  C    sing N N 86  
GLN CA  CB   sing N N 87  
GLN CA  HA   sing N N 88  
GLN C   O    doub N N 89  
GLN C   OXT  sing N N 90  
GLN CB  CG   sing N N 91  
GLN CB  HB2  sing N N 92  
GLN CB  HB3  sing N N 93  
GLN CG  CD   sing N N 94  
GLN CG  HG2  sing N N 95  
GLN CG  HG3  sing N N 96  
GLN CD  OE1  doub N N 97  
GLN CD  NE2  sing N N 98  
GLN NE2 HE21 sing N N 99  
GLN NE2 HE22 sing N N 100 
GLN OXT HXT  sing N N 101 
GLU N   CA   sing N N 102 
GLU N   H    sing N N 103 
GLU N   H2   sing N N 104 
GLU CA  C    sing N N 105 
GLU CA  CB   sing N N 106 
GLU CA  HA   sing N N 107 
GLU C   O    doub N N 108 
GLU C   OXT  sing N N 109 
GLU CB  CG   sing N N 110 
GLU CB  HB2  sing N N 111 
GLU CB  HB3  sing N N 112 
GLU CG  CD   sing N N 113 
GLU CG  HG2  sing N N 114 
GLU CG  HG3  sing N N 115 
GLU CD  OE1  doub N N 116 
GLU CD  OE2  sing N N 117 
GLU OE2 HE2  sing N N 118 
GLU OXT HXT  sing N N 119 
GLY N   CA   sing N N 120 
GLY N   H    sing N N 121 
GLY N   H2   sing N N 122 
GLY CA  C    sing N N 123 
GLY CA  HA2  sing N N 124 
GLY CA  HA3  sing N N 125 
GLY C   O    doub N N 126 
GLY C   OXT  sing N N 127 
GLY OXT HXT  sing N N 128 
HIS N   CA   sing N N 129 
HIS N   H    sing N N 130 
HIS N   H2   sing N N 131 
HIS CA  C    sing N N 132 
HIS CA  CB   sing N N 133 
HIS CA  HA   sing N N 134 
HIS C   O    doub N N 135 
HIS C   OXT  sing N N 136 
HIS CB  CG   sing N N 137 
HIS CB  HB2  sing N N 138 
HIS CB  HB3  sing N N 139 
HIS CG  ND1  sing Y N 140 
HIS CG  CD2  doub Y N 141 
HIS ND1 CE1  doub Y N 142 
HIS ND1 HD1  sing N N 143 
HIS CD2 NE2  sing Y N 144 
HIS CD2 HD2  sing N N 145 
HIS CE1 NE2  sing Y N 146 
HIS CE1 HE1  sing N N 147 
HIS NE2 HE2  sing N N 148 
HIS OXT HXT  sing N N 149 
HOH O   H1   sing N N 150 
HOH O   H2   sing N N 151 
ILE N   CA   sing N N 152 
ILE N   H    sing N N 153 
ILE N   H2   sing N N 154 
ILE CA  C    sing N N 155 
ILE CA  CB   sing N N 156 
ILE CA  HA   sing N N 157 
ILE C   O    doub N N 158 
ILE C   OXT  sing N N 159 
ILE CB  CG1  sing N N 160 
ILE CB  CG2  sing N N 161 
ILE CB  HB   sing N N 162 
ILE CG1 CD1  sing N N 163 
ILE CG1 HG12 sing N N 164 
ILE CG1 HG13 sing N N 165 
ILE CG2 HG21 sing N N 166 
ILE CG2 HG22 sing N N 167 
ILE CG2 HG23 sing N N 168 
ILE CD1 HD11 sing N N 169 
ILE CD1 HD12 sing N N 170 
ILE CD1 HD13 sing N N 171 
ILE OXT HXT  sing N N 172 
LEU N   CA   sing N N 173 
LEU N   H    sing N N 174 
LEU N   H2   sing N N 175 
LEU CA  C    sing N N 176 
LEU CA  CB   sing N N 177 
LEU CA  HA   sing N N 178 
LEU C   O    doub N N 179 
LEU C   OXT  sing N N 180 
LEU CB  CG   sing N N 181 
LEU CB  HB2  sing N N 182 
LEU CB  HB3  sing N N 183 
LEU CG  CD1  sing N N 184 
LEU CG  CD2  sing N N 185 
LEU CG  HG   sing N N 186 
LEU CD1 HD11 sing N N 187 
LEU CD1 HD12 sing N N 188 
LEU CD1 HD13 sing N N 189 
LEU CD2 HD21 sing N N 190 
LEU CD2 HD22 sing N N 191 
LEU CD2 HD23 sing N N 192 
LEU OXT HXT  sing N N 193 
LYS N   CA   sing N N 194 
LYS N   H    sing N N 195 
LYS N   H2   sing N N 196 
LYS CA  C    sing N N 197 
LYS CA  CB   sing N N 198 
LYS CA  HA   sing N N 199 
LYS C   O    doub N N 200 
LYS C   OXT  sing N N 201 
LYS CB  CG   sing N N 202 
LYS CB  HB2  sing N N 203 
LYS CB  HB3  sing N N 204 
LYS CG  CD   sing N N 205 
LYS CG  HG2  sing N N 206 
LYS CG  HG3  sing N N 207 
LYS CD  CE   sing N N 208 
LYS CD  HD2  sing N N 209 
LYS CD  HD3  sing N N 210 
LYS CE  NZ   sing N N 211 
LYS CE  HE2  sing N N 212 
LYS CE  HE3  sing N N 213 
LYS NZ  HZ1  sing N N 214 
LYS NZ  HZ2  sing N N 215 
LYS NZ  HZ3  sing N N 216 
LYS OXT HXT  sing N N 217 
MET N   CA   sing N N 218 
MET N   H    sing N N 219 
MET N   H2   sing N N 220 
MET CA  C    sing N N 221 
MET CA  CB   sing N N 222 
MET CA  HA   sing N N 223 
MET C   O    doub N N 224 
MET C   OXT  sing N N 225 
MET CB  CG   sing N N 226 
MET CB  HB2  sing N N 227 
MET CB  HB3  sing N N 228 
MET CG  SD   sing N N 229 
MET CG  HG2  sing N N 230 
MET CG  HG3  sing N N 231 
MET SD  CE   sing N N 232 
MET CE  HE1  sing N N 233 
MET CE  HE2  sing N N 234 
MET CE  HE3  sing N N 235 
MET OXT HXT  sing N N 236 
NOV C1  O1   sing N N 237 
NOV C1  H11A sing N N 238 
NOV C1  H12  sing N N 239 
NOV C1  H13  sing N N 240 
NOV O1  C27  sing N N 241 
NOV N1  C12  sing N N 242 
NOV N1  HN11 sing N N 243 
NOV N1  HN12 sing N N 244 
NOV C12 O4   doub N N 245 
NOV C12 O5   sing N N 246 
NOV O5  C28  sing N N 247 
NOV C27 C28  sing N N 248 
NOV C27 C31  sing N N 249 
NOV C27 H27  sing N N 250 
NOV C28 C29  sing N N 251 
NOV C28 H28  sing N N 252 
NOV C29 O6   sing N N 253 
NOV C29 C30  sing N N 254 
NOV C29 H29  sing N N 255 
NOV O6  HO6  sing N N 256 
NOV C30 O7   sing N N 257 
NOV C30 O8   sing N N 258 
NOV C30 H30  sing N N 259 
NOV O7  C31  sing N N 260 
NOV C31 C23  sing N N 261 
NOV C31 C26  sing N N 262 
NOV C23 H231 sing N N 263 
NOV C23 H232 sing N N 264 
NOV C23 H233 sing N N 265 
NOV C26 H261 sing N N 266 
NOV C26 H262 sing N N 267 
NOV C26 H263 sing N N 268 
NOV O8  C3   sing N N 269 
NOV C3  C4   doub Y N 270 
NOV C3  C11  sing Y N 271 
NOV C4  C2   sing N N 272 
NOV C4  C5   sing Y N 273 
NOV C2  H21A sing N N 274 
NOV C2  H22  sing N N 275 
NOV C2  H23  sing N N 276 
NOV C5  C9   doub Y N 277 
NOV C5  O10  sing N N 278 
NOV C9  C10  sing Y N 279 
NOV C9  C8   sing N N 280 
NOV C10 C11  doub Y N 281 
NOV C10 H10  sing N N 282 
NOV C11 H11  sing N N 283 
NOV O10 C6   sing N N 284 
NOV C6  O11  doub N N 285 
NOV C6  C7   sing N N 286 
NOV C7  C8   doub N N 287 
NOV C7  N2   sing N N 288 
NOV C8  O9   sing N N 289 
NOV O9  HO9  sing N N 290 
NOV N2  C13  sing N N 291 
NOV N2  HN2  sing N N 292 
NOV C13 O2   doub N N 293 
NOV C13 C14  sing N N 294 
NOV C14 C15  doub Y N 295 
NOV C14 C19  sing Y N 296 
NOV C15 C16  sing Y N 297 
NOV C15 H15  sing N N 298 
NOV C16 C17  doub Y N 299 
NOV C16 C20  sing N N 300 
NOV C17 O3   sing N N 301 
NOV C17 C18  sing Y N 302 
NOV O3  HO3  sing N N 303 
NOV C18 C19  doub Y N 304 
NOV C18 H18  sing N N 305 
NOV C19 H19  sing N N 306 
NOV C20 C21  sing N N 307 
NOV C20 H201 sing N N 308 
NOV C20 H202 sing N N 309 
NOV C21 C22  doub N N 310 
NOV C21 H21  sing N N 311 
NOV C22 C24  sing N N 312 
NOV C22 C25  sing N N 313 
NOV C24 H241 sing N N 314 
NOV C24 H242 sing N N 315 
NOV C24 H243 sing N N 316 
NOV C25 H251 sing N N 317 
NOV C25 H252 sing N N 318 
NOV C25 H253 sing N N 319 
PHE N   CA   sing N N 320 
PHE N   H    sing N N 321 
PHE N   H2   sing N N 322 
PHE CA  C    sing N N 323 
PHE CA  CB   sing N N 324 
PHE CA  HA   sing N N 325 
PHE C   O    doub N N 326 
PHE C   OXT  sing N N 327 
PHE CB  CG   sing N N 328 
PHE CB  HB2  sing N N 329 
PHE CB  HB3  sing N N 330 
PHE CG  CD1  doub Y N 331 
PHE CG  CD2  sing Y N 332 
PHE CD1 CE1  sing Y N 333 
PHE CD1 HD1  sing N N 334 
PHE CD2 CE2  doub Y N 335 
PHE CD2 HD2  sing N N 336 
PHE CE1 CZ   doub Y N 337 
PHE CE1 HE1  sing N N 338 
PHE CE2 CZ   sing Y N 339 
PHE CE2 HE2  sing N N 340 
PHE CZ  HZ   sing N N 341 
PHE OXT HXT  sing N N 342 
PRO N   CA   sing N N 343 
PRO N   CD   sing N N 344 
PRO N   H    sing N N 345 
PRO CA  C    sing N N 346 
PRO CA  CB   sing N N 347 
PRO CA  HA   sing N N 348 
PRO C   O    doub N N 349 
PRO C   OXT  sing N N 350 
PRO CB  CG   sing N N 351 
PRO CB  HB2  sing N N 352 
PRO CB  HB3  sing N N 353 
PRO CG  CD   sing N N 354 
PRO CG  HG2  sing N N 355 
PRO CG  HG3  sing N N 356 
PRO CD  HD2  sing N N 357 
PRO CD  HD3  sing N N 358 
PRO OXT HXT  sing N N 359 
SER N   CA   sing N N 360 
SER N   H    sing N N 361 
SER N   H2   sing N N 362 
SER CA  C    sing N N 363 
SER CA  CB   sing N N 364 
SER CA  HA   sing N N 365 
SER C   O    doub N N 366 
SER C   OXT  sing N N 367 
SER CB  OG   sing N N 368 
SER CB  HB2  sing N N 369 
SER CB  HB3  sing N N 370 
SER OG  HG   sing N N 371 
SER OXT HXT  sing N N 372 
THR N   CA   sing N N 373 
THR N   H    sing N N 374 
THR N   H2   sing N N 375 
THR CA  C    sing N N 376 
THR CA  CB   sing N N 377 
THR CA  HA   sing N N 378 
THR C   O    doub N N 379 
THR C   OXT  sing N N 380 
THR CB  OG1  sing N N 381 
THR CB  CG2  sing N N 382 
THR CB  HB   sing N N 383 
THR OG1 HG1  sing N N 384 
THR CG2 HG21 sing N N 385 
THR CG2 HG22 sing N N 386 
THR CG2 HG23 sing N N 387 
THR OXT HXT  sing N N 388 
TRP N   CA   sing N N 389 
TRP N   H    sing N N 390 
TRP N   H2   sing N N 391 
TRP CA  C    sing N N 392 
TRP CA  CB   sing N N 393 
TRP CA  HA   sing N N 394 
TRP C   O    doub N N 395 
TRP C   OXT  sing N N 396 
TRP CB  CG   sing N N 397 
TRP CB  HB2  sing N N 398 
TRP CB  HB3  sing N N 399 
TRP CG  CD1  doub Y N 400 
TRP CG  CD2  sing Y N 401 
TRP CD1 NE1  sing Y N 402 
TRP CD1 HD1  sing N N 403 
TRP CD2 CE2  doub Y N 404 
TRP CD2 CE3  sing Y N 405 
TRP NE1 CE2  sing Y N 406 
TRP NE1 HE1  sing N N 407 
TRP CE2 CZ2  sing Y N 408 
TRP CE3 CZ3  doub Y N 409 
TRP CE3 HE3  sing N N 410 
TRP CZ2 CH2  doub Y N 411 
TRP CZ2 HZ2  sing N N 412 
TRP CZ3 CH2  sing Y N 413 
TRP CZ3 HZ3  sing N N 414 
TRP CH2 HH2  sing N N 415 
TRP OXT HXT  sing N N 416 
TYR N   CA   sing N N 417 
TYR N   H    sing N N 418 
TYR N   H2   sing N N 419 
TYR CA  C    sing N N 420 
TYR CA  CB   sing N N 421 
TYR CA  HA   sing N N 422 
TYR C   O    doub N N 423 
TYR C   OXT  sing N N 424 
TYR CB  CG   sing N N 425 
TYR CB  HB2  sing N N 426 
TYR CB  HB3  sing N N 427 
TYR CG  CD1  doub Y N 428 
TYR CG  CD2  sing Y N 429 
TYR CD1 CE1  sing Y N 430 
TYR CD1 HD1  sing N N 431 
TYR CD2 CE2  doub Y N 432 
TYR CD2 HD2  sing N N 433 
TYR CE1 CZ   doub Y N 434 
TYR CE1 HE1  sing N N 435 
TYR CE2 CZ   sing Y N 436 
TYR CE2 HE2  sing N N 437 
TYR CZ  OH   sing N N 438 
TYR OH  HH   sing N N 439 
TYR OXT HXT  sing N N 440 
VAL N   CA   sing N N 441 
VAL N   H    sing N N 442 
VAL N   H2   sing N N 443 
VAL CA  C    sing N N 444 
VAL CA  CB   sing N N 445 
VAL CA  HA   sing N N 446 
VAL C   O    doub N N 447 
VAL C   OXT  sing N N 448 
VAL CB  CG1  sing N N 449 
VAL CB  CG2  sing N N 450 
VAL CB  HB   sing N N 451 
VAL CG1 HG11 sing N N 452 
VAL CG1 HG12 sing N N 453 
VAL CG1 HG13 sing N N 454 
VAL CG2 HG21 sing N N 455 
VAL CG2 HG22 sing N N 456 
VAL CG2 HG23 sing N N 457 
VAL OXT HXT  sing N N 458 
# 
_pdbx_initial_refinement_model.accession_code   ? 
_pdbx_initial_refinement_model.id               1 
_pdbx_initial_refinement_model.entity_id_list   ? 
_pdbx_initial_refinement_model.type             'experimental model' 
_pdbx_initial_refinement_model.source_name      Other 
_pdbx_initial_refinement_model.details          'wild-type AA3 to be deposited shortly.' 
# 
_atom_sites.entry_id                    1AJ6 
_atom_sites.fract_transf_matrix[1][1]   0.01892340 
_atom_sites.fract_transf_matrix[1][2]   -0.00573180 
_atom_sites.fract_transf_matrix[1][3]   0.01580984 
_atom_sites.fract_transf_matrix[2][1]   -0.01163650 
_atom_sites.fract_transf_matrix[2][2]   0.00634998 
_atom_sites.fract_transf_matrix[2][3]   0.01623033 
_atom_sites.fract_transf_matrix[3][1]   -0.00318649 
_atom_sites.fract_transf_matrix[3][2]   -0.00809062 
_atom_sites.fract_transf_matrix[3][3]   0.00088080 
_atom_sites.fract_transf_vector[1]      1.533450 
_atom_sites.fract_transf_vector[2]      0.093275 
_atom_sites.fract_transf_vector[3]      0.373400 
# 
loop_
_atom_type.symbol 
C 
N 
O 
S 
# 
loop_
_atom_site.group_PDB 
_atom_site.id 
_atom_site.type_symbol 
_atom_site.label_atom_id 
_atom_site.label_alt_id 
_atom_site.label_comp_id 
_atom_site.label_asym_id 
_atom_site.label_entity_id 
_atom_site.label_seq_id 
_atom_site.pdbx_PDB_ins_code 
_atom_site.Cartn_x 
_atom_site.Cartn_y 
_atom_site.Cartn_z 
_atom_site.occupancy 
_atom_site.B_iso_or_equiv 
_atom_site.pdbx_formal_charge 
_atom_site.auth_seq_id 
_atom_site.auth_comp_id 
_atom_site.auth_asym_id 
_atom_site.auth_atom_id 
_atom_site.pdbx_PDB_model_num 
ATOM   1    N N   . VAL A 1 11  ? 11.565  14.833  5.418   1.00 52.27  ? 12  VAL A N   1 
ATOM   2    C CA  . VAL A 1 11  ? 12.279  14.759  6.692   1.00 50.36  ? 12  VAL A CA  1 
ATOM   3    C C   . VAL A 1 11  ? 11.487  13.914  7.671   1.00 47.79  ? 12  VAL A C   1 
ATOM   4    O O   . VAL A 1 11  ? 10.528  13.238  7.311   1.00 42.58  ? 12  VAL A O   1 
ATOM   5    C CB  . VAL A 1 11  ? 12.524  16.180  7.349   1.00 54.63  ? 12  VAL A CB  1 
ATOM   6    C CG1 . VAL A 1 11  ? 13.679  16.135  8.356   1.00 53.58  ? 12  VAL A CG1 1 
ATOM   7    C CG2 . VAL A 1 11  ? 12.810  17.243  6.290   1.00 55.21  ? 12  VAL A CG2 1 
ATOM   8    N N   . LEU A 1 12  ? 11.933  13.947  8.915   1.00 44.54  ? 13  LEU A N   1 
ATOM   9    C CA  . LEU A 1 12  ? 11.305  13.236  10.011  1.00 43.84  ? 13  LEU A CA  1 
ATOM   10   C C   . LEU A 1 12  ? 10.074  14.039  10.387  1.00 44.19  ? 13  LEU A C   1 
ATOM   11   O O   . LEU A 1 12  ? 9.069   13.511  10.878  1.00 41.68  ? 13  LEU A O   1 
ATOM   12   C CB  . LEU A 1 12  ? 12.251  13.291  11.209  1.00 44.41  ? 13  LEU A CB  1 
ATOM   13   C CG  . LEU A 1 12  ? 13.021  12.055  11.657  1.00 50.82  ? 13  LEU A CG  1 
ATOM   14   C CD1 . LEU A 1 12  ? 12.848  11.895  13.163  1.00 52.52  ? 13  LEU A CD1 1 
ATOM   15   C CD2 . LEU A 1 12  ? 12.594  10.794  10.907  1.00 54.18  ? 13  LEU A CD2 1 
ATOM   16   N N   . LYS A 1 13  ? 10.205  15.344  10.207  1.00 40.48  ? 14  LYS A N   1 
ATOM   17   C CA  . LYS A 1 13  ? 9.159   16.284  10.552  1.00 40.85  ? 14  LYS A CA  1 
ATOM   18   C C   . LYS A 1 13  ? 8.008   16.076  9.605   1.00 43.35  ? 14  LYS A C   1 
ATOM   19   O O   . LYS A 1 13  ? 6.849   16.004  10.042  1.00 41.81  ? 14  LYS A O   1 
ATOM   20   C CB  . LYS A 1 13  ? 9.683   17.706  10.452  1.00 41.87  ? 14  LYS A CB  1 
ATOM   21   N N   . GLY A 1 14  ? 8.355   15.933  8.319   1.00 39.35  ? 15  GLY A N   1 
ATOM   22   C CA  . GLY A 1 14  ? 7.379   15.699  7.243   1.00 38.00  ? 15  GLY A CA  1 
ATOM   23   C C   . GLY A 1 14  ? 6.317   14.699  7.697   1.00 35.55  ? 15  GLY A C   1 
ATOM   24   O O   . GLY A 1 14  ? 5.106   14.924  7.530   1.00 33.95  ? 15  GLY A O   1 
ATOM   25   N N   . LEU A 1 15  ? 6.800   13.642  8.336   1.00 28.76  ? 16  LEU A N   1 
ATOM   26   C CA  . LEU A 1 15  ? 5.964   12.592  8.858   1.00 29.42  ? 16  LEU A CA  1 
ATOM   27   C C   . LEU A 1 15  ? 5.198   13.071  10.062  1.00 29.25  ? 16  LEU A C   1 
ATOM   28   O O   . LEU A 1 15  ? 4.035   12.724  10.218  1.00 30.30  ? 16  LEU A O   1 
ATOM   29   C CB  . LEU A 1 15  ? 6.812   11.391  9.259   1.00 30.68  ? 16  LEU A CB  1 
ATOM   30   C CG  . LEU A 1 15  ? 7.916   10.928  8.314   1.00 38.40  ? 16  LEU A CG  1 
ATOM   31   C CD1 . LEU A 1 15  ? 9.291   11.317  8.848   1.00 39.83  ? 16  LEU A CD1 1 
ATOM   32   C CD2 . LEU A 1 15  ? 7.823   9.439   8.151   1.00 41.41  ? 16  LEU A CD2 1 
ATOM   33   N N   . ASP A 1 16  ? 5.861   13.846  10.915  1.00 23.15  ? 17  ASP A N   1 
ATOM   34   C CA  . ASP A 1 16  ? 5.261   14.349  12.158  1.00 22.72  ? 17  ASP A CA  1 
ATOM   35   C C   . ASP A 1 16  ? 4.015   15.095  11.815  1.00 21.27  ? 17  ASP A C   1 
ATOM   36   O O   . ASP A 1 16  ? 2.961   14.887  12.434  1.00 19.11  ? 17  ASP A O   1 
ATOM   37   C CB  . ASP A 1 16  ? 6.205   15.299  12.897  1.00 25.82  ? 17  ASP A CB  1 
ATOM   38   C CG  . ASP A 1 16  ? 7.394   14.579  13.515  1.00 50.60  ? 17  ASP A CG  1 
ATOM   39   O OD1 . ASP A 1 16  ? 7.317   13.340  13.686  1.00 51.35  ? 17  ASP A OD1 1 
ATOM   40   O OD2 . ASP A 1 16  ? 8.413   15.249  13.812  1.00 64.31  ? 17  ASP A OD2 1 
ATOM   41   N N   . ALA A 1 17  ? 4.129   15.909  10.771  1.00 15.22  ? 18  ALA A N   1 
ATOM   42   C CA  . ALA A 1 17  ? 2.976   16.674  10.273  1.00 14.46  ? 18  ALA A CA  1 
ATOM   43   C C   . ALA A 1 17  ? 1.795   15.753  9.893   1.00 15.92  ? 18  ALA A C   1 
ATOM   44   O O   . ALA A 1 17  ? 0.627   16.028  10.254  1.00 15.07  ? 18  ALA A O   1 
ATOM   45   C CB  . ALA A 1 17  ? 3.382   17.563  9.117   1.00 14.20  ? 18  ALA A CB  1 
ATOM   46   N N   . VAL A 1 18  ? 2.104   14.637  9.229   1.00 9.76   ? 19  VAL A N   1 
ATOM   47   C CA  . VAL A 1 18  ? 1.060   13.703  8.819   1.00 9.82   ? 19  VAL A CA  1 
ATOM   48   C C   . VAL A 1 18  ? 0.413   13.039  10.040  1.00 15.35  ? 19  VAL A C   1 
ATOM   49   O O   . VAL A 1 18  ? -0.832  13.045  10.217  1.00 9.97   ? 19  VAL A O   1 
ATOM   50   C CB  . VAL A 1 18  ? 1.562   12.633  7.809   1.00 11.38  ? 19  VAL A CB  1 
ATOM   51   C CG1 . VAL A 1 18  ? 0.403   11.632  7.463   1.00 9.62   ? 19  VAL A CG1 1 
ATOM   52   C CG2 . VAL A 1 18  ? 2.112   13.329  6.545   1.00 10.44  ? 19  VAL A CG2 1 
ATOM   53   N N   . ARG A 1 19  ? 1.261   12.517  10.911  1.00 16.20  ? 20  ARG A N   1 
ATOM   54   C CA  . ARG A 1 19  ? 0.742   11.906  12.137  1.00 17.45  ? 20  ARG A CA  1 
ATOM   55   C C   . ARG A 1 19  ? -0.074  12.904  12.959  1.00 20.81  ? 20  ARG A C   1 
ATOM   56   O O   . ARG A 1 19  ? -1.105  12.547  13.523  1.00 20.02  ? 20  ARG A O   1 
ATOM   57   C CB  . ARG A 1 19  ? 1.884   11.309  12.960  1.00 16.27  ? 20  ARG A CB  1 
ATOM   58   C CG  . ARG A 1 19  ? 2.362   9.999   12.389  1.00 11.38  ? 20  ARG A CG  1 
ATOM   59   C CD  . ARG A 1 19  ? 3.437   9.387   13.241  1.00 25.23  ? 20  ARG A CD  1 
ATOM   60   N NE  . ARG A 1 19  ? 4.764   9.976   13.052  1.00 42.87  ? 20  ARG A NE  1 
ATOM   61   C CZ  . ARG A 1 19  ? 5.450   9.953   11.911  1.00 84.82  ? 20  ARG A CZ  1 
ATOM   62   N NH1 . ARG A 1 19  ? 4.918   9.411   10.820  1.00 88.59  ? 20  ARG A NH1 1 
ATOM   63   N NH2 . ARG A 1 19  ? 6.667   10.489  11.861  1.00 76.04  ? 20  ARG A NH2 1 
ATOM   64   N N   . LYS A 1 20  ? 0.350   14.163  12.970  1.00 19.52  ? 21  LYS A N   1 
ATOM   65   C CA  . LYS A 1 20  ? -0.400  15.222  13.686  1.00 21.29  ? 21  LYS A CA  1 
ATOM   66   C C   . LYS A 1 20  ? -1.828  15.455  13.229  1.00 26.14  ? 21  LYS A C   1 
ATOM   67   O O   . LYS A 1 20  ? -2.720  15.606  14.059  1.00 26.84  ? 21  LYS A O   1 
ATOM   68   C CB  . LYS A 1 20  ? 0.349   16.549  13.653  1.00 24.71  ? 21  LYS A CB  1 
ATOM   69   C CG  . LYS A 1 20  ? -0.264  17.687  14.421  1.00 44.89  ? 21  LYS A CG  1 
ATOM   70   C CD  . LYS A 1 20  ? 0.785   18.726  14.733  1.00 63.17  ? 21  LYS A CD  1 
ATOM   71   C CE  . LYS A 1 20  ? 1.971   18.094  15.442  1.00 86.43  ? 21  LYS A CE  1 
ATOM   72   N NZ  . LYS A 1 20  ? 3.140   17.745  14.535  1.00 98.92  ? 21  LYS A NZ  1 
ATOM   73   N N   . ARG A 1 21  ? -2.055  15.491  11.916  1.00 22.35  ? 22  ARG A N   1 
ATOM   74   C CA  . ARG A 1 21  ? -3.400  15.721  11.362  1.00 21.55  ? 22  ARG A CA  1 
ATOM   75   C C   . ARG A 1 21  ? -3.773  14.749  10.242  1.00 26.20  ? 22  ARG A C   1 
ATOM   76   O O   . ARG A 1 21  ? -4.162  15.146  9.132   1.00 27.09  ? 22  ARG A O   1 
ATOM   77   C CB  . ARG A 1 21  ? -3.527  17.166  10.900  1.00 21.73  ? 22  ARG A CB  1 
ATOM   78   C CG  . ARG A 1 21  ? -2.702  18.130  11.758  1.00 37.87  ? 22  ARG A CG  1 
ATOM   79   C CD  . ARG A 1 21  ? -2.240  19.322  10.935  1.00 47.34  ? 22  ARG A CD  1 
ATOM   80   N NE  . ARG A 1 21  ? -1.889  20.499  11.730  1.00 39.92  ? 22  ARG A NE  1 
ATOM   81   C CZ  . ARG A 1 21  ? -0.697  21.091  11.698  1.00 55.54  ? 22  ARG A CZ  1 
ATOM   82   N NH1 . ARG A 1 21  ? 0.286   20.596  10.951  1.00 36.25  ? 22  ARG A NH1 1 
ATOM   83   N NH2 . ARG A 1 21  ? -0.480  22.175  12.428  1.00 59.21  ? 22  ARG A NH2 1 
ATOM   84   N N   . PRO A 1 22  ? -3.652  13.463  10.552  1.00 21.77  ? 23  PRO A N   1 
ATOM   85   C CA  . PRO A 1 22  ? -3.971  12.370  9.605   1.00 18.97  ? 23  PRO A CA  1 
ATOM   86   C C   . PRO A 1 22  ? -5.215  12.582  8.737   1.00 16.21  ? 23  PRO A C   1 
ATOM   87   O O   . PRO A 1 22  ? -5.154  12.471  7.520   1.00 13.58  ? 23  PRO A O   1 
ATOM   88   C CB  . PRO A 1 22  ? -4.145  11.142  10.512  1.00 21.34  ? 23  PRO A CB  1 
ATOM   89   C CG  . PRO A 1 22  ? -4.200  11.706  11.999  1.00 26.36  ? 23  PRO A CG  1 
ATOM   90   C CD  . PRO A 1 22  ? -4.015  13.185  11.962  1.00 21.31  ? 23  PRO A CD  1 
ATOM   91   N N   . GLY A 1 23  ? -6.331  12.922  9.367   1.00 10.84  ? 24  GLY A N   1 
ATOM   92   C CA  . GLY A 1 23  ? -7.584  13.164  8.662   1.00 9.01   ? 24  GLY A CA  1 
ATOM   93   C C   . GLY A 1 23  ? -7.441  14.084  7.457   1.00 15.19  ? 24  GLY A C   1 
ATOM   94   O O   . GLY A 1 23  ? -8.154  13.910  6.466   1.00 16.54  ? 24  GLY A O   1 
ATOM   95   N N   . MET A 1 24  ? -6.551  15.077  7.537   1.00 9.78   ? 25  MET A N   1 
ATOM   96   C CA  . MET A 1 24  ? -6.373  16.035  6.442   1.00 8.65   ? 25  MET A CA  1 
ATOM   97   C C   . MET A 1 24  ? -5.819  15.336  5.171   1.00 13.81  ? 25  MET A C   1 
ATOM   98   O O   . MET A 1 24  ? -6.143  15.716  4.041   1.00 12.04  ? 25  MET A O   1 
ATOM   99   C CB  . MET A 1 24  ? -5.398  17.135  6.885   1.00 10.84  ? 25  MET A CB  1 
ATOM   100  C CG  . MET A 1 24  ? -5.988  18.224  7.812   1.00 13.01  ? 25  MET A CG  1 
ATOM   101  S SD  . MET A 1 24  ? -7.683  18.721  7.426   1.00 16.47  ? 25  MET A SD  1 
ATOM   102  C CE  . MET A 1 24  ? -7.524  19.683  6.046   1.00 12.95  ? 25  MET A CE  1 
ATOM   103  N N   . TYR A 1 25  ? -4.987  14.314  5.380   1.00 10.56  ? 26  TYR A N   1 
ATOM   104  C CA  . TYR A 1 25  ? -4.376  13.551  4.291   1.00 9.59   ? 26  TYR A CA  1 
ATOM   105  C C   . TYR A 1 25  ? -5.161  12.292  3.888   1.00 13.50  ? 26  TYR A C   1 
ATOM   106  O O   . TYR A 1 25  ? -5.349  12.039  2.706   1.00 12.21  ? 26  TYR A O   1 
ATOM   107  C CB  . TYR A 1 25  ? -2.924  13.174  4.649   1.00 9.72   ? 26  TYR A CB  1 
ATOM   108  C CG  . TYR A 1 25  ? -2.078  14.348  5.079   1.00 11.15  ? 26  TYR A CG  1 
ATOM   109  C CD1 . TYR A 1 25  ? -2.192  14.880  6.363   1.00 12.98  ? 26  TYR A CD1 1 
ATOM   110  C CD2 . TYR A 1 25  ? -1.203  14.983  4.186   1.00 12.76  ? 26  TYR A CD2 1 
ATOM   111  C CE1 . TYR A 1 25  ? -1.428  15.992  6.774   1.00 10.20  ? 26  TYR A CE1 1 
ATOM   112  C CE2 . TYR A 1 25  ? -0.402  16.094  4.597   1.00 12.88  ? 26  TYR A CE2 1 
ATOM   113  C CZ  . TYR A 1 25  ? -0.531  16.580  5.901   1.00 17.14  ? 26  TYR A CZ  1 
ATOM   114  O OH  . TYR A 1 25  ? 0.220   17.661  6.336   1.00 9.19   ? 26  TYR A OH  1 
ATOM   115  N N   . ILE A 1 26  ? -5.649  11.537  4.875   1.00 12.93  ? 27  ILE A N   1 
ATOM   116  C CA  . ILE A 1 26  ? -6.326  10.245  4.655   1.00 12.48  ? 27  ILE A CA  1 
ATOM   117  C C   . ILE A 1 26  ? -7.854  10.206  4.699   1.00 15.65  ? 27  ILE A C   1 
ATOM   118  O O   . ILE A 1 26  ? -8.460  9.227   4.261   1.00 15.19  ? 27  ILE A O   1 
ATOM   119  C CB  . ILE A 1 26  ? -5.769  9.126   5.620   1.00 14.36  ? 27  ILE A CB  1 
ATOM   120  C CG1 . ILE A 1 26  ? -6.003  7.704   5.070   1.00 12.05  ? 27  ILE A CG1 1 
ATOM   121  C CG2 . ILE A 1 26  ? -6.465  9.226   7.026   1.00 15.24  ? 27  ILE A CG2 1 
ATOM   122  C CD1 . ILE A 1 26  ? -5.113  7.269   3.875   1.00 18.74  ? 27  ILE A CD1 1 
ATOM   123  N N   . GLY A 1 27  ? -8.482  11.234  5.241   1.00 11.25  ? 28  GLY A N   1 
ATOM   124  C CA  . GLY A 1 27  ? -9.936  11.246  5.372   1.00 10.11  ? 28  GLY A CA  1 
ATOM   125  C C   . GLY A 1 27  ? -10.260 10.895  6.841   1.00 23.29  ? 28  GLY A C   1 
ATOM   126  O O   . GLY A 1 27  ? -9.379  10.623  7.647   1.00 24.76  ? 28  GLY A O   1 
ATOM   127  N N   . ASP A 1 28  ? -11.537 10.903  7.185   1.00 24.56  ? 29  ASP A N   1 
ATOM   128  C CA  . ASP A 1 28  ? -12.032 10.637  8.544   1.00 23.45  ? 29  ASP A CA  1 
ATOM   129  C C   . ASP A 1 28  ? -11.473 9.392   9.233   1.00 22.85  ? 29  ASP A C   1 
ATOM   130  O O   . ASP A 1 28  ? -11.689 8.271   8.773   1.00 22.07  ? 29  ASP A O   1 
ATOM   131  C CB  . ASP A 1 28  ? -13.565 10.560  8.442   1.00 26.00  ? 29  ASP A CB  1 
ATOM   132  C CG  . ASP A 1 28  ? -14.247 10.496  9.770   1.00 43.59  ? 29  ASP A CG  1 
ATOM   133  O OD1 . ASP A 1 28  ? -13.798 9.750   10.668  1.00 46.58  ? 29  ASP A OD1 1 
ATOM   134  O OD2 . ASP A 1 28  ? -15.291 11.161  9.885   1.00 50.89  ? 29  ASP A OD2 1 
ATOM   135  N N   . THR A 1 29  ? -10.855 9.567   10.398  1.00 19.55  ? 30  THR A N   1 
ATOM   136  C CA  . THR A 1 29  ? -10.266 8.421   11.128  1.00 17.91  ? 30  THR A CA  1 
ATOM   137  C C   . THR A 1 29  ? -11.142 7.671   12.128  1.00 19.63  ? 30  THR A C   1 
ATOM   138  O O   . THR A 1 29  ? -10.661 6.802   12.875  1.00 16.90  ? 30  THR A O   1 
ATOM   139  C CB  . THR A 1 29  ? -8.934  8.793   11.836  1.00 18.77  ? 30  THR A CB  1 
ATOM   140  O OG1 . THR A 1 29  ? -9.170  9.794   12.836  1.00 16.06  ? 30  THR A OG1 1 
ATOM   141  C CG2 . THR A 1 29  ? -7.916  9.306   10.808  1.00 14.63  ? 30  THR A CG2 1 
ATOM   142  N N   . ASP A 1 30  ? -12.427 7.992   12.129  1.00 17.25  ? 31  ASP A N   1 
ATOM   143  C CA  . ASP A 1 30  ? -13.362 7.398   13.063  1.00 17.50  ? 31  ASP A CA  1 
ATOM   144  C C   . ASP A 1 30  ? -14.519 6.593   12.421  1.00 21.34  ? 31  ASP A C   1 
ATOM   145  O O   . ASP A 1 30  ? -15.054 5.679   13.035  1.00 20.76  ? 31  ASP A O   1 
ATOM   146  C CB  . ASP A 1 30  ? -13.887 8.513   13.981  1.00 21.45  ? 31  ASP A CB  1 
ATOM   147  C CG  . ASP A 1 30  ? -14.609 7.978   15.200  1.00 43.57  ? 31  ASP A CG  1 
ATOM   148  O OD1 . ASP A 1 30  ? -15.832 7.731   15.091  1.00 46.12  ? 31  ASP A OD1 1 
ATOM   149  O OD2 . ASP A 1 30  ? -13.961 7.827   16.259  1.00 50.73  ? 31  ASP A OD2 1 
ATOM   150  N N   . ASP A 1 31  ? -14.887 6.891   11.179  1.00 15.53  ? 32  ASP A N   1 
ATOM   151  C CA  . ASP A 1 31  ? -15.982 6.152   10.570  1.00 13.74  ? 32  ASP A CA  1 
ATOM   152  C C   . ASP A 1 31  ? -15.634 4.998   9.612   1.00 20.35  ? 32  ASP A C   1 
ATOM   153  O O   . ASP A 1 31  ? -16.535 4.402   8.999   1.00 21.12  ? 32  ASP A O   1 
ATOM   154  C CB  . ASP A 1 31  ? -16.949 7.107   9.916   1.00 15.28  ? 32  ASP A CB  1 
ATOM   155  C CG  . ASP A 1 31  ? -16.337 7.845   8.756   1.00 23.29  ? 32  ASP A CG  1 
ATOM   156  O OD1 . ASP A 1 31  ? -15.179 7.554   8.407   1.00 24.10  ? 32  ASP A OD1 1 
ATOM   157  O OD2 . ASP A 1 31  ? -17.023 8.717   8.186   1.00 27.60  ? 32  ASP A OD2 1 
ATOM   158  N N   . GLY A 1 32  ? -14.353 4.657   9.503   1.00 14.06  ? 33  GLY A N   1 
ATOM   159  C CA  . GLY A 1 32  ? -13.936 3.586   8.622   1.00 13.39  ? 33  GLY A CA  1 
ATOM   160  C C   . GLY A 1 32  ? -13.402 4.122   7.284   1.00 18.44  ? 33  GLY A C   1 
ATOM   161  O O   . GLY A 1 32  ? -12.674 3.423   6.577   1.00 17.77  ? 33  GLY A O   1 
ATOM   162  N N   . THR A 1 33  ? -13.757 5.359   6.947   1.00 13.66  ? 34  THR A N   1 
ATOM   163  C CA  . THR A 1 33  ? -13.309 5.993   5.701   1.00 14.62  ? 34  THR A CA  1 
ATOM   164  C C   . THR A 1 33  ? -11.773 5.957   5.508   1.00 21.08  ? 34  THR A C   1 
ATOM   165  O O   . THR A 1 33  ? -11.239 5.327   4.566   1.00 18.26  ? 34  THR A O   1 
ATOM   166  C CB  . THR A 1 33  ? -13.794 7.488   5.626   1.00 21.54  ? 34  THR A CB  1 
ATOM   167  O OG1 . THR A 1 33  ? -15.199 7.550   5.860   1.00 18.82  ? 34  THR A OG1 1 
ATOM   168  C CG2 . THR A 1 33  ? -13.568 8.062   4.259   1.00 25.17  ? 34  THR A CG2 1 
ATOM   169  N N   . GLY A 1 34  ? -11.071 6.667   6.389   1.00 19.05  ? 35  GLY A N   1 
ATOM   170  C CA  . GLY A 1 34  ? -9.616  6.740   6.319   1.00 18.46  ? 35  GLY A CA  1 
ATOM   171  C C   . GLY A 1 34  ? -9.014  5.338   6.325   1.00 22.22  ? 35  GLY A C   1 
ATOM   172  O O   . GLY A 1 34  ? -8.097  5.031   5.545   1.00 21.20  ? 35  GLY A O   1 
ATOM   173  N N   . LEU A 1 35  ? -9.524  4.491   7.213   1.00 15.52  ? 36  LEU A N   1 
ATOM   174  C CA  . LEU A 1 35  ? -8.993  3.139   7.325   1.00 14.17  ? 36  LEU A CA  1 
ATOM   175  C C   . LEU A 1 35  ? -9.003  2.381   5.996   1.00 17.17  ? 36  LEU A C   1 
ATOM   176  O O   . LEU A 1 35  ? -8.054  1.672   5.657   1.00 17.07  ? 36  LEU A O   1 
ATOM   177  C CB  . LEU A 1 35  ? -9.716  2.324   8.396   1.00 13.41  ? 36  LEU A CB  1 
ATOM   178  C CG  . LEU A 1 35  ? -9.057  0.963   8.545   1.00 18.17  ? 36  LEU A CG  1 
ATOM   179  C CD1 . LEU A 1 35  ? -7.861  1.070   9.486   1.00 17.68  ? 36  LEU A CD1 1 
ATOM   180  C CD2 . LEU A 1 35  ? -10.018 -0.129  9.015   1.00 24.64  ? 36  LEU A CD2 1 
ATOM   181  N N   . HIS A 1 36  ? -10.083 2.496   5.251   1.00 11.96  ? 37  HIS A N   1 
ATOM   182  C CA  . HIS A 1 36  ? -10.172 1.729   4.019   1.00 12.45  ? 37  HIS A CA  1 
ATOM   183  C C   . HIS A 1 36  ? -9.447  2.400   2.870   1.00 15.17  ? 37  HIS A C   1 
ATOM   184  O O   . HIS A 1 36  ? -8.884  1.719   2.022   1.00 12.89  ? 37  HIS A O   1 
ATOM   185  C CB  . HIS A 1 36  ? -11.657 1.314   3.705   1.00 13.41  ? 37  HIS A CB  1 
ATOM   186  C CG  . HIS A 1 36  ? -12.233 0.349   4.703   1.00 16.48  ? 37  HIS A CG  1 
ATOM   187  N ND1 . HIS A 1 36  ? -12.192 -1.021  4.528   1.00 18.44  ? 37  HIS A ND1 1 
ATOM   188  C CD2 . HIS A 1 36  ? -12.816 0.554   5.909   1.00 17.69  ? 37  HIS A CD2 1 
ATOM   189  C CE1 . HIS A 1 36  ? -12.769 -1.613  5.563   1.00 17.80  ? 37  HIS A CE1 1 
ATOM   190  N NE2 . HIS A 1 36  ? -13.157 -0.679  6.414   1.00 17.69  ? 37  HIS A NE2 1 
ATOM   191  N N   . HIS A 1 37  ? -9.364  3.734   2.940   1.00 15.22  ? 38  HIS A N   1 
ATOM   192  C CA  . HIS A 1 37  ? -8.633  4.549   1.967   1.00 16.08  ? 38  HIS A CA  1 
ATOM   193  C C   . HIS A 1 37  ? -7.153  4.197   2.044   1.00 12.97  ? 38  HIS A C   1 
ATOM   194  O O   . HIS A 1 37  ? -6.423  4.337   1.067   1.00 15.60  ? 38  HIS A O   1 
ATOM   195  C CB  . HIS A 1 37  ? -8.871  6.087   2.220   1.00 19.95  ? 38  HIS A CB  1 
ATOM   196  C CG  . HIS A 1 37  ? -8.068  6.995   1.321   1.00 26.69  ? 38  HIS A CG  1 
ATOM   197  N ND1 . HIS A 1 37  ? -7.858  8.335   1.601   1.00 29.57  ? 38  HIS A ND1 1 
ATOM   198  C CD2 . HIS A 1 37  ? -7.442  6.761   0.139   1.00 30.22  ? 38  HIS A CD2 1 
ATOM   199  C CE1 . HIS A 1 37  ? -7.149  8.886   0.628   1.00 28.65  ? 38  HIS A CE1 1 
ATOM   200  N NE2 . HIS A 1 37  ? -6.887  7.955   -0.271  1.00 29.79  ? 38  HIS A NE2 1 
ATOM   201  N N   . MET A 1 38  ? -6.706  3.735   3.203   1.00 5.85   ? 39  MET A N   1 
ATOM   202  C CA  . MET A 1 38  ? -5.319  3.303   3.339   1.00 5.66   ? 39  MET A CA  1 
ATOM   203  C C   . MET A 1 38  ? -5.135  2.154   2.359   1.00 12.17  ? 39  MET A C   1 
ATOM   204  O O   . MET A 1 38  ? -4.132  2.101   1.668   1.00 13.02  ? 39  MET A O   1 
ATOM   205  C CB  . MET A 1 38  ? -4.958  2.839   4.757   1.00 6.50   ? 39  MET A CB  1 
ATOM   206  C CG  . MET A 1 38  ? -4.916  3.928   5.800   1.00 8.02   ? 39  MET A CG  1 
ATOM   207  S SD  . MET A 1 38  ? -3.275  4.701   6.038   1.00 9.46   ? 39  MET A SD  1 
ATOM   208  C CE  . MET A 1 38  ? -2.419  3.454   7.139   1.00 6.14   ? 39  MET A CE  1 
ATOM   209  N N   . VAL A 1 39  ? -6.138  1.283   2.225   1.00 6.57   ? 40  VAL A N   1 
ATOM   210  C CA  . VAL A 1 39  ? -6.032  0.202   1.219   1.00 4.12   ? 40  VAL A CA  1 
ATOM   211  C C   . VAL A 1 39  ? -6.014  0.721   -0.256  1.00 7.34   ? 40  VAL A C   1 
ATOM   212  O O   . VAL A 1 39  ? -5.199  0.275   -1.087  1.00 1.07   ? 40  VAL A O   1 
ATOM   213  C CB  . VAL A 1 39  ? -7.107  -0.898  1.412   1.00 6.10   ? 40  VAL A CB  1 
ATOM   214  C CG1 . VAL A 1 39  ? -6.867  -2.044  0.395   1.00 5.25   ? 40  VAL A CG1 1 
ATOM   215  C CG2 . VAL A 1 39  ? -6.993  -1.486  2.811   1.00 5.33   ? 40  VAL A CG2 1 
ATOM   216  N N   . PHE A 1 40  ? -6.923  1.654   -0.559  1.00 5.93   ? 41  PHE A N   1 
ATOM   217  C CA  . PHE A 1 40  ? -7.074  2.243   -1.891  1.00 5.37   ? 41  PHE A CA  1 
ATOM   218  C C   . PHE A 1 40  ? -5.883  2.987   -2.494  1.00 10.43  ? 41  PHE A C   1 
ATOM   219  O O   . PHE A 1 40  ? -5.611  2.917   -3.731  1.00 7.18   ? 41  PHE A O   1 
ATOM   220  C CB  . PHE A 1 40  ? -8.355  3.065   -1.954  1.00 7.04   ? 41  PHE A CB  1 
ATOM   221  C CG  . PHE A 1 40  ? -9.579  2.269   -1.562  1.00 10.82  ? 41  PHE A CG  1 
ATOM   222  C CD1 . PHE A 1 40  ? -9.670  0.897   -1.900  1.00 16.88  ? 41  PHE A CD1 1 
ATOM   223  C CD2 . PHE A 1 40  ? -10.619 2.848   -0.830  1.00 12.21  ? 41  PHE A CD2 1 
ATOM   224  C CE1 . PHE A 1 40  ? -10.792 0.106   -1.533  1.00 17.35  ? 41  PHE A CE1 1 
ATOM   225  C CE2 . PHE A 1 40  ? -11.741 2.065   -0.446  1.00 16.76  ? 41  PHE A CE2 1 
ATOM   226  C CZ  . PHE A 1 40  ? -11.817 0.681   -0.792  1.00 15.48  ? 41  PHE A CZ  1 
ATOM   227  N N   . GLU A 1 41  ? -5.135  3.682   -1.644  1.00 5.96   ? 42  GLU A N   1 
ATOM   228  C CA  . GLU A 1 41  ? -3.981  4.377   -2.198  1.00 6.63   ? 42  GLU A CA  1 
ATOM   229  C C   . GLU A 1 41  ? -2.961  3.391   -2.767  1.00 12.09  ? 42  GLU A C   1 
ATOM   230  O O   . GLU A 1 41  ? -2.516  3.548   -3.890  1.00 13.52  ? 42  GLU A O   1 
ATOM   231  C CB  . GLU A 1 41  ? -3.312  5.283   -1.173  1.00 8.11   ? 42  GLU A CB  1 
ATOM   232  C CG  . GLU A 1 41  ? -1.919  5.729   -1.637  1.00 16.26  ? 42  GLU A CG  1 
ATOM   233  C CD  . GLU A 1 41  ? -1.961  6.904   -2.622  1.00 48.57  ? 42  GLU A CD  1 
ATOM   234  O OE1 . GLU A 1 41  ? -3.032  7.557   -2.751  1.00 43.50  ? 42  GLU A OE1 1 
ATOM   235  O OE2 . GLU A 1 41  ? -0.923  7.155   -3.283  1.00 39.42  ? 42  GLU A OE2 1 
ATOM   236  N N   . VAL A 1 42  ? -2.620  2.371   -1.979  1.00 9.08   ? 43  VAL A N   1 
ATOM   237  C CA  . VAL A 1 42  ? -1.676  1.331   -2.373  1.00 8.20   ? 43  VAL A CA  1 
ATOM   238  C C   . VAL A 1 42  ? -2.098  0.634   -3.700  1.00 11.94  ? 43  VAL A C   1 
ATOM   239  O O   . VAL A 1 42  ? -1.304  0.485   -4.630  1.00 7.12   ? 43  VAL A O   1 
ATOM   240  C CB  . VAL A 1 42  ? -1.507  0.318   -1.212  1.00 10.44  ? 43  VAL A CB  1 
ATOM   241  C CG1 . VAL A 1 42  ? -0.545  -0.821  -1.585  1.00 9.39   ? 43  VAL A CG1 1 
ATOM   242  C CG2 . VAL A 1 42  ? -0.959  1.036   -0.003  1.00 10.73  ? 43  VAL A CG2 1 
ATOM   243  N N   . VAL A 1 43  ? -3.372  0.267   -3.795  1.00 9.57   ? 44  VAL A N   1 
ATOM   244  C CA  . VAL A 1 43  ? -3.904  -0.375  -5.005  1.00 8.17   ? 44  VAL A CA  1 
ATOM   245  C C   . VAL A 1 43  ? -3.774  0.608   -6.158  1.00 11.29  ? 44  VAL A C   1 
ATOM   246  O O   . VAL A 1 43  ? -3.343  0.249   -7.249  1.00 12.16  ? 44  VAL A O   1 
ATOM   247  C CB  . VAL A 1 43  ? -5.412  -0.774  -4.828  1.00 9.97   ? 44  VAL A CB  1 
ATOM   248  C CG1 . VAL A 1 43  ? -6.010  -1.213  -6.145  1.00 9.59   ? 44  VAL A CG1 1 
ATOM   249  C CG2 . VAL A 1 43  ? -5.559  -1.909  -3.783  1.00 10.32  ? 44  VAL A CG2 1 
ATOM   250  N N   . ASP A 1 44  ? -4.171  1.852   -5.921  1.00 6.50   ? 45  ASP A N   1 
ATOM   251  C CA  . ASP A 1 44  ? -4.065  2.850   -6.966  1.00 7.58   ? 45  ASP A CA  1 
ATOM   252  C C   . ASP A 1 44  ? -2.631  2.884   -7.494  1.00 9.66   ? 45  ASP A C   1 
ATOM   253  O O   . ASP A 1 44  ? -2.430  3.144   -8.662  1.00 8.74   ? 45  ASP A O   1 
ATOM   254  C CB  . ASP A 1 44  ? -4.450  4.242   -6.428  1.00 12.33  ? 45  ASP A CB  1 
ATOM   255  C CG  . ASP A 1 44  ? -5.961  4.519   -6.486  1.00 21.19  ? 45  ASP A CG  1 
ATOM   256  O OD1 . ASP A 1 44  ? -6.718  3.696   -7.040  1.00 22.07  ? 45  ASP A OD1 1 
ATOM   257  O OD2 . ASP A 1 44  ? -6.393  5.533   -5.902  1.00 25.69  ? 45  ASP A OD2 1 
ATOM   258  N N   . ASN A 1 45  ? -1.635  2.629   -6.640  1.00 4.97   ? 46  ASN A N   1 
ATOM   259  C CA  . ASN A 1 45  ? -0.261  2.688   -7.111  1.00 6.37   ? 46  ASN A CA  1 
ATOM   260  C C   . ASN A 1 45  ? -0.029  1.549   -8.078  1.00 16.51  ? 46  ASN A C   1 
ATOM   261  O O   . ASN A 1 45  ? 0.596   1.737   -9.121  1.00 20.53  ? 46  ASN A O   1 
ATOM   262  C CB  . ASN A 1 45  ? 0.747   2.622   -5.966  1.00 6.45   ? 46  ASN A CB  1 
ATOM   263  C CG  . ASN A 1 45  ? 0.817   3.918   -5.181  1.00 22.68  ? 46  ASN A CG  1 
ATOM   264  O OD1 . ASN A 1 45  ? -0.138  4.687   -5.136  1.00 18.92  ? 46  ASN A OD1 1 
ATOM   265  N ND2 . ASN A 1 45  ? 1.905   4.102   -4.497  1.00 27.33  ? 46  ASN A ND2 1 
ATOM   266  N N   . ALA A 1 46  ? -0.555  0.375   -7.742  1.00 9.38   ? 47  ALA A N   1 
ATOM   267  C CA  . ALA A 1 46  ? -0.402  -0.783  -8.599  1.00 9.56   ? 47  ALA A CA  1 
ATOM   268  C C   . ALA A 1 46  ? -1.165  -0.594  -9.897  1.00 13.58  ? 47  ALA A C   1 
ATOM   269  O O   . ALA A 1 46  ? -0.707  -0.986  -10.971 1.00 13.08  ? 47  ALA A O   1 
ATOM   270  C CB  . ALA A 1 46  ? -0.880  -2.014  -7.904  1.00 10.52  ? 47  ALA A CB  1 
ATOM   271  N N   . ILE A 1 47  ? -2.340  0.006   -9.796  1.00 11.30  ? 48  ILE A N   1 
ATOM   272  C CA  . ILE A 1 47  ? -3.171  0.187   -10.988 1.00 10.08  ? 48  ILE A CA  1 
ATOM   273  C C   . ILE A 1 47  ? -2.484  1.134   -11.946 1.00 16.38  ? 48  ILE A C   1 
ATOM   274  O O   . ILE A 1 47  ? -2.627  0.998   -13.164 1.00 19.78  ? 48  ILE A O   1 
ATOM   275  C CB  . ILE A 1 47  ? -4.569  0.659   -10.645 1.00 12.12  ? 48  ILE A CB  1 
ATOM   276  C CG1 . ILE A 1 47  ? -5.397  -0.522  -10.197 1.00 12.44  ? 48  ILE A CG1 1 
ATOM   277  C CG2 . ILE A 1 47  ? -5.254  1.251   -11.862 1.00 14.64  ? 48  ILE A CG2 1 
ATOM   278  C CD1 . ILE A 1 47  ? -6.817  -0.197  -10.085 1.00 20.14  ? 48  ILE A CD1 1 
ATOM   279  N N   . ASP A 1 48  ? -1.694  2.059   -11.406 1.00 9.93   ? 49  ASP A N   1 
ATOM   280  C CA  . ASP A 1 48  ? -0.953  2.986   -12.267 1.00 8.56   ? 49  ASP A CA  1 
ATOM   281  C C   . ASP A 1 48  ? 0.141   2.252   -13.026 1.00 12.78  ? 49  ASP A C   1 
ATOM   282  O O   . ASP A 1 48  ? 0.336   2.502   -14.226 1.00 12.49  ? 49  ASP A O   1 
ATOM   283  C CB  . ASP A 1 48  ? -0.405  4.158   -11.495 1.00 9.52   ? 49  ASP A CB  1 
ATOM   284  N N   . GLU A 1 49  ? 0.816   1.307   -12.352 1.00 11.41  ? 50  GLU A N   1 
ATOM   285  C CA  . GLU A 1 49  ? 1.847   0.472   -13.009 1.00 11.60  ? 50  GLU A CA  1 
ATOM   286  C C   . GLU A 1 49  ? 1.219   -0.404  -14.139 1.00 16.24  ? 50  GLU A C   1 
ATOM   287  O O   . GLU A 1 49  ? 1.834   -0.713  -15.173 1.00 14.13  ? 50  GLU A O   1 
ATOM   288  C CB  . GLU A 1 49  ? 2.564   -0.387  -11.966 1.00 13.05  ? 50  GLU A CB  1 
ATOM   289  C CG  . GLU A 1 49  ? 3.694   -1.268  -12.518 1.00 12.30  ? 50  GLU A CG  1 
ATOM   290  C CD  . GLU A 1 49  ? 4.949   -0.509  -12.890 1.00 15.77  ? 50  GLU A CD  1 
ATOM   291  O OE1 . GLU A 1 49  ? 4.923   0.733   -12.825 1.00 11.23  ? 50  GLU A OE1 1 
ATOM   292  O OE2 . GLU A 1 49  ? 5.948   -1.158  -13.317 1.00 7.39   ? 50  GLU A OE2 1 
ATOM   293  N N   . ALA A 1 50  ? -0.044  -0.751  -13.959 1.00 12.50  ? 51  ALA A N   1 
ATOM   294  C CA  . ALA A 1 50  ? -0.752  -1.474  -14.991 1.00 14.99  ? 51  ALA A CA  1 
ATOM   295  C C   . ALA A 1 50  ? -1.073  -0.515  -16.173 1.00 20.64  ? 51  ALA A C   1 
ATOM   296  O O   . ALA A 1 50  ? -0.859  -0.875  -17.341 1.00 20.29  ? 51  ALA A O   1 
ATOM   297  C CB  . ALA A 1 50  ? -2.036  -2.060  -14.424 1.00 15.89  ? 51  ALA A CB  1 
ATOM   298  N N   . LEU A 1 51  ? -1.602  0.675   -15.880 1.00 15.04  ? 52  LEU A N   1 
ATOM   299  C CA  . LEU A 1 51  ? -1.898  1.612   -16.960 1.00 17.92  ? 52  LEU A CA  1 
ATOM   300  C C   . LEU A 1 51  ? -0.597  1.944   -17.699 1.00 23.97  ? 52  LEU A C   1 
ATOM   301  O O   . LEU A 1 51  ? -0.593  2.378   -18.842 1.00 22.37  ? 52  LEU A O   1 
ATOM   302  C CB  . LEU A 1 51  ? -2.489  2.902   -16.401 1.00 19.33  ? 52  LEU A CB  1 
ATOM   303  C CG  . LEU A 1 51  ? -4.006  3.118   -16.398 1.00 25.29  ? 52  LEU A CG  1 
ATOM   304  C CD1 . LEU A 1 51  ? -4.742  1.989   -17.051 1.00 25.96  ? 52  LEU A CD1 1 
ATOM   305  C CD2 . LEU A 1 51  ? -4.509  3.323   -14.985 1.00 27.47  ? 52  LEU A CD2 1 
ATOM   306  N N   . ALA A 1 52  ? 0.530   1.732   -17.041 1.00 22.82  ? 53  ALA A N   1 
ATOM   307  C CA  . ALA A 1 52  ? 1.804   2.052   -17.675 1.00 22.22  ? 53  ALA A CA  1 
ATOM   308  C C   . ALA A 1 52  ? 2.211   0.973   -18.660 1.00 25.13  ? 53  ALA A C   1 
ATOM   309  O O   . ALA A 1 52  ? 3.102   1.180   -19.473 1.00 23.61  ? 53  ALA A O   1 
ATOM   310  C CB  . ALA A 1 52  ? 2.926   2.311   -16.608 1.00 21.82  ? 53  ALA A CB  1 
ATOM   311  N N   . GLY A 1 53  ? 1.549   -0.180  -18.579 1.00 21.70  ? 54  GLY A N   1 
ATOM   312  C CA  . GLY A 1 53  ? 1.813   -1.306  -19.469 1.00 19.11  ? 54  GLY A CA  1 
ATOM   313  C C   . GLY A 1 53  ? 2.703   -2.398  -18.876 1.00 23.46  ? 54  GLY A C   1 
ATOM   314  O O   . GLY A 1 53  ? 3.123   -3.315  -19.598 1.00 24.44  ? 54  GLY A O   1 
ATOM   315  N N   . HIS A 1 54  ? 3.019   -2.317  -17.585 1.00 19.47  ? 55  HIS A N   1 
ATOM   316  C CA  . HIS A 1 54  ? 3.910   -3.312  -16.992 1.00 19.34  ? 55  HIS A CA  1 
ATOM   317  C C   . HIS A 1 54  ? 3.335   -4.253  -15.948 1.00 27.48  ? 55  HIS A C   1 
ATOM   318  O O   . HIS A 1 54  ? 4.068   -5.063  -15.394 1.00 33.14  ? 55  HIS A O   1 
ATOM   319  C CB  . HIS A 1 54  ? 5.152   -2.665  -16.398 1.00 19.77  ? 55  HIS A CB  1 
ATOM   320  C CG  . HIS A 1 54  ? 5.748   -1.587  -17.244 1.00 24.70  ? 55  HIS A CG  1 
ATOM   321  N ND1 . HIS A 1 54  ? 6.625   -1.862  -18.272 1.00 27.00  ? 55  HIS A ND1 1 
ATOM   322  C CD2 . HIS A 1 54  ? 5.687   -0.233  -17.146 1.00 26.86  ? 55  HIS A CD2 1 
ATOM   323  C CE1 . HIS A 1 54  ? 7.042   -0.723  -18.802 1.00 27.24  ? 55  HIS A CE1 1 
ATOM   324  N NE2 . HIS A 1 54  ? 6.496   0.278   -18.132 1.00 27.33  ? 55  HIS A NE2 1 
ATOM   325  N N   . CYS A 1 55  ? 2.062   -4.118  -15.609 1.00 20.76  ? 56  CYS A N   1 
ATOM   326  C CA  . CYS A 1 55  ? 1.478   -4.994  -14.593 1.00 18.81  ? 56  CYS A CA  1 
ATOM   327  C C   . CYS A 1 55  ? 0.196   -5.535  -15.177 1.00 20.49  ? 56  CYS A C   1 
ATOM   328  O O   . CYS A 1 55  ? -0.558  -4.783  -15.834 1.00 18.36  ? 56  CYS A O   1 
ATOM   329  C CB  . CYS A 1 55  ? 1.239   -4.247  -13.245 1.00 17.13  ? 56  CYS A CB  1 
ATOM   330  S SG  . CYS A 1 55  ? -0.030  -4.961  -12.131 1.00 19.10  ? 56  CYS A SG  1 
ATOM   331  N N   . LYS A 1 56  ? -0.010  -6.836  -14.970 1.00 13.54  ? 57  LYS A N   1 
ATOM   332  C CA  . LYS A 1 56  ? -1.159  -7.522  -15.502 1.00 13.24  ? 57  LYS A CA  1 
ATOM   333  C C   . LYS A 1 56  ? -2.053  -8.017  -14.396 1.00 19.58  ? 57  LYS A C   1 
ATOM   334  O O   . LYS A 1 56  ? -3.259  -8.166  -14.592 1.00 21.28  ? 57  LYS A O   1 
ATOM   335  C CB  . LYS A 1 56  ? -0.750  -8.671  -16.408 1.00 38.70  ? 57  LYS A CB  1 
ATOM   336  C CG  . LYS A 1 56  ? -0.344  -8.220  -17.800 1.00 38.79  ? 57  LYS A CG  1 
ATOM   337  N N   . GLU A 1 57  ? -1.473  -8.302  -13.239 1.00 18.00  ? 58  GLU A N   1 
ATOM   338  C CA  . GLU A 1 57  ? -2.285  -8.805  -12.137 1.00 17.73  ? 58  GLU A CA  1 
ATOM   339  C C   . GLU A 1 57  ? -1.984  -8.251  -10.757 1.00 15.43  ? 58  GLU A C   1 
ATOM   340  O O   . GLU A 1 57  ? -0.822  -8.122  -10.370 1.00 13.30  ? 58  GLU A O   1 
ATOM   341  C CB  . GLU A 1 57  ? -2.371  -10.330 -12.120 1.00 19.29  ? 58  GLU A CB  1 
ATOM   342  C CG  . GLU A 1 57  ? -3.687  -10.756 -11.436 1.00 36.44  ? 58  GLU A CG  1 
ATOM   343  C CD  . GLU A 1 57  ? -3.821  -12.251 -11.207 1.00 63.45  ? 58  GLU A CD  1 
ATOM   344  O OE1 . GLU A 1 57  ? -2.793  -12.958 -11.091 1.00 65.34  ? 58  GLU A OE1 1 
ATOM   345  O OE2 . GLU A 1 57  ? -4.959  -12.729 -11.120 1.00 48.41  ? 58  GLU A OE2 1 
ATOM   346  N N   . ILE A 1 58  ? -3.045  -7.950  -10.014 1.00 9.53   ? 59  ILE A N   1 
ATOM   347  C CA  . ILE A 1 58  ? -2.932  -7.390  -8.671  1.00 8.65   ? 59  ILE A CA  1 
ATOM   348  C C   . ILE A 1 58  ? -3.626  -8.290  -7.660  1.00 13.06  ? 59  ILE A C   1 
ATOM   349  O O   . ILE A 1 58  ? -4.791  -8.677  -7.876  1.00 11.89  ? 59  ILE A O   1 
ATOM   350  C CB  . ILE A 1 58  ? -3.597  -5.983  -8.584  1.00 12.31  ? 59  ILE A CB  1 
ATOM   351  C CG1 . ILE A 1 58  ? -2.859  -4.974  -9.479  1.00 12.23  ? 59  ILE A CG1 1 
ATOM   352  C CG2 . ILE A 1 58  ? -3.531  -5.458  -7.161  1.00 10.25  ? 59  ILE A CG2 1 
ATOM   353  C CD1 . ILE A 1 58  ? -3.604  -3.620  -9.732  1.00 6.54   ? 59  ILE A CD1 1 
ATOM   354  N N   . ILE A 1 59  ? -2.929  -8.618  -6.563  1.00 8.38   ? 60  ILE A N   1 
ATOM   355  C CA  . ILE A 1 59  ? -3.523  -9.471  -5.538  1.00 9.66   ? 60  ILE A CA  1 
ATOM   356  C C   . ILE A 1 59  ? -3.674  -8.808  -4.177  1.00 11.17  ? 60  ILE A C   1 
ATOM   357  O O   . ILE A 1 59  ? -2.660  -8.469  -3.549  1.00 8.65   ? 60  ILE A O   1 
ATOM   358  C CB  . ILE A 1 59  ? -2.791  -10.851 -5.386  1.00 14.33  ? 60  ILE A CB  1 
ATOM   359  C CG1 . ILE A 1 59  ? -2.856  -11.648 -6.688  1.00 13.63  ? 60  ILE A CG1 1 
ATOM   360  C CG2 . ILE A 1 59  ? -3.454  -11.711 -4.259  1.00 12.76  ? 60  ILE A CG2 1 
ATOM   361  C CD1 . ILE A 1 59  ? -1.963  -12.849 -6.672  1.00 24.65  ? 60  ILE A CD1 1 
ATOM   362  N N   . VAL A 1 60  ? -4.938  -8.648  -3.720  1.00 6.63   ? 61  VAL A N   1 
ATOM   363  C CA  . VAL A 1 60  ? -5.266  -7.963  -2.447  1.00 3.32   ? 61  VAL A CA  1 
ATOM   364  C C   . VAL A 1 60  ? -5.748  -8.948  -1.375  1.00 9.21   ? 61  VAL A C   1 
ATOM   365  O O   . VAL A 1 60  ? -6.764  -9.628  -1.558  1.00 9.48   ? 61  VAL A O   1 
ATOM   366  C CB  . VAL A 1 60  ? -6.328  -6.892  -2.683  1.00 6.81   ? 61  VAL A CB  1 
ATOM   367  C CG1 . VAL A 1 60  ? -6.753  -6.275  -1.351  1.00 7.99   ? 61  VAL A CG1 1 
ATOM   368  C CG2 . VAL A 1 60  ? -5.803  -5.784  -3.643  1.00 5.37   ? 61  VAL A CG2 1 
ATOM   369  N N   . THR A 1 61  ? -4.983  -9.067  -0.282  1.00 7.59   ? 62  THR A N   1 
ATOM   370  C CA  . THR A 1 61  ? -5.267  -10.060 0.779   1.00 6.18   ? 62  THR A CA  1 
ATOM   371  C C   . THR A 1 61  ? -5.531  -9.467  2.172   1.00 9.80   ? 62  THR A C   1 
ATOM   372  O O   . THR A 1 61  ? -4.729  -8.690  2.684   1.00 8.52   ? 62  THR A O   1 
ATOM   373  C CB  . THR A 1 61  ? -4.053  -11.038 0.949   1.00 13.90  ? 62  THR A CB  1 
ATOM   374  O OG1 . THR A 1 61  ? -3.905  -11.854 -0.217  1.00 20.39  ? 62  THR A OG1 1 
ATOM   375  C CG2 . THR A 1 61  ? -4.246  -11.931 2.145   1.00 6.10   ? 62  THR A CG2 1 
ATOM   376  N N   . ILE A 1 62  ? -6.629  -9.876  2.808   1.00 8.50   ? 63  ILE A N   1 
ATOM   377  C CA  . ILE A 1 62  ? -6.875  -9.476  4.196   1.00 8.64   ? 63  ILE A CA  1 
ATOM   378  C C   . ILE A 1 62  ? -6.364  -10.597 5.085   1.00 14.54  ? 63  ILE A C   1 
ATOM   379  O O   . ILE A 1 62  ? -6.764  -11.761 4.936   1.00 11.42  ? 63  ILE A O   1 
ATOM   380  C CB  . ILE A 1 62  ? -8.348  -9.138  4.558   1.00 10.88  ? 63  ILE A CB  1 
ATOM   381  C CG1 . ILE A 1 62  ? -8.943  -8.150  3.558   1.00 11.11  ? 63  ILE A CG1 1 
ATOM   382  C CG2 . ILE A 1 62  ? -8.386  -8.434  5.930   1.00 11.01  ? 63  ILE A CG2 1 
ATOM   383  C CD1 . ILE A 1 62  ? -10.336 -7.637  3.943   1.00 13.81  ? 63  ILE A CD1 1 
ATOM   384  N N   . HIS A 1 63  ? -5.433  -10.221 5.958   1.00 14.17  ? 64  HIS A N   1 
ATOM   385  C CA  . HIS A 1 63  ? -4.783  -11.109 6.891   1.00 12.78  ? 64  HIS A CA  1 
ATOM   386  C C   . HIS A 1 63  ? -5.541  -11.104 8.209   1.00 18.96  ? 64  HIS A C   1 
ATOM   387  O O   . HIS A 1 63  ? -6.128  -10.095 8.601   1.00 14.52  ? 64  HIS A O   1 
ATOM   388  C CB  . HIS A 1 63  ? -3.329  -10.695 7.075   1.00 13.10  ? 64  HIS A CB  1 
ATOM   389  C CG  . HIS A 1 63  ? -2.479  -11.023 5.894   1.00 17.45  ? 64  HIS A CG  1 
ATOM   390  N ND1 . HIS A 1 63  ? -1.799  -12.217 5.776   1.00 19.42  ? 64  HIS A ND1 1 
ATOM   391  C CD2 . HIS A 1 63  ? -2.238  -10.336 4.750   1.00 19.68  ? 64  HIS A CD2 1 
ATOM   392  C CE1 . HIS A 1 63  ? -1.182  -12.252 4.609   1.00 19.33  ? 64  HIS A CE1 1 
ATOM   393  N NE2 . HIS A 1 63  ? -1.418  -11.113 3.975   1.00 19.53  ? 64  HIS A NE2 1 
ATOM   394  N N   . ALA A 1 64  ? -5.547  -12.272 8.862   1.00 19.67  ? 65  ALA A N   1 
ATOM   395  C CA  . ALA A 1 64  ? -6.323  -12.514 10.068  1.00 17.35  ? 65  ALA A CA  1 
ATOM   396  C C   . ALA A 1 64  ? -5.735  -11.840 11.285  1.00 20.26  ? 65  ALA A C   1 
ATOM   397  O O   . ALA A 1 64  ? -6.323  -11.857 12.380  1.00 20.49  ? 65  ALA A O   1 
ATOM   398  C CB  . ALA A 1 64  ? -6.521  -14.001 10.278  1.00 17.41  ? 65  ALA A CB  1 
ATOM   399  N N   . ASP A 1 65  ? -4.586  -11.205 11.070  1.00 14.91  ? 66  ASP A N   1 
ATOM   400  C CA  . ASP A 1 65  ? -3.950  -10.390 12.101  1.00 12.59  ? 66  ASP A CA  1 
ATOM   401  C C   . ASP A 1 65  ? -4.361  -8.957  11.823  1.00 13.86  ? 66  ASP A C   1 
ATOM   402  O O   . ASP A 1 65  ? -3.781  -8.007  12.346  1.00 15.30  ? 66  ASP A O   1 
ATOM   403  C CB  . ASP A 1 65  ? -2.424  -10.532 12.085  1.00 12.75  ? 66  ASP A CB  1 
ATOM   404  C CG  . ASP A 1 65  ? -1.806  -10.341 10.708  1.00 23.62  ? 66  ASP A CG  1 
ATOM   405  O OD1 . ASP A 1 65  ? -2.537  -10.274 9.692   1.00 28.30  ? 66  ASP A OD1 1 
ATOM   406  O OD2 . ASP A 1 65  ? -0.554  -10.291 10.650  1.00 20.90  ? 66  ASP A OD2 1 
ATOM   407  N N   . ASN A 1 66  ? -5.369  -8.811  10.977  1.00 8.80   ? 67  ASN A N   1 
ATOM   408  C CA  . ASN A 1 66  ? -5.864  -7.478  10.617  1.00 12.11  ? 67  ASN A CA  1 
ATOM   409  C C   . ASN A 1 66  ? -4.801  -6.628  9.931   1.00 17.17  ? 67  ASN A C   1 
ATOM   410  O O   . ASN A 1 66  ? -4.590  -5.445  10.275  1.00 18.27  ? 67  ASN A O   1 
ATOM   411  C CB  . ASN A 1 66  ? -6.412  -6.702  11.835  1.00 14.85  ? 67  ASN A CB  1 
ATOM   412  C CG  . ASN A 1 66  ? -7.353  -5.553  11.431  1.00 23.75  ? 67  ASN A CG  1 
ATOM   413  O OD1 . ASN A 1 66  ? -8.220  -5.733  10.584  1.00 14.68  ? 67  ASN A OD1 1 
ATOM   414  N ND2 . ASN A 1 66  ? -7.139  -4.361  12.000  1.00 15.13  ? 67  ASN A ND2 1 
ATOM   415  N N   . SER A 1 67  ? -4.143  -7.237  8.960   1.00 13.62  ? 68  SER A N   1 
ATOM   416  C CA  . SER A 1 67  ? -3.132  -6.568  8.141   1.00 13.62  ? 68  SER A CA  1 
ATOM   417  C C   . SER A 1 67  ? -3.551  -6.822  6.680   1.00 17.32  ? 68  SER A C   1 
ATOM   418  O O   . SER A 1 67  ? -4.185  -7.847  6.375   1.00 16.43  ? 68  SER A O   1 
ATOM   419  C CB  . SER A 1 67  ? -1.704  -7.103  8.415   1.00 16.43  ? 68  SER A CB  1 
ATOM   420  O OG  . SER A 1 67  ? -1.477  -8.444  7.929   1.00 7.27   ? 68  SER A OG  1 
ATOM   421  N N   . VAL A 1 68  ? -3.246  -5.863  5.803   1.00 10.97  ? 69  VAL A N   1 
ATOM   422  C CA  . VAL A 1 68  ? -3.570  -5.962  4.386   1.00 8.20   ? 69  VAL A CA  1 
ATOM   423  C C   . VAL A 1 68  ? -2.321  -5.899  3.533   1.00 12.06  ? 69  VAL A C   1 
ATOM   424  O O   . VAL A 1 68  ? -1.380  -5.104  3.791   1.00 12.02  ? 69  VAL A O   1 
ATOM   425  C CB  . VAL A 1 68  ? -4.607  -4.883  3.922   1.00 9.50   ? 69  VAL A CB  1 
ATOM   426  C CG1 . VAL A 1 68  ? -4.772  -4.906  2.371   1.00 9.62   ? 69  VAL A CG1 1 
ATOM   427  C CG2 . VAL A 1 68  ? -5.958  -5.130  4.580   1.00 7.49   ? 69  VAL A CG2 1 
ATOM   428  N N   . SER A 1 69  ? -2.292  -6.792  2.551   1.00 9.17   ? 70  SER A N   1 
ATOM   429  C CA  . SER A 1 69  ? -1.197  -6.836  1.567   1.00 10.60  ? 70  SER A CA  1 
ATOM   430  C C   . SER A 1 69  ? -1.689  -6.657  0.101   1.00 14.13  ? 70  SER A C   1 
ATOM   431  O O   . SER A 1 69  ? -2.804  -7.098  -0.276  1.00 12.97  ? 70  SER A O   1 
ATOM   432  C CB  . SER A 1 69  ? -0.309  -8.094  1.725   1.00 14.74  ? 70  SER A CB  1 
ATOM   433  O OG  . SER A 1 69  ? -1.045  -9.308  1.603   1.00 22.80  ? 70  SER A OG  1 
ATOM   434  N N   . VAL A 1 70  ? -0.860  -5.982  -0.697  1.00 8.56   ? 71  VAL A N   1 
ATOM   435  C CA  . VAL A 1 70  ? -1.114  -5.772  -2.129  1.00 6.25   ? 71  VAL A CA  1 
ATOM   436  C C   . VAL A 1 70  ? 0.142   -6.181  -2.865  1.00 10.44  ? 71  VAL A C   1 
ATOM   437  O O   . VAL A 1 70  ? 1.187   -5.551  -2.746  1.00 9.54   ? 71  VAL A O   1 
ATOM   438  C CB  . VAL A 1 70  ? -1.377  -4.289  -2.455  1.00 9.34   ? 71  VAL A CB  1 
ATOM   439  C CG1 . VAL A 1 70  ? -1.878  -4.110  -3.873  1.00 7.86   ? 71  VAL A CG1 1 
ATOM   440  C CG2 . VAL A 1 70  ? -2.373  -3.670  -1.439  1.00 9.56   ? 71  VAL A CG2 1 
ATOM   441  N N   . GLN A 1 71  ? 0.036   -7.261  -3.616  1.00 10.13  ? 72  GLN A N   1 
ATOM   442  C CA  . GLN A 1 71  ? 1.147   -7.775  -4.450  1.00 10.07  ? 72  GLN A CA  1 
ATOM   443  C C   . GLN A 1 71  ? 0.898   -7.451  -5.928  1.00 11.97  ? 72  GLN A C   1 
ATOM   444  O O   . GLN A 1 71  ? -0.205  -7.628  -6.417  1.00 9.15   ? 72  GLN A O   1 
ATOM   445  C CB  . GLN A 1 71  ? 1.250   -9.309  -4.331  1.00 8.85   ? 72  GLN A CB  1 
ATOM   446  C CG  . GLN A 1 71  ? 2.175   -9.899  -5.370  1.00 37.50  ? 72  GLN A CG  1 
ATOM   447  C CD  . GLN A 1 71  ? 3.590   -10.187 -4.826  1.00 54.03  ? 72  GLN A CD  1 
ATOM   448  O OE1 . GLN A 1 71  ? 3.807   -11.197 -4.162  1.00 50.95  ? 72  GLN A OE1 1 
ATOM   449  N NE2 . GLN A 1 71  ? 4.549   -9.310  -5.138  1.00 29.27  ? 72  GLN A NE2 1 
ATOM   450  N N   . ASP A 1 72  ? 1.923   -7.001  -6.644  1.00 12.74  ? 73  ASP A N   1 
ATOM   451  C CA  . ASP A 1 72  ? 1.801   -6.770  -8.108  1.00 12.83  ? 73  ASP A CA  1 
ATOM   452  C C   . ASP A 1 72  ? 2.993   -7.415  -8.943  1.00 16.78  ? 73  ASP A C   1 
ATOM   453  O O   . ASP A 1 72  ? 3.995   -7.869  -8.365  1.00 13.73  ? 73  ASP A O   1 
ATOM   454  C CB  . ASP A 1 72  ? 1.469   -5.292  -8.449  1.00 11.45  ? 73  ASP A CB  1 
ATOM   455  C CG  . ASP A 1 72  ? 2.648   -4.357  -8.224  1.00 14.14  ? 73  ASP A CG  1 
ATOM   456  O OD1 . ASP A 1 72  ? 3.672   -4.613  -8.888  1.00 5.57   ? 73  ASP A OD1 1 
ATOM   457  O OD2 . ASP A 1 72  ? 2.566   -3.401  -7.379  1.00 12.00  ? 73  ASP A OD2 1 
ATOM   458  N N   . ASP A 1 73  ? 2.825   -7.548  -10.260 1.00 10.70  ? 74  ASP A N   1 
ATOM   459  C CA  . ASP A 1 73  ? 3.846   -8.125  -11.142 1.00 8.44   ? 74  ASP A CA  1 
ATOM   460  C C   . ASP A 1 73  ? 4.402   -7.050  -12.082 1.00 13.00  ? 74  ASP A C   1 
ATOM   461  O O   . ASP A 1 73  ? 4.898   -7.345  -13.156 1.00 11.97  ? 74  ASP A O   1 
ATOM   462  C CB  . ASP A 1 73  ? 3.352   -9.361  -11.938 1.00 9.38   ? 74  ASP A CB  1 
ATOM   463  C CG  . ASP A 1 73  ? 2.051   -9.101  -12.735 1.00 26.13  ? 74  ASP A CG  1 
ATOM   464  O OD1 . ASP A 1 73  ? 1.517   -7.957  -12.734 1.00 30.69  ? 74  ASP A OD1 1 
ATOM   465  O OD2 . ASP A 1 73  ? 1.543   -10.075 -13.340 1.00 21.16  ? 74  ASP A OD2 1 
ATOM   466  N N   . GLY A 1 74  ? 4.362   -5.798  -11.644 1.00 9.65   ? 75  GLY A N   1 
ATOM   467  C CA  . GLY A 1 74  ? 4.944   -4.711  -12.422 1.00 8.14   ? 75  GLY A CA  1 
ATOM   468  C C   . GLY A 1 74  ? 6.475   -4.752  -12.259 1.00 11.49  ? 75  GLY A C   1 
ATOM   469  O O   . GLY A 1 74  ? 7.020   -5.738  -11.774 1.00 10.50  ? 75  GLY A O   1 
ATOM   470  N N   . ARG A 1 75  ? 7.138   -3.652  -12.616 1.00 7.51   ? 76  ARG A N   1 
ATOM   471  C CA  . ARG A 1 75  ? 8.591   -3.545  -12.574 1.00 8.07   ? 76  ARG A CA  1 
ATOM   472  C C   . ARG A 1 75  ? 9.311   -3.659  -11.250 1.00 15.48  ? 76  ARG A C   1 
ATOM   473  O O   . ARG A 1 75  ? 10.464  -4.086  -11.246 1.00 15.14  ? 76  ARG A O   1 
ATOM   474  C CB  . ARG A 1 75  ? 9.078   -2.288  -13.289 1.00 9.79   ? 76  ARG A CB  1 
ATOM   475  C CG  . ARG A 1 75  ? 8.764   -2.247  -14.788 1.00 11.78  ? 76  ARG A CG  1 
ATOM   476  C CD  . ARG A 1 75  ? 8.934   -0.819  -15.344 1.00 14.96  ? 76  ARG A CD  1 
ATOM   477  N NE  . ARG A 1 75  ? 7.949   0.092   -14.748 1.00 19.34  ? 76  ARG A NE  1 
ATOM   478  C CZ  . ARG A 1 75  ? 7.774   1.351   -15.112 1.00 18.98  ? 76  ARG A CZ  1 
ATOM   479  N NH1 . ARG A 1 75  ? 8.477   1.871   -16.101 1.00 14.27  ? 76  ARG A NH1 1 
ATOM   480  N NH2 . ARG A 1 75  ? 6.900   2.095   -14.473 1.00 10.71  ? 76  ARG A NH2 1 
ATOM   481  N N   . GLY A 1 76  ? 8.654   -3.286  -10.139 1.00 12.96  ? 77  GLY A N   1 
ATOM   482  C CA  . GLY A 1 76  ? 9.278   -3.293  -8.809  1.00 9.64   ? 77  GLY A CA  1 
ATOM   483  C C   . GLY A 1 76  ? 9.871   -1.883  -8.659  1.00 14.70  ? 77  GLY A C   1 
ATOM   484  O O   . GLY A 1 76  ? 10.528  -1.417  -9.561  1.00 14.74  ? 77  GLY A O   1 
ATOM   485  N N   . ILE A 1 77  ? 9.567   -1.164  -7.575  1.00 12.83  ? 78  ILE A N   1 
ATOM   486  C CA  . ILE A 1 77  ? 10.087  0.207   -7.373  1.00 11.16  ? 78  ILE A CA  1 
ATOM   487  C C   . ILE A 1 77  ? 11.643  0.166   -7.454  1.00 14.09  ? 78  ILE A C   1 
ATOM   488  O O   . ILE A 1 77  ? 12.257  -0.695  -6.837  1.00 11.96  ? 78  ILE A O   1 
ATOM   489  C CB  . ILE A 1 77  ? 9.643   0.773   -5.964  1.00 13.12  ? 78  ILE A CB  1 
ATOM   490  C CG1 . ILE A 1 77  ? 8.126   0.627   -5.736  1.00 11.28  ? 78  ILE A CG1 1 
ATOM   491  C CG2 . ILE A 1 77  ? 10.174  2.206   -5.705  1.00 10.80  ? 78  ILE A CG2 1 
ATOM   492  C CD1 . ILE A 1 77  ? 7.637   1.225   -4.400  1.00 10.31  ? 78  ILE A CD1 1 
ATOM   493  N N   . PRO A 1 78  ? 12.279  1.058   -8.230  1.00 13.22  ? 79  PRO A N   1 
ATOM   494  C CA  . PRO A 1 78  ? 13.736  0.991   -8.369  1.00 12.17  ? 79  PRO A CA  1 
ATOM   495  C C   . PRO A 1 78  ? 14.423  0.843   -7.031  1.00 16.98  ? 79  PRO A C   1 
ATOM   496  O O   . PRO A 1 78  ? 14.096  1.527   -6.069  1.00 15.25  ? 79  PRO A O   1 
ATOM   497  C CB  . PRO A 1 78  ? 14.084  2.315   -9.041  1.00 12.14  ? 79  PRO A CB  1 
ATOM   498  C CG  . PRO A 1 78  ? 12.875  2.554   -9.973  1.00 15.41  ? 79  PRO A CG  1 
ATOM   499  C CD  . PRO A 1 78  ? 11.678  1.960   -9.252  1.00 12.21  ? 79  PRO A CD  1 
ATOM   500  N N   . THR A 1 79  ? 15.299  -0.155  -6.963  1.00 17.85  ? 80  THR A N   1 
ATOM   501  C CA  . THR A 1 79  ? 16.036  -0.448  -5.747  1.00 19.47  ? 80  THR A CA  1 
ATOM   502  C C   . THR A 1 79  ? 17.349  0.306   -5.517  1.00 30.92  ? 80  THR A C   1 
ATOM   503  O O   . THR A 1 79  ? 17.670  0.649   -4.396  1.00 31.10  ? 80  THR A O   1 
ATOM   504  C CB  . THR A 1 79  ? 16.261  -1.947  -5.555  1.00 20.39  ? 80  THR A CB  1 
ATOM   505  O OG1 . THR A 1 79  ? 16.680  -2.517  -6.793  1.00 21.45  ? 80  THR A OG1 1 
ATOM   506  C CG2 . THR A 1 79  ? 14.997  -2.590  -5.106  1.00 24.16  ? 80  THR A CG2 1 
ATOM   507  N N   . GLY A 1 80  ? 18.187  0.468   -6.540  1.00 32.67  ? 81  GLY A N   1 
ATOM   508  C CA  . GLY A 1 80  ? 19.471  1.130   -6.344  1.00 35.53  ? 81  GLY A CA  1 
ATOM   509  C C   . GLY A 1 80  ? 19.451  2.437   -5.540  1.00 45.99  ? 81  GLY A C   1 
ATOM   510  O O   . GLY A 1 80  ? 18.395  3.067   -5.375  1.00 49.32  ? 81  GLY A O   1 
ATOM   511  N N   . ILE A 1 81  ? 20.631  2.874   -5.123  1.00 42.14  ? 82  ILE A N   1 
ATOM   512  C CA  . ILE A 1 81  ? 20.829  4.157   -4.432  1.00 43.93  ? 82  ILE A CA  1 
ATOM   513  C C   . ILE A 1 81  ? 20.501  5.349   -5.347  1.00 100.00 ? 82  ILE A C   1 
ATOM   514  O O   . ILE A 1 81  ? 20.809  5.340   -6.552  1.00 89.61  ? 82  ILE A O   1 
ATOM   515  C CB  . ILE A 1 81  ? 22.290  4.311   -3.931  1.00 46.62  ? 82  ILE A CB  1 
ATOM   516  C CG1 . ILE A 1 81  ? 22.981  2.940   -3.790  1.00 47.76  ? 82  ILE A CG1 1 
ATOM   517  C CG2 . ILE A 1 81  ? 22.307  5.039   -2.626  1.00 46.82  ? 82  ILE A CG2 1 
ATOM   518  C CD1 . ILE A 1 81  ? 22.303  1.981   -2.823  1.00 58.95  ? 82  ILE A CD1 1 
ATOM   519  N N   . VAL A 1 87  ? 20.594  6.067   0.625   1.00 32.49  ? 88  VAL A N   1 
ATOM   520  C CA  . VAL A 1 87  ? 19.164  5.746   0.674   1.00 29.95  ? 88  VAL A CA  1 
ATOM   521  C C   . VAL A 1 87  ? 18.687  5.359   -0.689  1.00 27.63  ? 88  VAL A C   1 
ATOM   522  O O   . VAL A 1 87  ? 18.946  6.068   -1.650  1.00 24.54  ? 88  VAL A O   1 
ATOM   523  C CB  . VAL A 1 87  ? 18.297  6.955   1.102   1.00 33.63  ? 88  VAL A CB  1 
ATOM   524  C CG1 . VAL A 1 87  ? 16.826  6.722   0.753   1.00 32.96  ? 88  VAL A CG1 1 
ATOM   525  C CG2 . VAL A 1 87  ? 18.438  7.193   2.595   1.00 34.03  ? 88  VAL A CG2 1 
ATOM   526  N N   . SER A 1 88  ? 17.939  4.261   -0.765  1.00 22.83  ? 89  SER A N   1 
ATOM   527  C CA  . SER A 1 88  ? 17.368  3.820   -2.054  1.00 19.71  ? 89  SER A CA  1 
ATOM   528  C C   . SER A 1 88  ? 16.187  4.711   -2.475  1.00 22.15  ? 89  SER A C   1 
ATOM   529  O O   . SER A 1 88  ? 15.535  5.396   -1.651  1.00 22.69  ? 89  SER A O   1 
ATOM   530  C CB  . SER A 1 88  ? 16.920  2.368   -1.982  1.00 13.96  ? 89  SER A CB  1 
ATOM   531  O OG  . SER A 1 88  ? 16.037  2.205   -0.890  1.00 21.17  ? 89  SER A OG  1 
ATOM   532  N N   . ALA A 1 89  ? 15.929  4.718   -3.769  1.00 16.35  ? 90  ALA A N   1 
ATOM   533  C CA  . ALA A 1 89  ? 14.848  5.524   -4.291  1.00 16.68  ? 90  ALA A CA  1 
ATOM   534  C C   . ALA A 1 89  ? 13.550  4.991   -3.712  1.00 18.85  ? 90  ALA A C   1 
ATOM   535  O O   . ALA A 1 89  ? 12.602  5.739   -3.468  1.00 18.72  ? 90  ALA A O   1 
ATOM   536  C CB  . ALA A 1 89  ? 14.837  5.476   -5.845  1.00 17.91  ? 90  ALA A CB  1 
ATOM   537  N N   . ALA A 1 90  ? 13.529  3.685   -3.462  1.00 15.37  ? 91  ALA A N   1 
ATOM   538  C CA  . ALA A 1 90  ? 12.348  3.071   -2.881  1.00 15.02  ? 91  ALA A CA  1 
ATOM   539  C C   . ALA A 1 90  ? 12.087  3.634   -1.461  1.00 17.00  ? 91  ALA A C   1 
ATOM   540  O O   . ALA A 1 90  ? 10.954  4.001   -1.101  1.00 14.32  ? 91  ALA A O   1 
ATOM   541  C CB  . ALA A 1 90  ? 12.487  1.556   -2.885  1.00 15.28  ? 91  ALA A CB  1 
ATOM   542  N N   . GLU A 1 91  ? 13.162  3.761   -0.691  1.00 14.79  ? 92  GLU A N   1 
ATOM   543  C CA  . GLU A 1 91  ? 13.080  4.306   0.662   1.00 14.02  ? 92  GLU A CA  1 
ATOM   544  C C   . GLU A 1 91  ? 12.507  5.707   0.554   1.00 17.32  ? 92  GLU A C   1 
ATOM   545  O O   . GLU A 1 91  ? 11.604  6.083   1.303   1.00 14.29  ? 92  GLU A O   1 
ATOM   546  C CB  . GLU A 1 91  ? 14.459  4.343   1.335   1.00 14.82  ? 92  GLU A CB  1 
ATOM   547  C CG  . GLU A 1 91  ? 14.502  5.204   2.599   1.00 16.49  ? 92  GLU A CG  1 
ATOM   548  C CD  . GLU A 1 91  ? 15.435  4.676   3.721   1.00 26.14  ? 92  GLU A CD  1 
ATOM   549  O OE1 . GLU A 1 91  ? 16.077  3.618   3.571   1.00 17.29  ? 92  GLU A OE1 1 
ATOM   550  O OE2 . GLU A 1 91  ? 15.541  5.343   4.771   1.00 21.32  ? 92  GLU A OE2 1 
ATOM   551  N N   . VAL A 1 92  ? 12.971  6.433   -0.459  1.00 14.32  ? 93  VAL A N   1 
ATOM   552  C CA  . VAL A 1 92  ? 12.491  7.790   -0.699  1.00 14.75  ? 93  VAL A CA  1 
ATOM   553  C C   . VAL A 1 92  ? 10.996  7.847   -0.971  1.00 16.68  ? 93  VAL A C   1 
ATOM   554  O O   . VAL A 1 92  ? 10.287  8.668   -0.384  1.00 14.79  ? 93  VAL A O   1 
ATOM   555  C CB  . VAL A 1 92  ? 13.300  8.490   -1.815  1.00 21.37  ? 93  VAL A CB  1 
ATOM   556  C CG1 . VAL A 1 92  ? 12.676  9.857   -2.187  1.00 20.91  ? 93  VAL A CG1 1 
ATOM   557  C CG2 . VAL A 1 92  ? 14.762  8.686   -1.345  1.00 21.59  ? 93  VAL A CG2 1 
ATOM   558  N N   . ILE A 1 93  ? 10.501  6.954   -1.831  1.00 13.28  ? 94  ILE A N   1 
ATOM   559  C CA  . ILE A 1 93  ? 9.054   6.889   -2.143  1.00 9.69   ? 94  ILE A CA  1 
ATOM   560  C C   . ILE A 1 93  ? 8.271   6.547   -0.886  1.00 12.83  ? 94  ILE A C   1 
ATOM   561  O O   . ILE A 1 93  ? 7.157   6.997   -0.687  1.00 10.86  ? 94  ILE A O   1 
ATOM   562  C CB  . ILE A 1 93  ? 8.730   5.820   -3.247  1.00 10.71  ? 94  ILE A CB  1 
ATOM   563  C CG1 . ILE A 1 93  ? 9.339   6.215   -4.618  1.00 11.77  ? 94  ILE A CG1 1 
ATOM   564  C CG2 . ILE A 1 93  ? 7.240   5.535   -3.367  1.00 7.19   ? 94  ILE A CG2 1 
ATOM   565  C CD1 . ILE A 1 93  ? 8.717   7.428   -5.274  1.00 12.17  ? 94  ILE A CD1 1 
ATOM   566  N N   . MET A 1 94  ? 8.849   5.718   -0.035  1.00 11.43  ? 95  MET A N   1 
ATOM   567  C CA  . MET A 1 94  ? 8.137   5.314   1.161   1.00 11.42  ? 95  MET A CA  1 
ATOM   568  C C   . MET A 1 94  ? 8.146   6.336   2.280   1.00 15.23  ? 95  MET A C   1 
ATOM   569  O O   . MET A 1 94  ? 7.311   6.245   3.161   1.00 14.13  ? 95  MET A O   1 
ATOM   570  C CB  . MET A 1 94  ? 8.728   4.005   1.674   1.00 14.45  ? 95  MET A CB  1 
ATOM   571  C CG  . MET A 1 94  ? 8.616   2.858   0.686   1.00 17.44  ? 95  MET A CG  1 
ATOM   572  S SD  . MET A 1 94  ? 6.937   2.275   0.724   1.00 22.75  ? 95  MET A SD  1 
ATOM   573  C CE  . MET A 1 94  ? 6.540   2.469   -0.907  1.00 20.06  ? 95  MET A CE  1 
ATOM   574  N N   . THR A 1 95  ? 9.082   7.287   2.271   1.00 10.45  ? 96  THR A N   1 
ATOM   575  C CA  . THR A 1 95  ? 9.204   8.209   3.394   1.00 12.26  ? 96  THR A CA  1 
ATOM   576  C C   . THR A 1 95  ? 9.036   9.704   3.116   1.00 21.90  ? 96  THR A C   1 
ATOM   577  O O   . THR A 1 95  ? 9.110   10.516  4.062   1.00 20.73  ? 96  THR A O   1 
ATOM   578  C CB  . THR A 1 95  ? 10.602  8.082   4.046   1.00 23.19  ? 96  THR A CB  1 
ATOM   579  O OG1 . THR A 1 95  ? 11.569  8.039   3.002   1.00 25.23  ? 96  THR A OG1 1 
ATOM   580  C CG2 . THR A 1 95  ? 10.750  6.816   4.926   1.00 18.74  ? 96  THR A CG2 1 
ATOM   581  N N   . VAL A 1 96  ? 8.885   10.084  1.842   1.00 16.93  ? 97  VAL A N   1 
ATOM   582  C CA  . VAL A 1 96  ? 8.750   11.497  1.486   1.00 14.30  ? 97  VAL A CA  1 
ATOM   583  C C   . VAL A 1 96  ? 7.422   11.882  0.844   1.00 16.71  ? 97  VAL A C   1 
ATOM   584  O O   . VAL A 1 96  ? 6.964   11.238  -0.103  1.00 13.51  ? 97  VAL A O   1 
ATOM   585  C CB  . VAL A 1 96  ? 9.852   11.915  0.499   1.00 18.41  ? 97  VAL A CB  1 
ATOM   586  C CG1 . VAL A 1 96  ? 9.597   13.360  0.011   1.00 18.21  ? 97  VAL A CG1 1 
ATOM   587  C CG2 . VAL A 1 96  ? 11.268  11.722  1.114   1.00 16.49  ? 97  VAL A CG2 1 
ATOM   588  N N   . LEU A 1 97  ? 6.851   12.986  1.322   1.00 18.58  ? 98  LEU A N   1 
ATOM   589  C CA  . LEU A 1 97  ? 5.562   13.527  0.842   1.00 21.78  ? 98  LEU A CA  1 
ATOM   590  C C   . LEU A 1 97  ? 5.635   13.973  -0.635  1.00 28.85  ? 98  LEU A C   1 
ATOM   591  O O   . LEU A 1 97  ? 6.530   14.752  -0.993  1.00 30.91  ? 98  LEU A O   1 
ATOM   592  C CB  . LEU A 1 97  ? 5.155   14.722  1.718   1.00 22.07  ? 98  LEU A CB  1 
ATOM   593  C CG  . LEU A 1 97  ? 3.878   14.733  2.558   1.00 27.27  ? 98  LEU A CG  1 
ATOM   594  C CD1 . LEU A 1 97  ? 3.139   16.075  2.397   1.00 27.65  ? 98  LEU A CD1 1 
ATOM   595  C CD2 . LEU A 1 97  ? 2.970   13.519  2.320   1.00 28.90  ? 98  LEU A CD2 1 
ATOM   596  N N   . HIS A 1 98  ? 4.678   13.515  -1.459  1.00 23.47  ? 99  HIS A N   1 
ATOM   597  C CA  . HIS A 1 98  ? 4.677   13.744  -2.917  1.00 23.39  ? 99  HIS A CA  1 
ATOM   598  C C   . HIS A 1 98  ? 6.103   13.755  -3.524  1.00 23.16  ? 99  HIS A C   1 
ATOM   599  O O   . HIS A 1 98  ? 6.509   14.694  -4.213  1.00 19.70  ? 99  HIS A O   1 
ATOM   600  C CB  . HIS A 1 98  ? 3.824   14.955  -3.343  1.00 23.95  ? 99  HIS A CB  1 
ATOM   601  C CG  . HIS A 1 98  ? 4.057   16.164  -2.510  1.00 27.60  ? 99  HIS A CG  1 
ATOM   602  N ND1 . HIS A 1 98  ? 5.289   16.784  -2.421  1.00 30.48  ? 99  HIS A ND1 1 
ATOM   603  C CD2 . HIS A 1 98  ? 3.235   16.839  -1.677  1.00 29.44  ? 99  HIS A CD2 1 
ATOM   604  C CE1 . HIS A 1 98  ? 5.210   17.797  -1.574  1.00 29.48  ? 99  HIS A CE1 1 
ATOM   605  N NE2 . HIS A 1 98  ? 3.980   17.841  -1.095  1.00 29.74  ? 99  HIS A NE2 1 
ATOM   606  N N   . ALA A 1 99  ? 6.850   12.701  -3.188  1.00 20.27  ? 100 ALA A N   1 
ATOM   607  C CA  . ALA A 1 99  ? 8.237   12.493  -3.609  1.00 20.15  ? 100 ALA A CA  1 
ATOM   608  C C   . ALA A 1 99  ? 8.499   12.881  -5.065  1.00 28.60  ? 100 ALA A C   1 
ATOM   609  O O   . ALA A 1 99  ? 7.943   12.275  -5.979  1.00 28.88  ? 100 ALA A O   1 
ATOM   610  C CB  . ALA A 1 99  ? 8.648   11.033  -3.349  1.00 19.64  ? 100 ALA A CB  1 
ATOM   611  N N   . GLY A 1 100 ? 9.347   13.892  -5.262  1.00 26.54  ? 101 GLY A N   1 
ATOM   612  C CA  . GLY A 1 100 ? 9.687   14.382  -6.589  1.00 27.61  ? 101 GLY A CA  1 
ATOM   613  C C   . GLY A 1 100 ? 8.648   15.327  -7.216  1.00 37.92  ? 101 GLY A C   1 
ATOM   614  O O   . GLY A 1 100 ? 8.871   15.863  -8.299  1.00 36.94  ? 101 GLY A O   1 
ATOM   615  N N   . GLY A 1 101 ? 7.492   15.502  -6.567  1.00 39.79  ? 102 GLY A N   1 
ATOM   616  C CA  . GLY A 1 101 ? 6.432   16.331  -7.158  1.00 39.19  ? 102 GLY A CA  1 
ATOM   617  C C   . GLY A 1 101 ? 5.565   17.179  -6.227  1.00 41.89  ? 102 GLY A C   1 
ATOM   618  O O   . GLY A 1 101 ? 6.045   17.797  -5.281  1.00 42.47  ? 102 GLY A O   1 
ATOM   619  N N   . LYS A 1 102 ? 4.283   17.245  -6.569  1.00 39.05  ? 103 LYS A N   1 
ATOM   620  C CA  . LYS A 1 102 ? 3.295   18.045  -5.853  1.00 38.53  ? 103 LYS A CA  1 
ATOM   621  C C   . LYS A 1 102 ? 1.958   17.315  -5.929  1.00 45.78  ? 103 LYS A C   1 
ATOM   622  O O   . LYS A 1 102 ? 1.776   16.467  -6.804  1.00 47.27  ? 103 LYS A O   1 
ATOM   623  C CB  . LYS A 1 102 ? 3.180   19.421  -6.496  1.00 38.62  ? 103 LYS A CB  1 
ATOM   624  N N   . PHE A 1 103 ? 1.028   17.652  -5.028  1.00 42.40  ? 104 PHE A N   1 
ATOM   625  C CA  . PHE A 1 103 ? -0.296  17.022  -4.958  1.00 51.39  ? 104 PHE A CA  1 
ATOM   626  C C   . PHE A 1 103 ? -1.327  17.534  -5.964  1.00 78.61  ? 104 PHE A C   1 
ATOM   627  O O   . PHE A 1 103 ? -1.299  18.694  -6.374  1.00 37.92  ? 104 PHE A O   1 
ATOM   628  C CB  . PHE A 1 103 ? -0.858  17.111  -3.538  1.00 53.19  ? 104 PHE A CB  1 
ATOM   629  C CG  . PHE A 1 103 ? -0.305  16.074  -2.612  1.00 54.80  ? 104 PHE A CG  1 
ATOM   630  C CD1 . PHE A 1 103 ? -0.184  14.763  -3.026  1.00 58.35  ? 104 PHE A CD1 1 
ATOM   631  C CD2 . PHE A 1 103 ? 0.131   16.415  -1.344  1.00 57.72  ? 104 PHE A CD2 1 
ATOM   632  C CE1 . PHE A 1 103 ? 0.347   13.801  -2.186  1.00 60.02  ? 104 PHE A CE1 1 
ATOM   633  C CE2 . PHE A 1 103 ? 0.662   15.460  -0.493  1.00 60.93  ? 104 PHE A CE2 1 
ATOM   634  C CZ  . PHE A 1 103 ? 0.773   14.150  -0.917  1.00 59.21  ? 104 PHE A CZ  1 
ATOM   635  N N   . SER A 1 111 ? -13.804 14.950  3.552   1.00 69.31  ? 112 SER A N   1 
ATOM   636  C CA  . SER A 1 111 ? -13.958 13.773  4.414   1.00 68.48  ? 112 SER A CA  1 
ATOM   637  C C   . SER A 1 111 ? -13.270 12.534  3.831   1.00 64.59  ? 112 SER A C   1 
ATOM   638  O O   . SER A 1 111 ? -13.279 11.460  4.452   1.00 64.04  ? 112 SER A O   1 
ATOM   639  C CB  . SER A 1 111 ? -15.437 13.487  4.694   1.00 72.61  ? 112 SER A CB  1 
ATOM   640  O OG  . SER A 1 111 ? -15.621 12.622  5.805   1.00 85.41  ? 112 SER A OG  1 
ATOM   641  N N   . GLY A 1 112 ? -12.658 12.691  2.661   1.00 53.17  ? 113 GLY A N   1 
ATOM   642  C CA  . GLY A 1 112 ? -11.957 11.590  2.009   1.00 49.97  ? 113 GLY A CA  1 
ATOM   643  C C   . GLY A 1 112 ? -10.434 11.740  2.081   1.00 50.40  ? 113 GLY A C   1 
ATOM   644  O O   . GLY A 1 112 ? -9.681  10.843  1.674   1.00 48.16  ? 113 GLY A O   1 
ATOM   645  N N   . GLY A 1 113 ? -10.000 12.896  2.575   1.00 43.28  ? 114 GLY A N   1 
ATOM   646  C CA  . GLY A 1 113 ? -8.575  13.186  2.683   1.00 41.72  ? 114 GLY A CA  1 
ATOM   647  C C   . GLY A 1 113 ? -8.102  13.546  1.294   1.00 42.21  ? 114 GLY A C   1 
ATOM   648  O O   . GLY A 1 113 ? -8.879  14.016  0.476   1.00 40.55  ? 114 GLY A O   1 
ATOM   649  N N   . LEU A 1 114 ? -6.833  13.295  1.022   1.00 39.58  ? 115 LEU A N   1 
ATOM   650  C CA  . LEU A 1 114 ? -6.285  13.630  -0.268  1.00 40.19  ? 115 LEU A CA  1 
ATOM   651  C C   . LEU A 1 114 ? -6.325  12.475  -1.276  1.00 45.37  ? 115 LEU A C   1 
ATOM   652  O O   . LEU A 1 114 ? -6.117  11.311  -0.936  1.00 46.42  ? 115 LEU A O   1 
ATOM   653  C CB  . LEU A 1 114 ? -4.848  14.082  -0.109  1.00 40.22  ? 115 LEU A CB  1 
ATOM   654  C CG  . LEU A 1 114 ? -4.609  15.570  0.059   1.00 45.49  ? 115 LEU A CG  1 
ATOM   655  C CD1 . LEU A 1 114 ? -3.271  15.768  0.762   1.00 46.02  ? 115 LEU A CD1 1 
ATOM   656  C CD2 . LEU A 1 114 ? -4.631  16.279  -1.305  1.00 47.89  ? 115 LEU A CD2 1 
ATOM   657  N N   . HIS A 1 115 ? -6.508  12.842  -2.538  1.00 39.76  ? 116 HIS A N   1 
ATOM   658  C CA  . HIS A 1 115 ? -6.433  11.835  -3.574  1.00 39.71  ? 116 HIS A CA  1 
ATOM   659  C C   . HIS A 1 115 ? -4.953  11.695  -4.007  1.00 40.26  ? 116 HIS A C   1 
ATOM   660  O O   . HIS A 1 115 ? -4.173  12.657  -3.932  1.00 38.68  ? 116 HIS A O   1 
ATOM   661  C CB  . HIS A 1 115 ? -7.365  12.158  -4.734  1.00 41.35  ? 116 HIS A CB  1 
ATOM   662  C CG  . HIS A 1 115 ? -7.324  11.146  -5.824  1.00 45.73  ? 116 HIS A CG  1 
ATOM   663  N ND1 . HIS A 1 115 ? -7.743  9.847   -5.644  1.00 48.18  ? 116 HIS A ND1 1 
ATOM   664  C CD2 . HIS A 1 115 ? -6.851  11.216  -7.084  1.00 48.10  ? 116 HIS A CD2 1 
ATOM   665  C CE1 . HIS A 1 115 ? -7.554  9.164   -6.761  1.00 47.82  ? 116 HIS A CE1 1 
ATOM   666  N NE2 . HIS A 1 115 ? -7.021  9.977   -7.661  1.00 48.08  ? 116 HIS A NE2 1 
ATOM   667  N N   . GLY A 1 116 ? -4.553  10.467  -4.347  1.00 33.84  ? 117 GLY A N   1 
ATOM   668  C CA  . GLY A 1 116 ? -3.158  10.196  -4.670  1.00 32.68  ? 117 GLY A CA  1 
ATOM   669  C C   . GLY A 1 116 ? -2.202  10.720  -3.569  1.00 33.27  ? 117 GLY A C   1 
ATOM   670  O O   . GLY A 1 116 ? -1.128  11.238  -3.876  1.00 30.65  ? 117 GLY A O   1 
ATOM   671  N N   . VAL A 1 117 ? -2.562  10.565  -2.297  1.00 29.58  ? 118 VAL A N   1 
ATOM   672  C CA  . VAL A 1 117 ? -1.693  11.071  -1.217  1.00 28.02  ? 118 VAL A CA  1 
ATOM   673  C C   . VAL A 1 117 ? -0.305  10.430  -1.186  1.00 30.54  ? 118 VAL A C   1 
ATOM   674  O O   . VAL A 1 117 ? 0.582   10.925  -0.486  1.00 32.15  ? 118 VAL A O   1 
ATOM   675  C CB  . VAL A 1 117 ? -2.261  10.847  0.192   1.00 30.78  ? 118 VAL A CB  1 
ATOM   676  C CG1 . VAL A 1 117 ? -2.933  12.041  0.697   1.00 31.29  ? 118 VAL A CG1 1 
ATOM   677  C CG2 . VAL A 1 117 ? -3.101  9.592   0.279   1.00 29.85  ? 118 VAL A CG2 1 
ATOM   678  N N   . GLY A 1 118 ? -0.115  9.316   -1.886  1.00 22.69  ? 119 GLY A N   1 
ATOM   679  C CA  . GLY A 1 118 ? 1.181   8.644   -1.870  1.00 21.63  ? 119 GLY A CA  1 
ATOM   680  C C   . GLY A 1 118 ? 1.256   7.561   -0.763  1.00 23.57  ? 119 GLY A C   1 
ATOM   681  O O   . GLY A 1 118 ? 0.632   7.664   0.313   1.00 19.79  ? 119 GLY A O   1 
ATOM   682  N N   . VAL A 1 119 ? 2.045   6.523   -1.032  1.00 19.45  ? 120 VAL A N   1 
ATOM   683  C CA  . VAL A 1 119 ? 2.233   5.450   -0.064  1.00 17.18  ? 120 VAL A CA  1 
ATOM   684  C C   . VAL A 1 119 ? 3.003   5.895   1.210   1.00 19.49  ? 120 VAL A C   1 
ATOM   685  O O   . VAL A 1 119 ? 2.899   5.238   2.254   1.00 20.44  ? 120 VAL A O   1 
ATOM   686  C CB  . VAL A 1 119 ? 2.787   4.153   -0.739  1.00 18.11  ? 120 VAL A CB  1 
ATOM   687  C CG1 . VAL A 1 119 ? 4.195   4.339   -1.272  1.00 15.02  ? 120 VAL A CG1 1 
ATOM   688  C CG2 . VAL A 1 119 ? 2.716   2.959   0.224   1.00 18.77  ? 120 VAL A CG2 1 
ATOM   689  N N   . SER A 1 120 ? 3.719   7.029   1.140   1.00 13.37  ? 121 SER A N   1 
ATOM   690  C CA  . SER A 1 120 ? 4.476   7.542   2.305   1.00 12.90  ? 121 SER A CA  1 
ATOM   691  C C   . SER A 1 120 ? 3.522   7.907   3.432   1.00 14.50  ? 121 SER A C   1 
ATOM   692  O O   . SER A 1 120 ? 3.822   7.740   4.595   1.00 13.68  ? 121 SER A O   1 
ATOM   693  C CB  . SER A 1 120 ? 5.353   8.747   1.956   1.00 16.07  ? 121 SER A CB  1 
ATOM   694  O OG  . SER A 1 120 ? 4.717   9.631   1.049   1.00 17.56  ? 121 SER A OG  1 
ATOM   695  N N   . VAL A 1 121 ? 2.339   8.362   3.075   1.00 11.11  ? 122 VAL A N   1 
ATOM   696  C CA  . VAL A 1 121 ? 1.301   8.672   4.058   1.00 9.95   ? 122 VAL A CA  1 
ATOM   697  C C   . VAL A 1 121 ? 0.716   7.365   4.677   1.00 14.03  ? 122 VAL A C   1 
ATOM   698  O O   . VAL A 1 121 ? 0.416   7.285   5.883   1.00 11.22  ? 122 VAL A O   1 
ATOM   699  C CB  . VAL A 1 121 ? 0.218   9.506   3.361   1.00 11.18  ? 122 VAL A CB  1 
ATOM   700  C CG1 . VAL A 1 121 ? -1.108  9.517   4.138   1.00 9.93   ? 122 VAL A CG1 1 
ATOM   701  C CG2 . VAL A 1 121 ? 0.739   10.849  3.118   1.00 9.79   ? 122 VAL A CG2 1 
ATOM   702  N N   . VAL A 1 122 ? 0.594   6.316   3.860   1.00 11.77  ? 123 VAL A N   1 
ATOM   703  C CA  . VAL A 1 122 ? 0.107   5.033   4.380   1.00 11.44  ? 123 VAL A CA  1 
ATOM   704  C C   . VAL A 1 122 ? 1.211   4.508   5.306   1.00 15.02  ? 123 VAL A C   1 
ATOM   705  O O   . VAL A 1 122 ? 0.936   4.030   6.397   1.00 15.13  ? 123 VAL A O   1 
ATOM   706  C CB  . VAL A 1 122 ? -0.188  3.997   3.244   1.00 13.65  ? 123 VAL A CB  1 
ATOM   707  C CG1 . VAL A 1 122 ? -0.458  2.658   3.813   1.00 11.80  ? 123 VAL A CG1 1 
ATOM   708  C CG2 . VAL A 1 122 ? -1.371  4.450   2.370   1.00 12.31  ? 123 VAL A CG2 1 
ATOM   709  N N   . ASN A 1 123 ? 2.466   4.687   4.909   1.00 10.05  ? 124 ASN A N   1 
ATOM   710  C CA  . ASN A 1 123 ? 3.580   4.261   5.771   1.00 10.56  ? 124 ASN A CA  1 
ATOM   711  C C   . ASN A 1 123 ? 3.572   4.961   7.134   1.00 16.93  ? 124 ASN A C   1 
ATOM   712  O O   . ASN A 1 123 ? 3.661   4.324   8.181   1.00 19.72  ? 124 ASN A O   1 
ATOM   713  C CB  . ASN A 1 123 ? 4.941   4.437   5.067   1.00 7.68   ? 124 ASN A CB  1 
ATOM   714  C CG  . ASN A 1 123 ? 6.070   3.665   5.747   1.00 13.21  ? 124 ASN A CG  1 
ATOM   715  O OD1 . ASN A 1 123 ? 5.836   2.756   6.534   1.00 1.00   ? 124 ASN A OD1 1 
ATOM   716  N ND2 . ASN A 1 123 ? 7.312   4.046   5.450   1.00 9.16   ? 124 ASN A ND2 1 
ATOM   717  N N   . ALA A 1 124 ? 3.419   6.271   7.122   1.00 11.30  ? 125 ALA A N   1 
ATOM   718  C CA  . ALA A 1 124 ? 3.415   7.061   8.349   1.00 11.46  ? 125 ALA A CA  1 
ATOM   719  C C   . ALA A 1 124 ? 2.304   6.711   9.318   1.00 12.82  ? 125 ALA A C   1 
ATOM   720  O O   . ALA A 1 124 ? 2.492   6.836   10.531  1.00 7.82   ? 125 ALA A O   1 
ATOM   721  C CB  . ALA A 1 124 ? 3.384   8.580   8.022   1.00 12.64  ? 125 ALA A CB  1 
ATOM   722  N N   . LEU A 1 125 ? 1.148   6.315   8.774   1.00 9.96   ? 126 LEU A N   1 
ATOM   723  C CA  . LEU A 1 125 ? -0.018  6.006   9.588   1.00 8.59   ? 126 LEU A CA  1 
ATOM   724  C C   . LEU A 1 125 ? -0.161  4.537   9.926   1.00 11.52  ? 126 LEU A C   1 
ATOM   725  O O   . LEU A 1 125 ? -1.170  4.112   10.458  1.00 9.50   ? 126 LEU A O   1 
ATOM   726  C CB  . LEU A 1 125 ? -1.290  6.576   8.959   1.00 8.56   ? 126 LEU A CB  1 
ATOM   727  C CG  . LEU A 1 125 ? -1.249  8.097   8.652   1.00 11.75  ? 126 LEU A CG  1 
ATOM   728  C CD1 . LEU A 1 125 ? -2.583  8.628   8.098   1.00 9.47   ? 126 LEU A CD1 1 
ATOM   729  C CD2 . LEU A 1 125 ? -0.739  8.977   9.826   1.00 10.21  ? 126 LEU A CD2 1 
ATOM   730  N N   . SER A 1 126 ? 0.932   3.806   9.713   1.00 11.00  ? 127 SER A N   1 
ATOM   731  C CA  . SER A 1 126 ? 1.044   2.348   9.949   1.00 10.03  ? 127 SER A CA  1 
ATOM   732  C C   . SER A 1 126 ? 1.961   2.017   11.157  1.00 14.84  ? 127 SER A C   1 
ATOM   733  O O   . SER A 1 126 ? 3.086   2.467   11.252  1.00 9.32   ? 127 SER A O   1 
ATOM   734  C CB  . SER A 1 126 ? 1.670   1.684   8.692   1.00 8.71   ? 127 SER A CB  1 
ATOM   735  O OG  . SER A 1 126 ? 0.722   1.460   7.647   1.00 9.80   ? 127 SER A OG  1 
ATOM   736  N N   . GLN A 1 127 ? 1.468   1.217   12.083  1.00 17.15  ? 128 GLN A N   1 
ATOM   737  C CA  . GLN A 1 127 ? 2.285   0.795   13.193  1.00 17.16  ? 128 GLN A CA  1 
ATOM   738  C C   . GLN A 1 127 ? 3.467   0.027   12.566  1.00 22.70  ? 128 GLN A C   1 
ATOM   739  O O   . GLN A 1 127 ? 4.593   0.057   13.060  1.00 23.26  ? 128 GLN A O   1 
ATOM   740  C CB  . GLN A 1 127 ? 1.440   -0.143  14.093  1.00 18.65  ? 128 GLN A CB  1 
ATOM   741  N N   . LYS A 1 128 ? 3.210   -0.669  11.463  1.00 18.99  ? 129 LYS A N   1 
ATOM   742  C CA  . LYS A 1 128 ? 4.277   -1.407  10.804  1.00 17.40  ? 129 LYS A CA  1 
ATOM   743  C C   . LYS A 1 128 ? 3.986   -1.605  9.309   1.00 16.86  ? 129 LYS A C   1 
ATOM   744  O O   . LYS A 1 128 ? 2.820   -1.796  8.903   1.00 16.99  ? 129 LYS A O   1 
ATOM   745  C CB  . LYS A 1 128 ? 4.479   -2.758  11.489  1.00 20.74  ? 129 LYS A CB  1 
ATOM   746  C CG  . LYS A 1 128 ? 5.217   -3.782  10.626  1.00 29.08  ? 129 LYS A CG  1 
ATOM   747  C CD  . LYS A 1 128 ? 6.553   -4.184  11.261  1.00 41.99  ? 129 LYS A CD  1 
ATOM   748  C CE  . LYS A 1 128 ? 6.462   -4.251  12.779  1.00 52.04  ? 129 LYS A CE  1 
ATOM   749  N NZ  . LYS A 1 128 ? 7.065   -5.513  13.290  1.00 73.05  ? 129 LYS A NZ  1 
ATOM   750  N N   . LEU A 1 129 ? 5.033   -1.534  8.490   1.00 8.07   ? 130 LEU A N   1 
ATOM   751  C CA  . LEU A 1 129 ? 4.858   -1.716  7.060   1.00 8.04   ? 130 LEU A CA  1 
ATOM   752  C C   . LEU A 1 129 ? 5.995   -2.554  6.537   1.00 12.35  ? 130 LEU A C   1 
ATOM   753  O O   . LEU A 1 129 ? 7.141   -2.315  6.882   1.00 13.39  ? 130 LEU A O   1 
ATOM   754  C CB  . LEU A 1 129 ? 4.798   -0.372  6.320   1.00 7.71   ? 130 LEU A CB  1 
ATOM   755  C CG  . LEU A 1 129 ? 4.518   -0.425  4.796   1.00 8.45   ? 130 LEU A CG  1 
ATOM   756  C CD1 . LEU A 1 129 ? 3.587   0.723   4.327   1.00 1.63   ? 130 LEU A CD1 1 
ATOM   757  C CD2 . LEU A 1 129 ? 5.829   -0.440  3.984   1.00 9.17   ? 130 LEU A CD2 1 
ATOM   758  N N   . GLU A 1 130 ? 5.683   -3.554  5.721   1.00 8.15   ? 131 GLU A N   1 
ATOM   759  C CA  . GLU A 1 130 ? 6.734   -4.417  5.183   1.00 8.25   ? 131 GLU A CA  1 
ATOM   760  C C   . GLU A 1 130 ? 6.765   -4.257  3.666   1.00 11.12  ? 131 GLU A C   1 
ATOM   761  O O   . GLU A 1 130 ? 5.726   -4.382  3.005   1.00 12.22  ? 131 GLU A O   1 
ATOM   762  C CB  . GLU A 1 130 ? 6.467   -5.894  5.543   1.00 9.35   ? 131 GLU A CB  1 
ATOM   763  C CG  . GLU A 1 130 ? 7.380   -6.860  4.763   1.00 19.79  ? 131 GLU A CG  1 
ATOM   764  C CD  . GLU A 1 130 ? 6.992   -8.319  4.896   1.00 21.33  ? 131 GLU A CD  1 
ATOM   765  O OE1 . GLU A 1 130 ? 5.817   -8.643  5.174   1.00 20.10  ? 131 GLU A OE1 1 
ATOM   766  O OE2 . GLU A 1 130 ? 7.866   -9.158  4.669   1.00 25.91  ? 131 GLU A OE2 1 
ATOM   767  N N   . LEU A 1 131 ? 7.950   -4.012  3.127   1.00 5.37   ? 132 LEU A N   1 
ATOM   768  C CA  . LEU A 1 131 ? 8.113   -3.822  1.684   1.00 6.93   ? 132 LEU A CA  1 
ATOM   769  C C   . LEU A 1 131 ? 8.978   -4.924  0.974   1.00 12.92  ? 132 LEU A C   1 
ATOM   770  O O   . LEU A 1 131 ? 10.127  -5.201  1.364   1.00 10.56  ? 132 LEU A O   1 
ATOM   771  C CB  . LEU A 1 131 ? 8.709   -2.433  1.423   1.00 7.64   ? 132 LEU A CB  1 
ATOM   772  C CG  . LEU A 1 131 ? 9.142   -2.170  -0.026  1.00 12.79  ? 132 LEU A CG  1 
ATOM   773  C CD1 . LEU A 1 131 ? 7.930   -2.120  -0.962  1.00 11.63  ? 132 LEU A CD1 1 
ATOM   774  C CD2 . LEU A 1 131 ? 9.959   -0.890  -0.138  1.00 12.61  ? 132 LEU A CD2 1 
ATOM   775  N N   . VAL A 1 132 ? 8.412   -5.555  -0.054  1.00 9.79   ? 133 VAL A N   1 
ATOM   776  C CA  . VAL A 1 132 ? 9.120   -6.608  -0.781  1.00 10.80  ? 133 VAL A CA  1 
ATOM   777  C C   . VAL A 1 132 ? 9.136   -6.431  -2.295  1.00 16.77  ? 133 VAL A C   1 
ATOM   778  O O   . VAL A 1 132 ? 8.075   -6.415  -2.932  1.00 15.56  ? 133 VAL A O   1 
ATOM   779  C CB  . VAL A 1 132 ? 8.610   -7.996  -0.419  1.00 13.05  ? 133 VAL A CB  1 
ATOM   780  C CG1 . VAL A 1 132 ? 9.468   -9.075  -1.134  1.00 10.46  ? 133 VAL A CG1 1 
ATOM   781  C CG2 . VAL A 1 132 ? 8.634   -8.145  1.114   1.00 12.24  ? 133 VAL A CG2 1 
ATOM   782  N N   . ILE A 1 133 ? 10.343  -6.280  -2.844  1.00 12.57  ? 134 ILE A N   1 
ATOM   783  C CA  . ILE A 1 133 ? 10.518  -5.971  -4.256  1.00 14.49  ? 134 ILE A CA  1 
ATOM   784  C C   . ILE A 1 133 ? 11.353  -6.971  -5.053  1.00 18.66  ? 134 ILE A C   1 
ATOM   785  O O   . ILE A 1 133 ? 12.464  -7.308  -4.664  1.00 19.65  ? 134 ILE A O   1 
ATOM   786  C CB  . ILE A 1 133 ? 11.187  -4.563  -4.430  1.00 17.47  ? 134 ILE A CB  1 
ATOM   787  C CG1 . ILE A 1 133 ? 10.171  -3.442  -4.189  1.00 17.18  ? 134 ILE A CG1 1 
ATOM   788  C CG2 . ILE A 1 133 ? 11.858  -4.436  -5.815  1.00 12.85  ? 134 ILE A CG2 1 
ATOM   789  C CD1 . ILE A 1 133 ? 10.823  -2.136  -3.785  1.00 20.48  ? 134 ILE A CD1 1 
ATOM   790  N N   . GLN A 1 134 ? 10.842  -7.401  -6.199  1.00 16.07  ? 135 GLN A N   1 
ATOM   791  C CA  . GLN A 1 134 ? 11.559  -8.362  -7.038  1.00 16.28  ? 135 GLN A CA  1 
ATOM   792  C C   . GLN A 1 134 ? 11.809  -7.832  -8.445  1.00 22.99  ? 135 GLN A C   1 
ATOM   793  O O   . GLN A 1 134 ? 10.861  -7.463  -9.153  1.00 22.74  ? 135 GLN A O   1 
ATOM   794  C CB  . GLN A 1 134 ? 10.759  -9.652  -7.202  1.00 17.22  ? 135 GLN A CB  1 
ATOM   795  C CG  . GLN A 1 134 ? 10.395  -10.400 -5.951  1.00 13.79  ? 135 GLN A CG  1 
ATOM   796  C CD  . GLN A 1 134 ? 9.466   -11.528 -6.299  1.00 30.73  ? 135 GLN A CD  1 
ATOM   797  O OE1 . GLN A 1 134 ? 9.889   -12.540 -6.854  1.00 30.82  ? 135 GLN A OE1 1 
ATOM   798  N NE2 . GLN A 1 134 ? 8.173   -11.293 -6.138  1.00 27.57  ? 135 GLN A NE2 1 
ATOM   799  N N   . HIS A 1 135 ? 13.075  -7.903  -8.865  1.00 17.96  ? 136 HIS A N   1 
ATOM   800  C CA  . HIS A 1 135 ? 13.501  -7.557  -10.228 1.00 17.76  ? 136 HIS A CA  1 
ATOM   801  C C   . HIS A 1 135 ? 15.034  -7.673  -10.423 1.00 23.42  ? 136 HIS A C   1 
ATOM   802  O O   . HIS A 1 135 ? 15.811  -7.633  -9.472  1.00 22.99  ? 136 HIS A O   1 
ATOM   803  C CB  . HIS A 1 135 ? 12.962  -6.174  -10.639 1.00 17.18  ? 136 HIS A CB  1 
ATOM   804  C CG  . HIS A 1 135 ? 13.447  -5.079  -9.760  1.00 18.31  ? 136 HIS A CG  1 
ATOM   805  N ND1 . HIS A 1 135 ? 12.948  -3.800  -9.819  1.00 20.27  ? 136 HIS A ND1 1 
ATOM   806  C CD2 . HIS A 1 135 ? 14.417  -5.069  -8.824  1.00 16.58  ? 136 HIS A CD2 1 
ATOM   807  C CE1 . HIS A 1 135 ? 13.558  -3.056  -8.921  1.00 18.79  ? 136 HIS A CE1 1 
ATOM   808  N NE2 . HIS A 1 135 ? 14.478  -3.794  -8.329  1.00 18.02  ? 136 HIS A NE2 1 
ATOM   809  N N   . GLU A 1 136 ? 15.479  -7.888  -11.650 1.00 22.81  ? 137 GLU A N   1 
ATOM   810  C CA  . GLU A 1 136 ? 16.914  -8.045  -11.862 1.00 21.81  ? 137 GLU A CA  1 
ATOM   811  C C   . GLU A 1 136 ? 17.519  -9.263  -11.119 1.00 22.45  ? 137 GLU A C   1 
ATOM   812  O O   . GLU A 1 136 ? 18.702  -9.264  -10.705 1.00 21.01  ? 137 GLU A O   1 
ATOM   813  C CB  . GLU A 1 136 ? 17.633  -6.743  -11.530 1.00 22.93  ? 137 GLU A CB  1 
ATOM   814  C CG  . GLU A 1 136 ? 17.506  -5.748  -12.650 1.00 35.85  ? 137 GLU A CG  1 
ATOM   815  C CD  . GLU A 1 136 ? 17.496  -4.328  -12.156 1.00 87.41  ? 137 GLU A CD  1 
ATOM   816  O OE1 . GLU A 1 136 ? 18.543  -3.880  -11.639 1.00 91.83  ? 137 GLU A OE1 1 
ATOM   817  O OE2 . GLU A 1 136 ? 16.435  -3.674  -12.279 1.00 97.25  ? 137 GLU A OE2 1 
ATOM   818  N N   . GLY A 1 137 ? 16.689  -10.300 -11.000 1.00 20.22  ? 138 GLY A N   1 
ATOM   819  C CA  . GLY A 1 137 ? 17.039  -11.598 -10.421 1.00 20.80  ? 138 GLY A CA  1 
ATOM   820  C C   . GLY A 1 137 ? 17.223  -11.588 -8.908  1.00 26.54  ? 138 GLY A C   1 
ATOM   821  O O   . GLY A 1 137 ? 17.754  -12.537 -8.335  1.00 27.30  ? 138 GLY A O   1 
ATOM   822  N N   . LYS A 1 138 ? 16.755  -10.539 -8.250  1.00 20.73  ? 139 LYS A N   1 
ATOM   823  C CA  . LYS A 1 138 ? 16.944  -10.453 -6.818  1.00 19.59  ? 139 LYS A CA  1 
ATOM   824  C C   . LYS A 1 138 ? 15.667  -10.138 -6.035  1.00 23.02  ? 139 LYS A C   1 
ATOM   825  O O   . LYS A 1 138 ? 14.664  -9.686  -6.605  1.00 21.32  ? 139 LYS A O   1 
ATOM   826  C CB  . LYS A 1 138 ? 18.037  -9.417  -6.517  1.00 20.79  ? 139 LYS A CB  1 
ATOM   827  C CG  . LYS A 1 138 ? 19.455  -9.962  -6.604  1.00 30.24  ? 139 LYS A CG  1 
ATOM   828  C CD  . LYS A 1 138 ? 20.295  -9.157  -7.570  1.00 46.17  ? 139 LYS A CD  1 
ATOM   829  C CE  . LYS A 1 138 ? 21.554  -9.908  -7.986  1.00 54.97  ? 139 LYS A CE  1 
ATOM   830  N NZ  . LYS A 1 138 ? 22.753  -9.011  -8.051  1.00 59.28  ? 139 LYS A NZ  1 
ATOM   831  N N   . ILE A 1 139 ? 15.731  -10.384 -4.725  1.00 19.01  ? 140 ILE A N   1 
ATOM   832  C CA  . ILE A 1 139 ? 14.647  -10.104 -3.785  1.00 16.68  ? 140 ILE A CA  1 
ATOM   833  C C   . ILE A 1 139 ? 15.224  -9.130  -2.772  1.00 17.33  ? 140 ILE A C   1 
ATOM   834  O O   . ILE A 1 139 ? 16.358  -9.313  -2.334  1.00 14.33  ? 140 ILE A O   1 
ATOM   835  C CB  . ILE A 1 139 ? 14.167  -11.371 -3.048  1.00 19.40  ? 140 ILE A CB  1 
ATOM   836  C CG1 . ILE A 1 139 ? 13.827  -12.478 -4.043  1.00 18.99  ? 140 ILE A CG1 1 
ATOM   837  C CG2 . ILE A 1 139 ? 12.921  -11.077 -2.263  1.00 19.33  ? 140 ILE A CG2 1 
ATOM   838  C CD1 . ILE A 1 139 ? 12.809  -13.383 -3.529  1.00 18.71  ? 140 ILE A CD1 1 
ATOM   839  N N   . HIS A 1 140 ? 14.468  -8.048  -2.522  1.00 15.20  ? 141 HIS A N   1 
ATOM   840  C CA  . HIS A 1 140 ? 14.827  -6.941  -1.625  1.00 15.18  ? 141 HIS A CA  1 
ATOM   841  C C   . HIS A 1 140 ? 13.694  -6.716  -0.638  1.00 20.12  ? 141 HIS A C   1 
ATOM   842  O O   . HIS A 1 140 ? 12.533  -6.688  -1.011  1.00 17.09  ? 141 HIS A O   1 
ATOM   843  C CB  . HIS A 1 140 ? 14.982  -5.607  -2.405  1.00 15.97  ? 141 HIS A CB  1 
ATOM   844  C CG  . HIS A 1 140 ? 15.935  -5.675  -3.551  1.00 20.52  ? 141 HIS A CG  1 
ATOM   845  N ND1 . HIS A 1 140 ? 17.146  -5.010  -3.552  1.00 22.10  ? 141 HIS A ND1 1 
ATOM   846  C CD2 . HIS A 1 140 ? 15.842  -6.295  -4.760  1.00 24.12  ? 141 HIS A CD2 1 
ATOM   847  C CE1 . HIS A 1 140 ? 17.782  -5.265  -4.685  1.00 22.61  ? 141 HIS A CE1 1 
ATOM   848  N NE2 . HIS A 1 140 ? 16.994  -6.002  -5.455  1.00 23.83  ? 141 HIS A NE2 1 
ATOM   849  N N   . ARG A 1 141 ? 14.048  -6.453  0.612   1.00 21.23  ? 142 ARG A N   1 
ATOM   850  C CA  . ARG A 1 141 ? 13.040  -6.203  1.633   1.00 21.69  ? 142 ARG A CA  1 
ATOM   851  C C   . ARG A 1 141 ? 13.520  -5.140  2.617   1.00 20.81  ? 142 ARG A C   1 
ATOM   852  O O   . ARG A 1 141 ? 14.712  -4.926  2.803   1.00 19.25  ? 142 ARG A O   1 
ATOM   853  C CB  . ARG A 1 141 ? 12.727  -7.504  2.380   1.00 24.86  ? 142 ARG A CB  1 
ATOM   854  C CG  . ARG A 1 141 ? 11.522  -7.469  3.303   1.00 37.07  ? 142 ARG A CG  1 
ATOM   855  C CD  . ARG A 1 141 ? 11.815  -8.286  4.557   1.00 49.24  ? 142 ARG A CD  1 
ATOM   856  N NE  . ARG A 1 141 ? 11.727  -9.735  4.352   1.00 52.42  ? 142 ARG A NE  1 
ATOM   857  C CZ  . ARG A 1 141 ? 12.525  -10.625 4.941   1.00 57.37  ? 142 ARG A CZ  1 
ATOM   858  N NH1 . ARG A 1 141 ? 13.499  -10.223 5.747   1.00 49.75  ? 142 ARG A NH1 1 
ATOM   859  N NH2 . ARG A 1 141 ? 12.360  -11.920 4.728   1.00 29.05  ? 142 ARG A NH2 1 
ATOM   860  N N   . GLN A 1 142 ? 12.551  -4.479  3.225   1.00 13.87  ? 143 GLN A N   1 
ATOM   861  C CA  . GLN A 1 142 ? 12.779  -3.467  4.230   1.00 13.45  ? 143 GLN A CA  1 
ATOM   862  C C   . GLN A 1 142 ? 11.509  -3.367  5.115   1.00 19.01  ? 143 GLN A C   1 
ATOM   863  O O   . GLN A 1 142 ? 10.360  -3.503  4.633   1.00 15.32  ? 143 GLN A O   1 
ATOM   864  C CB  . GLN A 1 142 ? 13.108  -2.108  3.579   1.00 13.51  ? 143 GLN A CB  1 
ATOM   865  C CG  . GLN A 1 142 ? 13.521  -1.020  4.564   1.00 1.00   ? 143 GLN A CG  1 
ATOM   866  C CD  . GLN A 1 142 ? 13.950  0.221   3.854   1.00 16.71  ? 143 GLN A CD  1 
ATOM   867  O OE1 . GLN A 1 142 ? 13.478  0.506   2.759   1.00 11.65  ? 143 GLN A OE1 1 
ATOM   868  N NE2 . GLN A 1 142 ? 14.930  0.905   4.409   1.00 12.99  ? 143 GLN A NE2 1 
ATOM   869  N N   . ILE A 1 143 ? 11.746  -3.123  6.404   1.00 17.92  ? 144 ILE A N   1 
ATOM   870  C CA  . ILE A 1 143 ? 10.701  -2.998  7.438   1.00 17.66  ? 144 ILE A CA  1 
ATOM   871  C C   . ILE A 1 143 ? 10.685  -1.579  8.046   1.00 19.00  ? 144 ILE A C   1 
ATOM   872  O O   . ILE A 1 143 ? 11.753  -1.028  8.391   1.00 17.84  ? 144 ILE A O   1 
ATOM   873  C CB  . ILE A 1 143 ? 11.008  -4.026  8.567   1.00 20.32  ? 144 ILE A CB  1 
ATOM   874  C CG1 . ILE A 1 143 ? 10.879  -5.455  8.010   1.00 20.04  ? 144 ILE A CG1 1 
ATOM   875  C CG2 . ILE A 1 143 ? 10.175  -3.759  9.833   1.00 17.35  ? 144 ILE A CG2 1 
ATOM   876  C CD1 . ILE A 1 143 ? 9.432   -5.860  7.734   1.00 24.94  ? 144 ILE A CD1 1 
ATOM   877  N N   . TYR A 1 144 ? 9.498   -0.978  8.154   1.00 12.92  ? 145 TYR A N   1 
ATOM   878  C CA  . TYR A 1 144 ? 9.381   0.380   8.727   1.00 14.06  ? 145 TYR A CA  1 
ATOM   879  C C   . TYR A 1 144 ? 8.412   0.298   9.903   1.00 17.86  ? 145 TYR A C   1 
ATOM   880  O O   . TYR A 1 144 ? 7.580   -0.606  9.941   1.00 17.15  ? 145 TYR A O   1 
ATOM   881  C CB  . TYR A 1 144 ? 8.801   1.398   7.711   1.00 16.31  ? 145 TYR A CB  1 
ATOM   882  C CG  . TYR A 1 144 ? 9.494   1.458   6.342   1.00 18.26  ? 145 TYR A CG  1 
ATOM   883  C CD1 . TYR A 1 144 ? 9.257   0.485   5.356   1.00 17.56  ? 145 TYR A CD1 1 
ATOM   884  C CD2 . TYR A 1 144 ? 10.362  2.518   6.029   1.00 19.38  ? 145 TYR A CD2 1 
ATOM   885  C CE1 . TYR A 1 144 ? 9.890   0.572   4.117   1.00 18.01  ? 145 TYR A CE1 1 
ATOM   886  C CE2 . TYR A 1 144 ? 11.020  2.592   4.801   1.00 13.45  ? 145 TYR A CE2 1 
ATOM   887  C CZ  . TYR A 1 144 ? 10.779  1.626   3.867   1.00 21.59  ? 145 TYR A CZ  1 
ATOM   888  O OH  . TYR A 1 144 ? 11.458  1.733   2.686   1.00 26.32  ? 145 TYR A OH  1 
ATOM   889  N N   . GLU A 1 145 ? 8.504   1.260   10.824  1.00 13.63  ? 146 GLU A N   1 
ATOM   890  C CA  . GLU A 1 145 ? 7.600   1.339   11.977  1.00 12.91  ? 146 GLU A CA  1 
ATOM   891  C C   . GLU A 1 145 ? 7.170   2.778   12.161  1.00 18.66  ? 146 GLU A C   1 
ATOM   892  O O   . GLU A 1 145 ? 7.993   3.648   12.424  1.00 20.08  ? 146 GLU A O   1 
ATOM   893  C CB  . GLU A 1 145 ? 8.291   0.864   13.242  1.00 13.24  ? 146 GLU A CB  1 
ATOM   894  C CG  . GLU A 1 145 ? 8.161   -0.593  13.497  1.00 17.13  ? 146 GLU A CG  1 
ATOM   895  C CD  . GLU A 1 145 ? 8.947   -1.013  14.722  1.00 32.12  ? 146 GLU A CD  1 
ATOM   896  O OE1 . GLU A 1 145 ? 9.449   -0.128  15.436  1.00 42.67  ? 146 GLU A OE1 1 
ATOM   897  O OE2 . GLU A 1 145 ? 9.119   -2.220  14.938  1.00 18.27  ? 146 GLU A OE2 1 
ATOM   898  N N   . HIS A 1 146 ? 5.879   3.033   11.992  1.00 18.06  ? 147 HIS A N   1 
ATOM   899  C CA  . HIS A 1 146 ? 5.353   4.392   12.055  1.00 19.30  ? 147 HIS A CA  1 
ATOM   900  C C   . HIS A 1 146 ? 6.097   5.277   11.105  1.00 22.27  ? 147 HIS A C   1 
ATOM   901  O O   . HIS A 1 146 ? 6.490   6.370   11.503  1.00 24.65  ? 147 HIS A O   1 
ATOM   902  C CB  . HIS A 1 146 ? 5.586   4.982   13.435  1.00 21.42  ? 147 HIS A CB  1 
ATOM   903  C CG  . HIS A 1 146 ? 4.614   4.497   14.454  1.00 25.90  ? 147 HIS A CG  1 
ATOM   904  N ND1 . HIS A 1 146 ? 4.990   3.708   15.524  1.00 28.24  ? 147 HIS A ND1 1 
ATOM   905  C CD2 . HIS A 1 146 ? 3.271   4.627   14.527  1.00 27.37  ? 147 HIS A CD2 1 
ATOM   906  C CE1 . HIS A 1 146 ? 3.919   3.426   16.246  1.00 28.07  ? 147 HIS A CE1 1 
ATOM   907  N NE2 . HIS A 1 146 ? 2.865   3.973   15.660  1.00 28.28  ? 147 HIS A NE2 1 
ATOM   908  N N   . GLY A 1 147 ? 6.366   4.786   9.894   1.00 16.11  ? 148 GLY A N   1 
ATOM   909  C CA  . GLY A 1 147 ? 7.078   5.570   8.872   1.00 15.52  ? 148 GLY A CA  1 
ATOM   910  C C   . GLY A 1 147 ? 8.624   5.507   8.926   1.00 18.69  ? 148 GLY A C   1 
ATOM   911  O O   . GLY A 1 147 ? 9.295   5.948   8.001   1.00 19.91  ? 148 GLY A O   1 
ATOM   912  N N   . VAL A 1 148 ? 9.185   4.938   9.981   1.00 11.95  ? 149 VAL A N   1 
ATOM   913  C CA  . VAL A 1 148 ? 10.619  4.909   10.145  1.00 11.24  ? 149 VAL A CA  1 
ATOM   914  C C   . VAL A 1 148 ? 11.239  3.586   9.769   1.00 18.62  ? 149 VAL A C   1 
ATOM   915  O O   . VAL A 1 148 ? 10.813  2.551   10.251  1.00 19.87  ? 149 VAL A O   1 
ATOM   916  C CB  . VAL A 1 148 ? 10.966  5.233   11.594  1.00 15.40  ? 149 VAL A CB  1 
ATOM   917  C CG1 . VAL A 1 148 ? 12.471  5.288   11.834  1.00 14.66  ? 149 VAL A CG1 1 
ATOM   918  C CG2 . VAL A 1 148 ? 10.339  6.540   11.940  1.00 16.37  ? 149 VAL A CG2 1 
ATOM   919  N N   . PRO A 1 149 ? 12.276  3.632   8.934   1.00 15.63  ? 150 PRO A N   1 
ATOM   920  C CA  . PRO A 1 149 ? 12.963  2.418   8.518   1.00 16.50  ? 150 PRO A CA  1 
ATOM   921  C C   . PRO A 1 149 ? 13.727  1.881   9.697   1.00 21.42  ? 150 PRO A C   1 
ATOM   922  O O   . PRO A 1 149 ? 14.419  2.628   10.388  1.00 20.39  ? 150 PRO A O   1 
ATOM   923  C CB  . PRO A 1 149 ? 13.931  2.895   7.428   1.00 18.06  ? 150 PRO A CB  1 
ATOM   924  C CG  . PRO A 1 149 ? 14.050  4.340   7.616   1.00 21.20  ? 150 PRO A CG  1 
ATOM   925  C CD  . PRO A 1 149 ? 12.761  4.816   8.209   1.00 16.11  ? 150 PRO A CD  1 
ATOM   926  N N   . GLN A 1 150 ? 13.574  0.582   9.941   1.00 18.79  ? 151 GLN A N   1 
ATOM   927  C CA  . GLN A 1 150 ? 14.204  -0.079  11.073  1.00 17.74  ? 151 GLN A CA  1 
ATOM   928  C C   . GLN A 1 150 ? 15.560  -0.624  10.647  1.00 21.49  ? 151 GLN A C   1 
ATOM   929  O O   . GLN A 1 150 ? 16.379  -0.998  11.464  1.00 22.77  ? 151 GLN A O   1 
ATOM   930  C CB  . GLN A 1 150 ? 13.274  -1.186  11.612  1.00 18.70  ? 151 GLN A CB  1 
ATOM   931  C CG  . GLN A 1 150 ? 11.894  -0.671  12.117  1.00 12.74  ? 151 GLN A CG  1 
ATOM   932  C CD  . GLN A 1 150 ? 12.034  0.373   13.242  1.00 27.60  ? 151 GLN A CD  1 
ATOM   933  O OE1 . GLN A 1 150 ? 12.057  1.574   12.994  1.00 19.07  ? 151 GLN A OE1 1 
ATOM   934  N NE2 . GLN A 1 150 ? 12.225  -0.102  14.455  1.00 24.77  ? 151 GLN A NE2 1 
ATOM   935  N N   . ALA A 1 151 ? 15.807  -0.621  9.354   1.00 16.90  ? 152 ALA A N   1 
ATOM   936  C CA  . ALA A 1 151 ? 17.083  -1.055  8.817   1.00 16.52  ? 152 ALA A CA  1 
ATOM   937  C C   . ALA A 1 151 ? 17.053  -0.796  7.308   1.00 19.06  ? 152 ALA A C   1 
ATOM   938  O O   . ALA A 1 151 ? 16.007  -0.522  6.731   1.00 16.72  ? 152 ALA A O   1 
ATOM   939  C CB  . ALA A 1 151 ? 17.347  -2.555  9.152   1.00 17.25  ? 152 ALA A CB  1 
ATOM   940  N N   . PRO A 1 152 ? 18.216  -0.814  6.683   1.00 20.19  ? 153 PRO A N   1 
ATOM   941  C CA  . PRO A 1 152 ? 18.323  -0.528  5.283   1.00 19.74  ? 153 PRO A CA  1 
ATOM   942  C C   . PRO A 1 152 ? 17.646  -1.578  4.432   1.00 23.55  ? 153 PRO A C   1 
ATOM   943  O O   . PRO A 1 152 ? 17.399  -2.710  4.864   1.00 22.66  ? 153 PRO A O   1 
ATOM   944  C CB  . PRO A 1 152 ? 19.824  -0.630  5.052   1.00 22.20  ? 153 PRO A CB  1 
ATOM   945  C CG  . PRO A 1 152 ? 20.202  -1.749  5.890   1.00 27.47  ? 153 PRO A CG  1 
ATOM   946  C CD  . PRO A 1 152 ? 19.336  -1.656  7.124   1.00 23.15  ? 153 PRO A CD  1 
ATOM   947  N N   . LEU A 1 153 ? 17.361  -1.202  3.194   1.00 20.30  ? 154 LEU A N   1 
ATOM   948  C CA  . LEU A 1 153 ? 16.773  -2.157  2.270   1.00 20.37  ? 154 LEU A CA  1 
ATOM   949  C C   . LEU A 1 153 ? 17.857  -3.155  1.844   1.00 26.51  ? 154 LEU A C   1 
ATOM   950  O O   . LEU A 1 153 ? 18.952  -2.757  1.451   1.00 26.17  ? 154 LEU A O   1 
ATOM   951  C CB  . LEU A 1 153 ? 16.238  -1.431  1.046   1.00 19.29  ? 154 LEU A CB  1 
ATOM   952  C CG  . LEU A 1 153 ? 15.647  -2.343  -0.021  1.00 22.53  ? 154 LEU A CG  1 
ATOM   953  C CD1 . LEU A 1 153 ? 14.112  -2.439  0.144   1.00 22.24  ? 154 LEU A CD1 1 
ATOM   954  C CD2 . LEU A 1 153 ? 16.038  -1.759  -1.370  1.00 23.81  ? 154 LEU A CD2 1 
ATOM   955  N N   . ALA A 1 154 ? 17.584  -4.447  1.953   1.00 23.56  ? 155 ALA A N   1 
ATOM   956  C CA  . ALA A 1 154 ? 18.604  -5.436  1.559   1.00 23.48  ? 155 ALA A CA  1 
ATOM   957  C C   . ALA A 1 154 ? 18.096  -6.587  0.709   1.00 25.56  ? 155 ALA A C   1 
ATOM   958  O O   . ALA A 1 154 ? 16.942  -6.984  0.808   1.00 24.68  ? 155 ALA A O   1 
ATOM   959  C CB  . ALA A 1 154 ? 19.294  -5.992  2.767   1.00 23.78  ? 155 ALA A CB  1 
ATOM   960  N N   . VAL A 1 155 ? 18.978  -7.147  -0.101  1.00 23.44  ? 156 VAL A N   1 
ATOM   961  C CA  . VAL A 1 155 ? 18.622  -8.321  -0.876  1.00 23.67  ? 156 VAL A CA  1 
ATOM   962  C C   . VAL A 1 155 ? 18.559  -9.494  0.089   1.00 29.34  ? 156 VAL A C   1 
ATOM   963  O O   . VAL A 1 155 ? 19.409  -9.663  0.982   1.00 31.78  ? 156 VAL A O   1 
ATOM   964  C CB  . VAL A 1 155 ? 19.635  -8.637  -1.974  1.00 27.12  ? 156 VAL A CB  1 
ATOM   965  C CG1 . VAL A 1 155 ? 19.938  -7.383  -2.833  1.00 26.62  ? 156 VAL A CG1 1 
ATOM   966  C CG2 . VAL A 1 155 ? 20.846  -9.211  -1.368  1.00 27.15  ? 156 VAL A CG2 1 
ATOM   967  N N   . THR A 1 156 ? 17.528  -10.301 -0.071  1.00 22.46  ? 157 THR A N   1 
ATOM   968  C CA  . THR A 1 156 ? 17.357  -11.430 0.815   1.00 20.94  ? 157 THR A CA  1 
ATOM   969  C C   . THR A 1 156 ? 17.461  -12.784 0.097   1.00 26.51  ? 157 THR A C   1 
ATOM   970  O O   . THR A 1 156 ? 17.383  -13.833 0.735   1.00 27.95  ? 157 THR A O   1 
ATOM   971  C CB  . THR A 1 156 ? 15.970  -11.362 1.454   1.00 19.95  ? 157 THR A CB  1 
ATOM   972  O OG1 . THR A 1 156 ? 14.997  -11.206 0.416   1.00 19.31  ? 157 THR A OG1 1 
ATOM   973  C CG2 . THR A 1 156 ? 15.863  -10.195 2.437   1.00 15.19  ? 157 THR A CG2 1 
ATOM   974  N N   . GLY A 1 157 ? 17.566  -12.777 -1.223  1.00 22.23  ? 158 GLY A N   1 
ATOM   975  C CA  . GLY A 1 157 ? 17.602  -14.030 -1.971  1.00 22.60  ? 158 GLY A CA  1 
ATOM   976  C C   . GLY A 1 157 ? 17.494  -13.803 -3.483  1.00 27.71  ? 158 GLY A C   1 
ATOM   977  O O   . GLY A 1 157 ? 17.624  -12.677 -3.955  1.00 27.94  ? 158 GLY A O   1 
ATOM   978  N N   . GLU A 1 158 ? 17.239  -14.873 -4.231  1.00 23.58  ? 159 GLU A N   1 
ATOM   979  C CA  . GLU A 1 158 ? 17.178  -14.784 -5.682  1.00 22.57  ? 159 GLU A CA  1 
ATOM   980  C C   . GLU A 1 158 ? 15.795  -15.051 -6.211  1.00 24.61  ? 159 GLU A C   1 
ATOM   981  O O   . GLU A 1 158 ? 15.021  -15.783 -5.592  1.00 25.99  ? 159 GLU A O   1 
ATOM   982  C CB  . GLU A 1 158 ? 18.190  -15.735 -6.325  1.00 22.84  ? 159 GLU A CB  1 
ATOM   983  N N   . THR A 1 159 ? 15.490  -14.507 -7.383  1.00 17.15  ? 160 THR A N   1 
ATOM   984  C CA  . THR A 1 159 ? 14.173  -14.752 -7.953  1.00 17.38  ? 160 THR A CA  1 
ATOM   985  C C   . THR A 1 159 ? 14.237  -14.676 -9.461  1.00 22.79  ? 160 THR A C   1 
ATOM   986  O O   . THR A 1 159 ? 15.208  -14.168 -9.995  1.00 24.03  ? 160 THR A O   1 
ATOM   987  C CB  . THR A 1 159 ? 13.163  -13.674 -7.490  1.00 18.44  ? 160 THR A CB  1 
ATOM   988  O OG1 . THR A 1 159 ? 11.879  -13.971 -8.048  1.00 17.28  ? 160 THR A OG1 1 
ATOM   989  C CG2 . THR A 1 159 ? 13.620  -12.257 -7.957  1.00 15.84  ? 160 THR A CG2 1 
ATOM   990  N N   . GLU A 1 160 ? 13.170  -15.129 -10.124 1.00 19.19  ? 161 GLU A N   1 
ATOM   991  C CA  . GLU A 1 160 ? 13.021  -15.017 -11.565 1.00 20.06  ? 161 GLU A CA  1 
ATOM   992  C C   . GLU A 1 160 ? 11.831  -14.099 -11.907 1.00 23.50  ? 161 GLU A C   1 
ATOM   993  O O   . GLU A 1 160 ? 11.600  -13.711 -13.061 1.00 22.00  ? 161 GLU A O   1 
ATOM   994  C CB  . GLU A 1 160 ? 12.851  -16.407 -12.202 1.00 22.37  ? 161 GLU A CB  1 
ATOM   995  C CG  . GLU A 1 160 ? 14.168  -16.971 -12.815 1.00 36.61  ? 161 GLU A CG  1 
ATOM   996  C CD  . GLU A 1 160 ? 14.291  -18.489 -12.709 1.00 54.98  ? 161 GLU A CD  1 
ATOM   997  O OE1 . GLU A 1 160 ? 14.174  -19.037 -11.594 1.00 57.82  ? 161 GLU A OE1 1 
ATOM   998  O OE2 . GLU A 1 160 ? 14.532  -19.135 -13.745 1.00 38.79  ? 161 GLU A OE2 1 
ATOM   999  N N   . LYS A 1 161 ? 11.074  -13.748 -10.883 1.00 21.66  ? 162 LYS A N   1 
ATOM   1000 C CA  . LYS A 1 161 ? 9.893   -12.894 -11.053 1.00 20.61  ? 162 LYS A CA  1 
ATOM   1001 C C   . LYS A 1 161 ? 10.192  -11.417 -10.816 1.00 18.74  ? 162 LYS A C   1 
ATOM   1002 O O   . LYS A 1 161 ? 11.267  -11.049 -10.363 1.00 18.37  ? 162 LYS A O   1 
ATOM   1003 C CB  . LYS A 1 161 ? 8.828   -13.320 -10.045 1.00 36.39  ? 162 LYS A CB  1 
ATOM   1004 C CG  . LYS A 1 161 ? 8.162   -14.668 -10.331 1.00 16.46  ? 162 LYS A CG  1 
ATOM   1005 N N   . THR A 1 162 ? 9.197   -10.589 -11.089 1.00 15.10  ? 163 THR A N   1 
ATOM   1006 C CA  . THR A 1 162 ? 9.251   -9.148  -10.856 1.00 16.59  ? 163 THR A CA  1 
ATOM   1007 C C   . THR A 1 162 ? 7.967   -8.712  -10.148 1.00 21.84  ? 163 THR A C   1 
ATOM   1008 O O   . THR A 1 162 ? 6.924   -9.371  -10.323 1.00 21.94  ? 163 THR A O   1 
ATOM   1009 C CB  . THR A 1 162 ? 9.324   -8.355  -12.184 1.00 28.65  ? 163 THR A CB  1 
ATOM   1010 O OG1 . THR A 1 162 ? 9.724   -7.008  -11.907 1.00 37.07  ? 163 THR A OG1 1 
ATOM   1011 C CG2 . THR A 1 162 ? 7.965   -8.311  -12.842 1.00 25.91  ? 163 THR A CG2 1 
ATOM   1012 N N   . GLY A 1 163 ? 8.029   -7.613  -9.368  1.00 15.72  ? 164 GLY A N   1 
ATOM   1013 C CA  . GLY A 1 163 ? 6.843   -7.113  -8.677  1.00 14.01  ? 164 GLY A CA  1 
ATOM   1014 C C   . GLY A 1 163 ? 7.081   -6.445  -7.319  1.00 15.65  ? 164 GLY A C   1 
ATOM   1015 O O   . GLY A 1 163 ? 8.140   -6.573  -6.719  1.00 14.57  ? 164 GLY A O   1 
ATOM   1016 N N   . THR A 1 164 ? 6.060   -5.738  -6.848  1.00 10.96  ? 165 THR A N   1 
ATOM   1017 C CA  . THR A 1 164 ? 6.087   -5.029  -5.564  1.00 9.45   ? 165 THR A CA  1 
ATOM   1018 C C   . THR A 1 164 ? 5.014   -5.648  -4.691  1.00 9.41   ? 165 THR A C   1 
ATOM   1019 O O   . THR A 1 164 ? 3.915   -5.925  -5.162  1.00 6.01   ? 165 THR A O   1 
ATOM   1020 C CB  . THR A 1 164 ? 5.688   -3.523  -5.756  1.00 9.84   ? 165 THR A CB  1 
ATOM   1021 O OG1 . THR A 1 164 ? 6.580   -2.926  -6.702  1.00 18.33  ? 165 THR A OG1 1 
ATOM   1022 C CG2 . THR A 1 164 ? 5.760   -2.750  -4.457  1.00 1.00   ? 165 THR A CG2 1 
ATOM   1023 N N   . MET A 1 165 ? 5.369   -5.857  -3.428  1.00 7.56   ? 166 MET A N   1 
ATOM   1024 C CA  . MET A 1 165 ? 4.478   -6.334  -2.411  1.00 8.28   ? 166 MET A CA  1 
ATOM   1025 C C   . MET A 1 165 ? 4.609   -5.355  -1.258  1.00 12.60  ? 166 MET A C   1 
ATOM   1026 O O   . MET A 1 165 ? 5.709   -5.157  -0.736  1.00 12.81  ? 166 MET A O   1 
ATOM   1027 C CB  . MET A 1 165 ? 4.927   -7.724  -1.933  1.00 10.14  ? 166 MET A CB  1 
ATOM   1028 C CG  . MET A 1 165 ? 3.900   -8.459  -1.104  1.00 10.76  ? 166 MET A CG  1 
ATOM   1029 S SD  . MET A 1 165 ? 3.674   -7.712  0.508   1.00 13.78  ? 166 MET A SD  1 
ATOM   1030 C CE  . MET A 1 165 ? 5.396   -8.099  1.196   1.00 7.26   ? 166 MET A CE  1 
ATOM   1031 N N   . VAL A 1 166 ? 3.480   -4.769  -0.862  1.00 8.43   ? 167 VAL A N   1 
ATOM   1032 C CA  . VAL A 1 166 ? 3.392   -3.887  0.318   1.00 8.93   ? 167 VAL A CA  1 
ATOM   1033 C C   . VAL A 1 166 ? 2.375   -4.500  1.301   1.00 15.13  ? 167 VAL A C   1 
ATOM   1034 O O   . VAL A 1 166 ? 1.254   -4.821  0.916   1.00 16.16  ? 167 VAL A O   1 
ATOM   1035 C CB  . VAL A 1 166 ? 2.808   -2.470  -0.025  1.00 14.48  ? 167 VAL A CB  1 
ATOM   1036 C CG1 . VAL A 1 166 ? 2.264   -1.781  1.256   1.00 14.02  ? 167 VAL A CG1 1 
ATOM   1037 C CG2 . VAL A 1 166 ? 3.860   -1.592  -0.679  1.00 14.17  ? 167 VAL A CG2 1 
ATOM   1038 N N   . ARG A 1 167 ? 2.759   -4.660  2.562   1.00 10.43  ? 168 ARG A N   1 
ATOM   1039 C CA  . ARG A 1 167 ? 1.838   -5.170  3.551   1.00 9.13   ? 168 ARG A CA  1 
ATOM   1040 C C   . ARG A 1 167 ? 2.007   -4.291  4.792   1.00 13.36  ? 168 ARG A C   1 
ATOM   1041 O O   . ARG A 1 167 ? 3.124   -4.067  5.232   1.00 11.62  ? 168 ARG A O   1 
ATOM   1042 C CB  . ARG A 1 167 ? 2.075   -6.655  3.850   1.00 8.50   ? 168 ARG A CB  1 
ATOM   1043 C CG  . ARG A 1 167 ? 1.333   -7.176  5.104   1.00 9.48   ? 168 ARG A CG  1 
ATOM   1044 C CD  . ARG A 1 167 ? 1.592   -8.684  5.338   1.00 11.18  ? 168 ARG A CD  1 
ATOM   1045 N NE  . ARG A 1 167 ? 0.812   -9.203  6.479   1.00 24.27  ? 168 ARG A NE  1 
ATOM   1046 C CZ  . ARG A 1 167 ? 0.879   -10.448 6.953   1.00 31.76  ? 168 ARG A CZ  1 
ATOM   1047 N NH1 . ARG A 1 167 ? 1.654   -11.343 6.369   1.00 13.70  ? 168 ARG A NH1 1 
ATOM   1048 N NH2 . ARG A 1 167 ? 0.192   -10.807 8.029   1.00 17.40  ? 168 ARG A NH2 1 
ATOM   1049 N N   . PHE A 1 168 ? 0.898   -3.757  5.307   1.00 11.25  ? 169 PHE A N   1 
ATOM   1050 C CA  . PHE A 1 168 ? 0.933   -2.832  6.423   1.00 10.50  ? 169 PHE A CA  1 
ATOM   1051 C C   . PHE A 1 168 ? -0.081  -3.125  7.526   1.00 17.36  ? 169 PHE A C   1 
ATOM   1052 O O   . PHE A 1 168 ? -1.139  -3.700  7.279   1.00 17.86  ? 169 PHE A O   1 
ATOM   1053 C CB  . PHE A 1 168 ? 0.667   -1.430  5.886   1.00 11.78  ? 169 PHE A CB  1 
ATOM   1054 C CG  . PHE A 1 168 ? -0.753  -1.209  5.410   1.00 12.81  ? 169 PHE A CG  1 
ATOM   1055 C CD1 . PHE A 1 168 ? -1.135  -1.561  4.095   1.00 15.63  ? 169 PHE A CD1 1 
ATOM   1056 C CD2 . PHE A 1 168 ? -1.687  -0.562  6.229   1.00 14.29  ? 169 PHE A CD2 1 
ATOM   1057 C CE1 . PHE A 1 168 ? -2.450  -1.318  3.621   1.00 17.79  ? 169 PHE A CE1 1 
ATOM   1058 C CE2 . PHE A 1 168 ? -2.993  -0.306  5.781   1.00 16.65  ? 169 PHE A CE2 1 
ATOM   1059 C CZ  . PHE A 1 168 ? -3.392  -0.705  4.473   1.00 16.65  ? 169 PHE A CZ  1 
ATOM   1060 N N   . TRP A 1 169 ? 0.233   -2.652  8.731   1.00 14.86  ? 170 TRP A N   1 
ATOM   1061 C CA  . TRP A 1 169 ? -0.604  -2.822  9.928   1.00 14.08  ? 170 TRP A CA  1 
ATOM   1062 C C   . TRP A 1 169 ? -0.947  -1.411  10.458  1.00 11.68  ? 170 TRP A C   1 
ATOM   1063 O O   . TRP A 1 169 ? -0.093  -0.762  11.018  1.00 10.60  ? 170 TRP A O   1 
ATOM   1064 C CB  . TRP A 1 169 ? 0.194   -3.585  11.011  1.00 12.73  ? 170 TRP A CB  1 
ATOM   1065 C CG  . TRP A 1 169 ? 0.527   -5.060  10.723  1.00 12.75  ? 170 TRP A CG  1 
ATOM   1066 C CD1 . TRP A 1 169 ? -0.061  -6.180  11.323  1.00 15.13  ? 170 TRP A CD1 1 
ATOM   1067 C CD2 . TRP A 1 169 ? 1.593   -5.576  9.881   1.00 12.76  ? 170 TRP A CD2 1 
ATOM   1068 N NE1 . TRP A 1 169 ? 0.558   -7.326  10.888  1.00 15.50  ? 170 TRP A NE1 1 
ATOM   1069 C CE2 . TRP A 1 169 ? 1.558   -7.000  9.989   1.00 17.11  ? 170 TRP A CE2 1 
ATOM   1070 C CE3 . TRP A 1 169 ? 2.539   -4.982  9.008   1.00 12.78  ? 170 TRP A CE3 1 
ATOM   1071 C CZ2 . TRP A 1 169 ? 2.444   -7.836  9.250   1.00 14.01  ? 170 TRP A CZ2 1 
ATOM   1072 C CZ3 . TRP A 1 169 ? 3.393   -5.812  8.261   1.00 12.38  ? 170 TRP A CZ3 1 
ATOM   1073 C CH2 . TRP A 1 169 ? 3.345   -7.218  8.404   1.00 13.30  ? 170 TRP A CH2 1 
ATOM   1074 N N   . PRO A 1 170 ? -2.185  -0.956  10.268  1.00 9.36   ? 171 PRO A N   1 
ATOM   1075 C CA  . PRO A 1 170 ? -2.569  0.403   10.606  1.00 9.61   ? 171 PRO A CA  1 
ATOM   1076 C C   . PRO A 1 170 ? -2.270  0.749   12.053  1.00 20.18  ? 171 PRO A C   1 
ATOM   1077 O O   . PRO A 1 170 ? -2.448  -0.088  12.929  1.00 20.24  ? 171 PRO A O   1 
ATOM   1078 C CB  . PRO A 1 170 ? -4.095  0.386   10.379  1.00 9.01   ? 171 PRO A CB  1 
ATOM   1079 C CG  . PRO A 1 170 ? -4.499  -0.944  10.730  1.00 10.56  ? 171 PRO A CG  1 
ATOM   1080 C CD  . PRO A 1 170 ? -3.373  -1.832  10.244  1.00 8.11   ? 171 PRO A CD  1 
ATOM   1081 N N   . SER A 1 171 ? -1.830  1.983   12.297  1.00 16.78  ? 172 SER A N   1 
ATOM   1082 C CA  . SER A 1 171 ? -1.591  2.417   13.646  1.00 17.42  ? 172 SER A CA  1 
ATOM   1083 C C   . SER A 1 171 ? -2.902  2.567   14.454  1.00 23.91  ? 172 SER A C   1 
ATOM   1084 O O   . SER A 1 171 ? -3.867  3.182   14.008  1.00 20.96  ? 172 SER A O   1 
ATOM   1085 C CB  . SER A 1 171 ? -0.826  3.728   13.658  1.00 21.03  ? 172 SER A CB  1 
ATOM   1086 O OG  . SER A 1 171 ? -1.128  4.457   14.842  1.00 24.73  ? 172 SER A OG  1 
ATOM   1087 N N   . LEU A 1 172 ? -2.909  2.013   15.662  1.00 26.02  ? 173 LEU A N   1 
ATOM   1088 C CA  . LEU A 1 172 ? -4.084  2.078   16.534  1.00 28.81  ? 173 LEU A CA  1 
ATOM   1089 C C   . LEU A 1 172 ? -4.169  3.398   17.302  1.00 29.10  ? 173 LEU A C   1 
ATOM   1090 O O   . LEU A 1 172 ? -5.189  3.698   17.908  1.00 28.87  ? 173 LEU A O   1 
ATOM   1091 C CB  . LEU A 1 172 ? -4.096  0.909   17.511  1.00 29.97  ? 173 LEU A CB  1 
ATOM   1092 C CG  . LEU A 1 172 ? -5.319  0.005   17.462  1.00 36.06  ? 173 LEU A CG  1 
ATOM   1093 C CD1 . LEU A 1 172 ? -6.372  0.534   16.478  1.00 37.40  ? 173 LEU A CD1 1 
ATOM   1094 C CD2 . LEU A 1 172 ? -4.881  -1.416  17.111  1.00 38.41  ? 173 LEU A CD2 1 
ATOM   1095 N N   . GLU A 1 173 ? -3.102  4.192   17.248  1.00 23.58  ? 174 GLU A N   1 
ATOM   1096 C CA  . GLU A 1 173 ? -3.098  5.507   17.871  1.00 22.53  ? 174 GLU A CA  1 
ATOM   1097 C C   . GLU A 1 173 ? -3.723  6.495   16.930  1.00 26.95  ? 174 GLU A C   1 
ATOM   1098 O O   . GLU A 1 173 ? -4.104  7.574   17.356  1.00 30.87  ? 174 GLU A O   1 
ATOM   1099 C CB  . GLU A 1 173 ? -1.689  5.955   18.215  1.00 23.46  ? 174 GLU A CB  1 
ATOM   1100 C CG  . GLU A 1 173 ? -1.045  5.046   19.221  1.00 27.14  ? 174 GLU A CG  1 
ATOM   1101 C CD  . GLU A 1 173 ? 0.119   4.329   18.638  1.00 51.93  ? 174 GLU A CD  1 
ATOM   1102 O OE1 . GLU A 1 173 ? 0.742   4.896   17.725  1.00 59.17  ? 174 GLU A OE1 1 
ATOM   1103 O OE2 . GLU A 1 173 ? 0.413   3.204   19.081  1.00 72.59  ? 174 GLU A OE2 1 
ATOM   1104 N N   . THR A 1 174 ? -3.820  6.134   15.650  1.00 20.13  ? 175 THR A N   1 
ATOM   1105 C CA  . THR A 1 174 ? -4.467  6.998   14.669  1.00 18.09  ? 175 THR A CA  1 
ATOM   1106 C C   . THR A 1 174 ? -5.926  6.589   14.430  1.00 21.11  ? 175 THR A C   1 
ATOM   1107 O O   . THR A 1 174 ? -6.825  7.416   14.516  1.00 21.87  ? 175 THR A O   1 
ATOM   1108 C CB  . THR A 1 174 ? -3.738  7.023   13.285  1.00 18.10  ? 175 THR A CB  1 
ATOM   1109 O OG1 . THR A 1 174 ? -2.522  7.791   13.366  1.00 18.15  ? 175 THR A OG1 1 
ATOM   1110 C CG2 . THR A 1 174 ? -4.649  7.634   12.241  1.00 4.33   ? 175 THR A CG2 1 
ATOM   1111 N N   . PHE A 1 175 ? -6.172  5.316   14.119  1.00 16.51  ? 176 PHE A N   1 
ATOM   1112 C CA  . PHE A 1 175 ? -7.540  4.851   13.790  1.00 14.86  ? 176 PHE A CA  1 
ATOM   1113 C C   . PHE A 1 175 ? -8.439  4.379   14.961  1.00 22.38  ? 176 PHE A C   1 
ATOM   1114 O O   . PHE A 1 175 ? -8.135  3.393   15.628  1.00 24.82  ? 176 PHE A O   1 
ATOM   1115 C CB  . PHE A 1 175 ? -7.509  3.817   12.629  1.00 13.60  ? 176 PHE A CB  1 
ATOM   1116 C CG  . PHE A 1 175 ? -6.799  4.312   11.385  1.00 13.03  ? 176 PHE A CG  1 
ATOM   1117 C CD1 . PHE A 1 175 ? -7.489  5.003   10.404  1.00 14.13  ? 176 PHE A CD1 1 
ATOM   1118 C CD2 . PHE A 1 175 ? -5.428  4.113   11.209  1.00 13.35  ? 176 PHE A CD2 1 
ATOM   1119 C CE1 . PHE A 1 175 ? -6.833  5.456   9.261   1.00 16.85  ? 176 PHE A CE1 1 
ATOM   1120 C CE2 . PHE A 1 175 ? -4.756  4.564   10.050  1.00 13.46  ? 176 PHE A CE2 1 
ATOM   1121 C CZ  . PHE A 1 175 ? -5.440  5.254   9.090   1.00 12.65  ? 176 PHE A CZ  1 
ATOM   1122 N N   . THR A 1 176 ? -9.565  5.053   15.173  1.00 19.94  ? 177 THR A N   1 
ATOM   1123 C CA  . THR A 1 176 ? -10.511 4.706   16.253  1.00 20.50  ? 177 THR A CA  1 
ATOM   1124 C C   . THR A 1 176 ? -11.883 4.306   15.743  1.00 28.37  ? 177 THR A C   1 
ATOM   1125 O O   . THR A 1 176 ? -12.265 4.639   14.624  1.00 27.64  ? 177 THR A O   1 
ATOM   1126 C CB  . THR A 1 176 ? -10.801 5.915   17.156  1.00 25.64  ? 177 THR A CB  1 
ATOM   1127 O OG1 . THR A 1 176 ? -11.416 6.948   16.370  1.00 24.49  ? 177 THR A OG1 1 
ATOM   1128 C CG2 . THR A 1 176 ? -9.500  6.454   17.811  1.00 20.90  ? 177 THR A CG2 1 
ATOM   1129 N N   . ASN A 1 177 ? -12.657 3.676   16.623  1.00 29.62  ? 178 ASN A N   1 
ATOM   1130 C CA  . ASN A 1 177 ? -14.028 3.252   16.319  1.00 29.94  ? 178 ASN A CA  1 
ATOM   1131 C C   . ASN A 1 177 ? -14.058 2.042   15.366  1.00 30.69  ? 178 ASN A C   1 
ATOM   1132 O O   . ASN A 1 177 ? -14.188 0.884   15.788  1.00 29.17  ? 178 ASN A O   1 
ATOM   1133 C CB  . ASN A 1 177 ? -14.793 4.423   15.704  1.00 34.59  ? 178 ASN A CB  1 
ATOM   1134 C CG  . ASN A 1 177 ? -16.234 4.423   16.081  1.00 71.79  ? 178 ASN A CG  1 
ATOM   1135 O OD1 . ASN A 1 177 ? -16.586 4.872   17.163  1.00 88.99  ? 178 ASN A OD1 1 
ATOM   1136 N ND2 . ASN A 1 177 ? -17.085 3.908   15.206  1.00 56.52  ? 178 ASN A ND2 1 
ATOM   1137 N N   . VAL A 1 178 ? -13.947 2.321   14.074  1.00 22.54  ? 179 VAL A N   1 
ATOM   1138 C CA  . VAL A 1 178 ? -13.950 1.242   13.107  1.00 21.64  ? 179 VAL A CA  1 
ATOM   1139 C C   . VAL A 1 178 ? -12.499 0.885   12.831  1.00 26.21  ? 179 VAL A C   1 
ATOM   1140 O O   . VAL A 1 178 ? -11.821 1.587   12.070  1.00 26.31  ? 179 VAL A O   1 
ATOM   1141 C CB  . VAL A 1 178 ? -14.646 1.650   11.808  1.00 21.38  ? 179 VAL A CB  1 
ATOM   1142 C CG1 . VAL A 1 178 ? -14.206 0.728   10.691  1.00 19.96  ? 179 VAL A CG1 1 
ATOM   1143 C CG2 . VAL A 1 178 ? -16.139 1.607   11.994  1.00 20.02  ? 179 VAL A CG2 1 
ATOM   1144 N N   . THR A 1 179 ? -12.023 -0.182  13.472  1.00 18.08  ? 180 THR A N   1 
ATOM   1145 C CA  . THR A 1 179 ? -10.618 -0.554  13.370  1.00 15.96  ? 180 THR A CA  1 
ATOM   1146 C C   . THR A 1 179 ? -10.282 -1.787  12.537  1.00 15.55  ? 180 THR A C   1 
ATOM   1147 O O   . THR A 1 179 ? -9.122  -2.011  12.219  1.00 12.12  ? 180 THR A O   1 
ATOM   1148 C CB  . THR A 1 179 ? -10.057 -0.742  14.777  1.00 27.96  ? 180 THR A CB  1 
ATOM   1149 O OG1 . THR A 1 179 ? -10.847 -1.727  15.450  1.00 24.18  ? 180 THR A OG1 1 
ATOM   1150 C CG2 . THR A 1 179 ? -10.172 0.557   15.565  1.00 32.59  ? 180 THR A CG2 1 
ATOM   1151 N N   . GLU A 1 180 ? -11.283 -2.607  12.228  1.00 16.00  ? 181 GLU A N   1 
ATOM   1152 C CA  . GLU A 1 180 ? -11.053 -3.836  11.459  1.00 16.99  ? 181 GLU A CA  1 
ATOM   1153 C C   . GLU A 1 180 ? -11.516 -3.708  10.009  1.00 21.18  ? 181 GLU A C   1 
ATOM   1154 O O   . GLU A 1 180 ? -12.585 -3.173  9.725   1.00 19.71  ? 181 GLU A O   1 
ATOM   1155 C CB  . GLU A 1 180 ? -11.672 -5.087  12.069  1.00 23.23  ? 181 GLU A CB  1 
ATOM   1156 C CG  . GLU A 1 180 ? -11.172 -5.385  13.485  1.00 29.69  ? 181 GLU A CG  1 
ATOM   1157 N N   . PHE A 1 181 ? -10.703 -4.209  9.092   1.00 19.11  ? 182 PHE A N   1 
ATOM   1158 C CA  . PHE A 1 181 ? -11.060 -4.164  7.684   1.00 18.31  ? 182 PHE A CA  1 
ATOM   1159 C C   . PHE A 1 181 ? -12.319 -4.969  7.442   1.00 25.80  ? 182 PHE A C   1 
ATOM   1160 O O   . PHE A 1 181 ? -12.529 -6.042  8.043   1.00 25.10  ? 182 PHE A O   1 
ATOM   1161 C CB  . PHE A 1 181 ? -9.932  -4.728  6.836   1.00 17.18  ? 182 PHE A CB  1 
ATOM   1162 C CG  . PHE A 1 181 ? -8.660  -3.984  7.000   1.00 16.86  ? 182 PHE A CG  1 
ATOM   1163 C CD1 . PHE A 1 181 ? -8.544  -2.688  6.512   1.00 19.27  ? 182 PHE A CD1 1 
ATOM   1164 C CD2 . PHE A 1 181 ? -7.624  -4.530  7.710   1.00 16.68  ? 182 PHE A CD2 1 
ATOM   1165 C CE1 . PHE A 1 181 ? -7.403  -1.986  6.672   1.00 19.05  ? 182 PHE A CE1 1 
ATOM   1166 C CE2 . PHE A 1 181 ? -6.468  -3.836  7.880   1.00 20.35  ? 182 PHE A CE2 1 
ATOM   1167 C CZ  . PHE A 1 181 ? -6.338  -2.571  7.350   1.00 18.23  ? 182 PHE A CZ  1 
ATOM   1168 N N   . GLU A 1 182 ? -13.112 -4.468  6.501   1.00 19.03  ? 183 GLU A N   1 
ATOM   1169 C CA  . GLU A 1 182 ? -14.358 -5.090  6.149   1.00 16.59  ? 183 GLU A CA  1 
ATOM   1170 C C   . GLU A 1 182 ? -14.413 -5.451  4.655   1.00 18.34  ? 183 GLU A C   1 
ATOM   1171 O O   . GLU A 1 182 ? -14.385 -4.577  3.787   1.00 17.65  ? 183 GLU A O   1 
ATOM   1172 C CB  . GLU A 1 182 ? -15.473 -4.148  6.564   1.00 18.01  ? 183 GLU A CB  1 
ATOM   1173 C CG  . GLU A 1 182 ? -16.622 -4.105  5.620   1.00 34.18  ? 183 GLU A CG  1 
ATOM   1174 C CD  . GLU A 1 182 ? -17.886 -3.680  6.328   1.00 62.22  ? 183 GLU A CD  1 
ATOM   1175 O OE1 . GLU A 1 182 ? -17.836 -2.699  7.105   1.00 46.69  ? 183 GLU A OE1 1 
ATOM   1176 O OE2 . GLU A 1 182 ? -18.921 -4.349  6.136   1.00 63.01  ? 183 GLU A OE2 1 
ATOM   1177 N N   . TYR A 1 183 ? -14.486 -6.750  4.370   1.00 12.69  ? 184 TYR A N   1 
ATOM   1178 C CA  . TYR A 1 183 ? -14.488 -7.258  3.006   1.00 10.96  ? 184 TYR A CA  1 
ATOM   1179 C C   . TYR A 1 183 ? -15.440 -6.553  2.079   1.00 13.83  ? 184 TYR A C   1 
ATOM   1180 O O   . TYR A 1 183 ? -15.091 -6.198  0.967   1.00 14.03  ? 184 TYR A O   1 
ATOM   1181 C CB  . TYR A 1 183 ? -14.776 -8.758  3.011   1.00 12.42  ? 184 TYR A CB  1 
ATOM   1182 C CG  . TYR A 1 183 ? -14.506 -9.498  1.686   1.00 11.85  ? 184 TYR A CG  1 
ATOM   1183 C CD1 . TYR A 1 183 ? -15.503 -9.616  0.703   1.00 13.65  ? 184 TYR A CD1 1 
ATOM   1184 C CD2 . TYR A 1 183 ? -13.314 -10.208 1.495   1.00 10.86  ? 184 TYR A CD2 1 
ATOM   1185 C CE1 . TYR A 1 183 ? -15.276 -10.360 -0.468  1.00 12.68  ? 184 TYR A CE1 1 
ATOM   1186 C CE2 . TYR A 1 183 ? -13.071 -10.932 0.333   1.00 11.42  ? 184 TYR A CE2 1 
ATOM   1187 C CZ  . TYR A 1 183 ? -14.054 -11.031 -0.627  1.00 18.74  ? 184 TYR A CZ  1 
ATOM   1188 O OH  . TYR A 1 183 ? -13.774 -11.765 -1.753  1.00 19.64  ? 184 TYR A OH  1 
ATOM   1189 N N   . GLU A 1 184 ? -16.653 -6.336  2.532   1.00 14.06  ? 185 GLU A N   1 
ATOM   1190 C CA  . GLU A 1 184 ? -17.645 -5.683  1.687   1.00 16.80  ? 185 GLU A CA  1 
ATOM   1191 C C   . GLU A 1 184 ? -17.242 -4.323  1.131   1.00 15.61  ? 185 GLU A C   1 
ATOM   1192 O O   . GLU A 1 184 ? -17.524 -4.007  -0.011  1.00 15.41  ? 185 GLU A O   1 
ATOM   1193 C CB  . GLU A 1 184 ? -19.007 -5.614  2.394   1.00 18.99  ? 185 GLU A CB  1 
ATOM   1194 C CG  . GLU A 1 184 ? -19.804 -6.893  2.221   1.00 29.74  ? 185 GLU A CG  1 
ATOM   1195 C CD  . GLU A 1 184 ? -21.309 -6.670  2.299   1.00 51.14  ? 185 GLU A CD  1 
ATOM   1196 O OE1 . GLU A 1 184 ? -21.881 -5.960  1.417   1.00 20.19  ? 185 GLU A OE1 1 
ATOM   1197 O OE2 . GLU A 1 184 ? -21.920 -7.223  3.246   1.00 40.18  ? 185 GLU A OE2 1 
ATOM   1198 N N   . ILE A 1 185 ? -16.591 -3.509  1.944   1.00 10.06  ? 186 ILE A N   1 
ATOM   1199 C CA  . ILE A 1 185 ? -16.181 -2.180  1.504   1.00 8.46   ? 186 ILE A CA  1 
ATOM   1200 C C   . ILE A 1 185 ? -15.130 -2.185  0.367   1.00 12.49  ? 186 ILE A C   1 
ATOM   1201 O O   . ILE A 1 185 ? -15.173 -1.373  -0.567  1.00 9.84   ? 186 ILE A O   1 
ATOM   1202 C CB  . ILE A 1 185 ? -15.734 -1.380  2.722   1.00 10.62  ? 186 ILE A CB  1 
ATOM   1203 C CG1 . ILE A 1 185 ? -16.917 -1.223  3.672   1.00 10.90  ? 186 ILE A CG1 1 
ATOM   1204 C CG2 . ILE A 1 185 ? -15.130 -0.037  2.338   1.00 9.49   ? 186 ILE A CG2 1 
ATOM   1205 C CD1 . ILE A 1 185 ? -16.788 -0.075  4.703   1.00 17.47  ? 186 ILE A CD1 1 
ATOM   1206 N N   . LEU A 1 186 ? -14.192 -3.122  0.460   1.00 11.90  ? 187 LEU A N   1 
ATOM   1207 C CA  . LEU A 1 186 ? -13.119 -3.252  -0.503  1.00 9.82   ? 187 LEU A CA  1 
ATOM   1208 C C   . LEU A 1 186 ? -13.634 -3.874  -1.788  1.00 15.42  ? 187 LEU A C   1 
ATOM   1209 O O   . LEU A 1 186 ? -13.299 -3.426  -2.873  1.00 16.63  ? 187 LEU A O   1 
ATOM   1210 C CB  . LEU A 1 186 ? -12.054 -4.152  0.099   1.00 9.24   ? 187 LEU A CB  1 
ATOM   1211 C CG  . LEU A 1 186 ? -10.819 -3.608  0.831   1.00 12.08  ? 187 LEU A CG  1 
ATOM   1212 C CD1 . LEU A 1 186 ? -11.037 -2.249  1.453   1.00 10.55  ? 187 LEU A CD1 1 
ATOM   1213 C CD2 . LEU A 1 186 ? -10.316 -4.613  1.825   1.00 6.20   ? 187 LEU A CD2 1 
ATOM   1214 N N   . ALA A 1 187 ? -14.462 -4.912  -1.667  1.00 11.20  ? 188 ALA A N   1 
ATOM   1215 C CA  . ALA A 1 187 ? -14.968 -5.616  -2.847  1.00 10.83  ? 188 ALA A CA  1 
ATOM   1216 C C   . ALA A 1 187 ? -15.821 -4.741  -3.748  1.00 12.63  ? 188 ALA A C   1 
ATOM   1217 O O   . ALA A 1 187 ? -15.815 -4.879  -4.965  1.00 10.79  ? 188 ALA A O   1 
ATOM   1218 C CB  . ALA A 1 187 ? -15.698 -6.923  -2.451  1.00 11.76  ? 188 ALA A CB  1 
ATOM   1219 N N   . LYS A 1 188 ? -16.565 -3.830  -3.144  1.00 11.24  ? 189 LYS A N   1 
ATOM   1220 C CA  . LYS A 1 188 ? -17.367 -2.893  -3.929  1.00 10.49  ? 189 LYS A CA  1 
ATOM   1221 C C   . LYS A 1 188 ? -16.430 -1.971  -4.750  1.00 16.76  ? 189 LYS A C   1 
ATOM   1222 O O   . LYS A 1 188 ? -16.623 -1.788  -5.939  1.00 18.49  ? 189 LYS A O   1 
ATOM   1223 C CB  . LYS A 1 188 ? -18.285 -2.064  -3.017  1.00 9.56   ? 189 LYS A CB  1 
ATOM   1224 C CG  . LYS A 1 188 ? -18.675 -0.738  -3.627  1.00 20.48  ? 189 LYS A CG  1 
ATOM   1225 C CD  . LYS A 1 188 ? -19.399 0.147   -2.636  1.00 32.83  ? 189 LYS A CD  1 
ATOM   1226 C CE  . LYS A 1 188 ? -20.313 1.141   -3.363  1.00 34.80  ? 189 LYS A CE  1 
ATOM   1227 N NZ  . LYS A 1 188 ? -21.233 1.820   -2.404  1.00 51.12  ? 189 LYS A NZ  1 
ATOM   1228 N N   . ARG A 1 189 ? -15.383 -1.444  -4.122  1.00 12.05  ? 190 ARG A N   1 
ATOM   1229 C CA  . ARG A 1 189 ? -14.461 -0.553  -4.797  1.00 10.25  ? 190 ARG A CA  1 
ATOM   1230 C C   . ARG A 1 189 ? -13.525 -1.278  -5.811  1.00 15.98  ? 190 ARG A C   1 
ATOM   1231 O O   . ARG A 1 189 ? -13.345 -0.817  -6.934  1.00 16.62  ? 190 ARG A O   1 
ATOM   1232 C CB  . ARG A 1 189 ? -13.686 0.274   -3.734  1.00 13.10  ? 190 ARG A CB  1 
ATOM   1233 C CG  . ARG A 1 189 ? -12.740 1.359   -4.282  1.00 18.52  ? 190 ARG A CG  1 
ATOM   1234 C CD  . ARG A 1 189 ? -13.507 2.312   -5.193  1.00 17.68  ? 190 ARG A CD  1 
ATOM   1235 N NE  . ARG A 1 189 ? -12.625 3.329   -5.765  1.00 25.13  ? 190 ARG A NE  1 
ATOM   1236 C CZ  . ARG A 1 189 ? -12.802 3.883   -6.967  1.00 51.69  ? 190 ARG A CZ  1 
ATOM   1237 N NH1 . ARG A 1 189 ? -13.819 3.519   -7.744  1.00 46.17  ? 190 ARG A NH1 1 
ATOM   1238 N NH2 . ARG A 1 189 ? -11.963 4.812   -7.391  1.00 40.48  ? 190 ARG A NH2 1 
ATOM   1239 N N   . LEU A 1 190 ? -12.925 -2.402  -5.430  1.00 13.15  ? 191 LEU A N   1 
ATOM   1240 C CA  . LEU A 1 190 ? -12.047 -3.139  -6.354  1.00 13.40  ? 191 LEU A CA  1 
ATOM   1241 C C   . LEU A 1 190 ? -12.877 -3.547  -7.573  1.00 21.64  ? 191 LEU A C   1 
ATOM   1242 O O   . LEU A 1 190 ? -12.415 -3.524  -8.727  1.00 21.55  ? 191 LEU A O   1 
ATOM   1243 C CB  . LEU A 1 190 ? -11.480 -4.397  -5.692  1.00 12.00  ? 191 LEU A CB  1 
ATOM   1244 C CG  . LEU A 1 190 ? -10.582 -4.105  -4.487  1.00 16.89  ? 191 LEU A CG  1 
ATOM   1245 C CD1 . LEU A 1 190 ? -9.886  -5.360  -3.997  1.00 17.57  ? 191 LEU A CD1 1 
ATOM   1246 C CD2 . LEU A 1 190 ? -9.554  -3.075  -4.846  1.00 19.89  ? 191 LEU A CD2 1 
ATOM   1247 N N   . ARG A 1 191 ? -14.124 -3.898  -7.309  1.00 18.05  ? 192 ARG A N   1 
ATOM   1248 C CA  . ARG A 1 191 ? -14.989 -4.229  -8.397  1.00 17.72  ? 192 ARG A CA  1 
ATOM   1249 C C   . ARG A 1 191 ? -15.095 -3.001  -9.335  1.00 19.45  ? 192 ARG A C   1 
ATOM   1250 O O   . ARG A 1 191 ? -14.885 -3.128  -10.524 1.00 18.29  ? 192 ARG A O   1 
ATOM   1251 C CB  . ARG A 1 191 ? -16.354 -4.686  -7.891  1.00 14.81  ? 192 ARG A CB  1 
ATOM   1252 C CG  . ARG A 1 191 ? -17.363 -4.764  -9.009  1.00 20.80  ? 192 ARG A CG  1 
ATOM   1253 C CD  . ARG A 1 191 ? -18.687 -5.324  -8.553  1.00 27.19  ? 192 ARG A CD  1 
ATOM   1254 N NE  . ARG A 1 191 ? -18.940 -6.542  -9.294  1.00 43.49  ? 192 ARG A NE  1 
ATOM   1255 C CZ  . ARG A 1 191 ? -18.854 -7.758  -8.777  1.00 54.36  ? 192 ARG A CZ  1 
ATOM   1256 N NH1 . ARG A 1 191 ? -18.592 -7.916  -7.490  1.00 39.33  ? 192 ARG A NH1 1 
ATOM   1257 N NH2 . ARG A 1 191 ? -19.053 -8.816  -9.546  1.00 45.58  ? 192 ARG A NH2 1 
ATOM   1258 N N   . GLU A 1 192 ? -15.374 -1.815  -8.802  1.00 15.25  ? 193 GLU A N   1 
ATOM   1259 C CA  . GLU A 1 192 ? -15.459 -0.600  -9.634  1.00 14.51  ? 193 GLU A CA  1 
ATOM   1260 C C   . GLU A 1 192 ? -14.189 -0.321  -10.394 1.00 14.57  ? 193 GLU A C   1 
ATOM   1261 O O   . GLU A 1 192 ? -14.217 0.123   -11.525 1.00 14.40  ? 193 GLU A O   1 
ATOM   1262 C CB  . GLU A 1 192 ? -15.666 0.627   -8.757  1.00 17.18  ? 193 GLU A CB  1 
ATOM   1263 C CG  . GLU A 1 192 ? -17.080 0.924   -8.355  1.00 32.88  ? 193 GLU A CG  1 
ATOM   1264 C CD  . GLU A 1 192 ? -17.123 1.678   -7.051  1.00 62.65  ? 193 GLU A CD  1 
ATOM   1265 O OE1 . GLU A 1 192 ? -16.124 2.371   -6.758  1.00 44.58  ? 193 GLU A OE1 1 
ATOM   1266 O OE2 . GLU A 1 192 ? -18.130 1.574   -6.317  1.00 64.19  ? 193 GLU A OE2 1 
ATOM   1267 N N   . LEU A 1 193 ? -13.063 -0.497  -9.727  1.00 12.90  ? 194 LEU A N   1 
ATOM   1268 C CA  . LEU A 1 193 ? -11.762 -0.264  -10.351 1.00 14.02  ? 194 LEU A CA  1 
ATOM   1269 C C   . LEU A 1 193 ? -11.479 -1.188  -11.535 1.00 18.25  ? 194 LEU A C   1 
ATOM   1270 O O   . LEU A 1 193 ? -10.957 -0.775  -12.562 1.00 18.63  ? 194 LEU A O   1 
ATOM   1271 C CB  . LEU A 1 193 ? -10.628 -0.363  -9.315  1.00 13.54  ? 194 LEU A CB  1 
ATOM   1272 C CG  . LEU A 1 193 ? -10.780 0.717   -8.253  1.00 17.94  ? 194 LEU A CG  1 
ATOM   1273 C CD1 . LEU A 1 193 ? -9.802  0.476   -7.138  1.00 19.44  ? 194 LEU A CD1 1 
ATOM   1274 C CD2 . LEU A 1 193 ? -10.557 2.088   -8.865  1.00 20.23  ? 194 LEU A CD2 1 
ATOM   1275 N N   . SER A 1 194 ? -11.809 -2.454  -11.422 1.00 15.21  ? 195 SER A N   1 
ATOM   1276 C CA  . SER A 1 194 ? -11.522 -3.278  -12.585 1.00 15.73  ? 195 SER A CA  1 
ATOM   1277 C C   . SER A 1 194 ? -12.351 -2.859  -13.796 1.00 20.19  ? 195 SER A C   1 
ATOM   1278 O O   . SER A 1 194 ? -11.849 -2.845  -14.907 1.00 22.15  ? 195 SER A O   1 
ATOM   1279 C CB  . SER A 1 194 ? -11.674 -4.780  -12.292 1.00 18.52  ? 195 SER A CB  1 
ATOM   1280 O OG  . SER A 1 194 ? -12.925 -5.096  -11.721 1.00 23.84  ? 195 SER A OG  1 
ATOM   1281 N N   . PHE A 1 195 ? -13.614 -2.513  -13.553 1.00 17.18  ? 196 PHE A N   1 
ATOM   1282 C CA  . PHE A 1 195 ? -14.560 -2.155  -14.595 1.00 16.50  ? 196 PHE A CA  1 
ATOM   1283 C C   . PHE A 1 195 ? -14.099 -0.913  -15.306 1.00 21.68  ? 196 PHE A C   1 
ATOM   1284 O O   . PHE A 1 195 ? -14.108 -0.844  -16.544 1.00 19.80  ? 196 PHE A O   1 
ATOM   1285 C CB  . PHE A 1 195 ? -15.944 -1.939  -13.997 1.00 17.96  ? 196 PHE A CB  1 
ATOM   1286 C CG  . PHE A 1 195 ? -17.032 -1.694  -15.022 1.00 19.77  ? 196 PHE A CG  1 
ATOM   1287 C CD1 . PHE A 1 195 ? -17.207 -0.459  -15.605 1.00 20.72  ? 196 PHE A CD1 1 
ATOM   1288 C CD2 . PHE A 1 195 ? -17.979 -2.668  -15.298 1.00 21.54  ? 196 PHE A CD2 1 
ATOM   1289 C CE1 . PHE A 1 195 ? -18.203 -0.255  -16.571 1.00 21.36  ? 196 PHE A CE1 1 
ATOM   1290 C CE2 . PHE A 1 195 ? -19.026 -2.421  -16.201 1.00 23.07  ? 196 PHE A CE2 1 
ATOM   1291 C CZ  . PHE A 1 195 ? -19.115 -1.234  -16.844 1.00 19.04  ? 196 PHE A CZ  1 
ATOM   1292 N N   . LEU A 1 196 ? -13.658 0.057   -14.517 1.00 19.44  ? 197 LEU A N   1 
ATOM   1293 C CA  . LEU A 1 196 ? -13.197 1.332   -15.057 1.00 19.76  ? 197 LEU A CA  1 
ATOM   1294 C C   . LEU A 1 196 ? -11.827 1.241   -15.666 1.00 24.86  ? 197 LEU A C   1 
ATOM   1295 O O   . LEU A 1 196 ? -11.351 2.200   -16.249 1.00 25.37  ? 197 LEU A O   1 
ATOM   1296 C CB  . LEU A 1 196 ? -13.154 2.388   -13.969 1.00 20.27  ? 197 LEU A CB  1 
ATOM   1297 C CG  . LEU A 1 196 ? -14.507 2.852   -13.441 1.00 25.25  ? 197 LEU A CG  1 
ATOM   1298 C CD1 . LEU A 1 196 ? -14.331 3.928   -12.352 1.00 25.29  ? 197 LEU A CD1 1 
ATOM   1299 C CD2 . LEU A 1 196 ? -15.388 3.351   -14.597 1.00 23.48  ? 197 LEU A CD2 1 
ATOM   1300 N N   . ASN A 1 197 ? -11.161 0.113   -15.472 1.00 21.56  ? 198 ASN A N   1 
ATOM   1301 C CA  . ASN A 1 197 ? -9.816  -0.066  -16.006 1.00 21.18  ? 198 ASN A CA  1 
ATOM   1302 C C   . ASN A 1 197 ? -9.779  -1.412  -16.670 1.00 27.32  ? 198 ASN A C   1 
ATOM   1303 O O   . ASN A 1 197 ? -9.081  -2.337  -16.232 1.00 21.38  ? 198 ASN A O   1 
ATOM   1304 C CB  . ASN A 1 197 ? -8.773  0.022   -14.890 1.00 22.71  ? 198 ASN A CB  1 
ATOM   1305 C CG  . ASN A 1 197 ? -8.743  1.391   -14.243 1.00 27.73  ? 198 ASN A CG  1 
ATOM   1306 O OD1 . ASN A 1 197 ? -9.014  1.497   -13.033 1.00 26.70  ? 198 ASN A OD1 1 
ATOM   1307 N ND2 . ASN A 1 197 ? -8.527  2.385   -14.963 1.00 37.30  ? 198 ASN A ND2 1 
ATOM   1308 N N   . SER A 1 198 ? -10.598 -1.512  -17.709 1.00 31.32  ? 199 SER A N   1 
ATOM   1309 C CA  . SER A 1 198 ? -10.701 -2.725  -18.504 1.00 35.18  ? 199 SER A CA  1 
ATOM   1310 C C   . SER A 1 198 ? -9.338  -3.366  -18.744 1.00 42.76  ? 199 SER A C   1 
ATOM   1311 O O   . SER A 1 198 ? -8.370  -2.696  -19.149 1.00 43.46  ? 199 SER A O   1 
ATOM   1312 C CB  . SER A 1 198 ? -11.330 -2.397  -19.855 1.00 43.46  ? 199 SER A CB  1 
ATOM   1313 O OG  . SER A 1 198 ? -10.688 -1.263  -20.426 1.00 64.61  ? 199 SER A OG  1 
ATOM   1314 N N   . GLY A 1 199 ? -9.266  -4.671  -18.514 1.00 39.24  ? 200 GLY A N   1 
ATOM   1315 C CA  . GLY A 1 199 ? -8.027  -5.411  -18.756 1.00 40.64  ? 200 GLY A CA  1 
ATOM   1316 C C   . GLY A 1 199 ? -7.254  -5.762  -17.489 1.00 46.40  ? 200 GLY A C   1 
ATOM   1317 O O   . GLY A 1 199 ? -6.523  -6.767  -17.452 1.00 47.11  ? 200 GLY A O   1 
ATOM   1318 N N   . VAL A 1 200 ? -7.420  -4.941  -16.452 1.00 39.62  ? 201 VAL A N   1 
ATOM   1319 C CA  . VAL A 1 200 ? -6.735  -5.194  -15.197 1.00 36.84  ? 201 VAL A CA  1 
ATOM   1320 C C   . VAL A 1 200 ? -7.420  -6.260  -14.359 1.00 28.55  ? 201 VAL A C   1 
ATOM   1321 O O   . VAL A 1 200 ? -8.608  -6.171  -14.070 1.00 26.76  ? 201 VAL A O   1 
ATOM   1322 C CB  . VAL A 1 200 ? -6.510  -3.906  -14.393 1.00 43.28  ? 201 VAL A CB  1 
ATOM   1323 C CG1 . VAL A 1 200 ? -5.736  -2.922  -15.248 1.00 44.48  ? 201 VAL A CG1 1 
ATOM   1324 C CG2 . VAL A 1 200 ? -7.848  -3.297  -13.942 1.00 43.20  ? 201 VAL A CG2 1 
ATOM   1325 N N   . SER A 1 201 ? -6.648  -7.278  -13.995 1.00 19.78  ? 202 SER A N   1 
ATOM   1326 C CA  . SER A 1 201 ? -7.115  -8.373  -13.154 1.00 16.75  ? 202 SER A CA  1 
ATOM   1327 C C   . SER A 1 201 ? -6.693  -8.117  -11.717 1.00 18.02  ? 202 SER A C   1 
ATOM   1328 O O   . SER A 1 201 ? -5.513  -7.912  -11.437 1.00 16.73  ? 202 SER A O   1 
ATOM   1329 C CB  . SER A 1 201 ? -6.542  -9.704  -13.619 1.00 17.39  ? 202 SER A CB  1 
ATOM   1330 O OG  . SER A 1 201 ? -6.447  -10.604 -12.520 1.00 24.68  ? 202 SER A OG  1 
ATOM   1331 N N   . ILE A 1 202 ? -7.692  -8.076  -10.837 1.00 16.11  ? 203 ILE A N   1 
ATOM   1332 C CA  . ILE A 1 202 ? -7.539  -7.846  -9.406  1.00 15.65  ? 203 ILE A CA  1 
ATOM   1333 C C   . ILE A 1 202 ? -8.226  -8.973  -8.639  1.00 17.86  ? 203 ILE A C   1 
ATOM   1334 O O   . ILE A 1 202 ? -9.426  -9.255  -8.829  1.00 13.96  ? 203 ILE A O   1 
ATOM   1335 C CB  . ILE A 1 202 ? -8.259  -6.512  -8.954  1.00 19.51  ? 203 ILE A CB  1 
ATOM   1336 C CG1 . ILE A 1 202 ? -7.911  -5.337  -9.889  1.00 20.92  ? 203 ILE A CG1 1 
ATOM   1337 C CG2 . ILE A 1 202 ? -7.911  -6.161  -7.477  1.00 15.92  ? 203 ILE A CG2 1 
ATOM   1338 C CD1 . ILE A 1 202 ? -8.480  -4.013  -9.432  1.00 26.85  ? 203 ILE A CD1 1 
ATOM   1339 N N   . ARG A 1 203 ? -7.481  -9.580  -7.724  1.00 14.45  ? 204 ARG A N   1 
ATOM   1340 C CA  . ARG A 1 203 ? -8.048  -10.619 -6.876  1.00 11.63  ? 204 ARG A CA  1 
ATOM   1341 C C   . ARG A 1 203 ? -8.065  -10.125 -5.457  1.00 15.07  ? 204 ARG A C   1 
ATOM   1342 O O   . ARG A 1 203 ? -7.149  -9.425  -5.055  1.00 15.84  ? 204 ARG A O   1 
ATOM   1343 C CB  . ARG A 1 203 ? -7.220  -11.900 -6.977  1.00 8.92   ? 204 ARG A CB  1 
ATOM   1344 C CG  . ARG A 1 203 ? -7.556  -12.699 -8.220  1.00 15.88  ? 204 ARG A CG  1 
ATOM   1345 C CD  . ARG A 1 203 ? -6.693  -13.909 -8.372  1.00 32.20  ? 204 ARG A CD  1 
ATOM   1346 N NE  . ARG A 1 203 ? -6.543  -14.280 -9.783  1.00 40.06  ? 204 ARG A NE  1 
ATOM   1347 C CZ  . ARG A 1 203 ? -7.164  -15.308 -10.356 1.00 50.69  ? 204 ARG A CZ  1 
ATOM   1348 N NH1 . ARG A 1 203 ? -7.972  -16.060 -9.637  1.00 36.06  ? 204 ARG A NH1 1 
ATOM   1349 N NH2 . ARG A 1 203 ? -6.986  -15.580 -11.643 1.00 46.53  ? 204 ARG A NH2 1 
ATOM   1350 N N   . LEU A 1 204 ? -9.101  -10.515 -4.712  1.00 14.21  ? 205 LEU A N   1 
ATOM   1351 C CA  . LEU A 1 204 ? -9.291  -10.194 -3.282  1.00 13.95  ? 205 LEU A CA  1 
ATOM   1352 C C   . LEU A 1 204 ? -9.432  -11.503 -2.459  1.00 15.42  ? 205 LEU A C   1 
ATOM   1353 O O   . LEU A 1 204 ? -10.226 -12.388 -2.803  1.00 12.87  ? 205 LEU A O   1 
ATOM   1354 C CB  . LEU A 1 204 ? -10.582 -9.380  -3.104  1.00 14.65  ? 205 LEU A CB  1 
ATOM   1355 C CG  . LEU A 1 204 ? -10.729 -8.307  -2.002  1.00 21.90  ? 205 LEU A CG  1 
ATOM   1356 C CD1 . LEU A 1 204 ? -12.167 -8.093  -1.579  1.00 22.91  ? 205 LEU A CD1 1 
ATOM   1357 C CD2 . LEU A 1 204 ? -9.774  -8.361  -0.791  1.00 22.30  ? 205 LEU A CD2 1 
ATOM   1358 N N   . ARG A 1 205 ? -8.700  -11.623 -1.354  1.00 11.67  ? 206 ARG A N   1 
ATOM   1359 C CA  . ARG A 1 205 ? -8.824  -12.827 -0.502  1.00 10.75  ? 206 ARG A CA  1 
ATOM   1360 C C   . ARG A 1 205 ? -8.928  -12.480 0.970   1.00 15.76  ? 206 ARG A C   1 
ATOM   1361 O O   . ARG A 1 205 ? -8.207  -11.630 1.478   1.00 15.20  ? 206 ARG A O   1 
ATOM   1362 C CB  . ARG A 1 205 ? -7.675  -13.828 -0.721  1.00 12.84  ? 206 ARG A CB  1 
ATOM   1363 C CG  . ARG A 1 205 ? -7.065  -13.784 -2.101  1.00 28.45  ? 206 ARG A CG  1 
ATOM   1364 C CD  . ARG A 1 205 ? -5.754  -14.541 -2.151  1.00 41.30  ? 206 ARG A CD  1 
ATOM   1365 N NE  . ARG A 1 205 ? -5.627  -15.327 -3.383  1.00 44.67  ? 206 ARG A NE  1 
ATOM   1366 C CZ  . ARG A 1 205 ? -4.462  -15.651 -3.951  1.00 51.03  ? 206 ARG A CZ  1 
ATOM   1367 N NH1 . ARG A 1 205 ? -3.309  -15.252 -3.410  1.00 15.97  ? 206 ARG A NH1 1 
ATOM   1368 N NH2 . ARG A 1 205 ? -4.443  -16.363 -5.069  1.00 43.35  ? 206 ARG A NH2 1 
ATOM   1369 N N   . ASP A 1 206 ? -9.865  -13.138 1.639   1.00 16.82  ? 207 ASP A N   1 
ATOM   1370 C CA  . ASP A 1 206 ? -10.100 -12.954 3.065   1.00 17.80  ? 207 ASP A CA  1 
ATOM   1371 C C   . ASP A 1 206 ? -9.557  -14.153 3.832   1.00 28.09  ? 207 ASP A C   1 
ATOM   1372 O O   . ASP A 1 206 ? -10.185 -15.210 3.889   1.00 31.03  ? 207 ASP A O   1 
ATOM   1373 C CB  . ASP A 1 206 ? -11.598 -12.726 3.393   1.00 17.77  ? 207 ASP A CB  1 
ATOM   1374 C CG  . ASP A 1 206 ? -11.788 -12.024 4.742   1.00 22.59  ? 207 ASP A CG  1 
ATOM   1375 O OD1 . ASP A 1 206 ? -10.899 -12.182 5.604   1.00 22.25  ? 207 ASP A OD1 1 
ATOM   1376 O OD2 . ASP A 1 206 ? -12.727 -11.209 4.907   1.00 26.41  ? 207 ASP A OD2 1 
ATOM   1377 N N   . LYS A 1 207 ? -8.390  -13.981 4.435   1.00 23.67  ? 208 LYS A N   1 
ATOM   1378 C CA  . LYS A 1 207 ? -7.803  -15.056 5.207   1.00 22.63  ? 208 LYS A CA  1 
ATOM   1379 C C   . LYS A 1 207 ? -8.679  -15.391 6.401   1.00 23.76  ? 208 LYS A C   1 
ATOM   1380 O O   . LYS A 1 207 ? -8.655  -16.505 6.872   1.00 22.59  ? 208 LYS A O   1 
ATOM   1381 C CB  . LYS A 1 207 ? -6.302  -14.934 5.518   1.00 24.49  ? 208 LYS A CB  1 
ATOM   1382 C CG  . LYS A 1 207 ? -5.406  -15.303 4.327   1.00 18.04  ? 208 LYS A CG  1 
ATOM   1383 N N   . ARG A 1 208 ? -9.480  -14.445 6.875   1.00 20.06  ? 209 ARG A N   1 
ATOM   1384 C CA  . ARG A 1 208 ? -10.352 -14.708 8.025   1.00 18.02  ? 209 ARG A CA  1 
ATOM   1385 C C   . ARG A 1 208 ? -11.411 -15.784 7.774   1.00 24.55  ? 209 ARG A C   1 
ATOM   1386 O O   . ARG A 1 208 ? -11.902 -16.407 8.706   1.00 22.04  ? 209 ARG A O   1 
ATOM   1387 C CB  . ARG A 1 208 ? -10.976 -13.410 8.581   1.00 11.90  ? 209 ARG A CB  1 
ATOM   1388 C CG  . ARG A 1 208 ? -9.923  -12.448 9.246   1.00 19.87  ? 209 ARG A CG  1 
ATOM   1389 C CD  . ARG A 1 208 ? -10.330 -10.963 9.287   1.00 22.25  ? 209 ARG A CD  1 
ATOM   1390 N NE  . ARG A 1 208 ? -11.111 -10.533 8.124   1.00 27.71  ? 209 ARG A NE  1 
ATOM   1391 C CZ  . ARG A 1 208 ? -11.658 -9.324  7.986   1.00 40.38  ? 209 ARG A CZ  1 
ATOM   1392 N NH1 . ARG A 1 208 ? -11.489 -8.404  8.933   1.00 19.97  ? 209 ARG A NH1 1 
ATOM   1393 N NH2 . ARG A 1 208 ? -12.370 -9.024  6.900   1.00 22.47  ? 209 ARG A NH2 1 
ATOM   1394 N N   . ASP A 1 209 ? -11.748 -16.037 6.515   1.00 26.89  ? 210 ASP A N   1 
ATOM   1395 C CA  . ASP A 1 209 ? -12.793 -17.018 6.242   1.00 28.45  ? 210 ASP A CA  1 
ATOM   1396 C C   . ASP A 1 209 ? -12.682 -17.784 4.920   1.00 32.82  ? 210 ASP A C   1 
ATOM   1397 O O   . ASP A 1 209 ? -13.531 -18.618 4.603   1.00 34.74  ? 210 ASP A O   1 
ATOM   1398 C CB  . ASP A 1 209 ? -14.169 -16.347 6.348   1.00 30.42  ? 210 ASP A CB  1 
ATOM   1399 C CG  . ASP A 1 209 ? -14.333 -15.176 5.368   1.00 35.57  ? 210 ASP A CG  1 
ATOM   1400 O OD1 . ASP A 1 209 ? -13.786 -15.223 4.219   1.00 27.29  ? 210 ASP A OD1 1 
ATOM   1401 O OD2 . ASP A 1 209 ? -15.016 -14.208 5.778   1.00 32.74  ? 210 ASP A OD2 1 
ATOM   1402 N N   . GLY A 1 210 ? -11.648 -17.525 4.145   1.00 27.92  ? 211 GLY A N   1 
ATOM   1403 C CA  . GLY A 1 210 ? -11.523 -18.258 2.890   1.00 28.80  ? 211 GLY A CA  1 
ATOM   1404 C C   . GLY A 1 210 ? -12.362 -17.705 1.731   1.00 31.71  ? 211 GLY A C   1 
ATOM   1405 O O   . GLY A 1 210 ? -12.448 -18.340 0.676   1.00 32.31  ? 211 GLY A O   1 
ATOM   1406 N N   . LYS A 1 211 ? -12.940 -16.518 1.901   1.00 26.08  ? 212 LYS A N   1 
ATOM   1407 C CA  . LYS A 1 211 ? -13.671 -15.883 0.803   1.00 25.48  ? 212 LYS A CA  1 
ATOM   1408 C C   . LYS A 1 211 ? -12.697 -15.199 -0.171  1.00 32.88  ? 212 LYS A C   1 
ATOM   1409 O O   . LYS A 1 211 ? -11.769 -14.516 0.246   1.00 31.18  ? 212 LYS A O   1 
ATOM   1410 C CB  . LYS A 1 211 ? -14.668 -14.872 1.325   1.00 26.35  ? 212 LYS A CB  1 
ATOM   1411 C CG  . LYS A 1 211 ? -15.384 -14.116 0.221   1.00 47.85  ? 212 LYS A CG  1 
ATOM   1412 C CD  . LYS A 1 211 ? -15.891 -15.027 -0.906  1.00 50.77  ? 212 LYS A CD  1 
ATOM   1413 C CE  . LYS A 1 211 ? -16.926 -14.293 -1.772  1.00 39.21  ? 212 LYS A CE  1 
ATOM   1414 N NZ  . LYS A 1 211 ? -16.852 -14.621 -3.241  1.00 50.75  ? 212 LYS A NZ  1 
ATOM   1415 N N   . GLU A 1 212 ? -12.897 -15.424 -1.468  1.00 31.81  ? 213 GLU A N   1 
ATOM   1416 C CA  . GLU A 1 212 ? -12.041 -14.855 -2.508  1.00 29.80  ? 213 GLU A CA  1 
ATOM   1417 C C   . GLU A 1 212 ? -12.912 -14.371 -3.647  1.00 30.17  ? 213 GLU A C   1 
ATOM   1418 O O   . GLU A 1 212 ? -13.986 -14.917 -3.895  1.00 27.73  ? 213 GLU A O   1 
ATOM   1419 C CB  . GLU A 1 212 ? -11.101 -15.897 -3.088  1.00 45.10  ? 213 GLU A CB  1 
ATOM   1420 C CG  . GLU A 1 212 ? -11.420 -17.334 -2.689  1.00 36.58  ? 213 GLU A CG  1 
ATOM   1421 N N   . ASP A 1 213 ? -12.414 -13.374 -4.362  1.00 27.37  ? 214 ASP A N   1 
ATOM   1422 C CA  . ASP A 1 213 ? -13.111 -12.778 -5.504  1.00 26.98  ? 214 ASP A CA  1 
ATOM   1423 C C   . ASP A 1 213 ? -12.123 -12.442 -6.630  1.00 28.93  ? 214 ASP A C   1 
ATOM   1424 O O   . ASP A 1 213 ? -10.984 -12.114 -6.374  1.00 31.45  ? 214 ASP A O   1 
ATOM   1425 C CB  . ASP A 1 213 ? -13.810 -11.479 -5.072  1.00 29.61  ? 214 ASP A CB  1 
ATOM   1426 C CG  . ASP A 1 213 ? -15.236 -11.705 -4.626  1.00 43.88  ? 214 ASP A CG  1 
ATOM   1427 O OD1 . ASP A 1 213 ? -16.090 -11.978 -5.501  1.00 47.19  ? 214 ASP A OD1 1 
ATOM   1428 O OD2 . ASP A 1 213 ? -15.497 -11.625 -3.405  1.00 43.14  ? 214 ASP A OD2 1 
ATOM   1429 N N   . HIS A 1 214 ? -12.566 -12.523 -7.872  1.00 23.86  ? 215 HIS A N   1 
ATOM   1430 C CA  . HIS A 1 214 ? -11.717 -12.190 -8.981  1.00 23.85  ? 215 HIS A CA  1 
ATOM   1431 C C   . HIS A 1 214 ? -12.500 -11.273 -9.904  1.00 31.09  ? 215 HIS A C   1 
ATOM   1432 O O   . HIS A 1 214 ? -13.477 -11.689 -10.534 1.00 29.43  ? 215 HIS A O   1 
ATOM   1433 C CB  . HIS A 1 214 ? -11.275 -13.438 -9.733  1.00 23.42  ? 215 HIS A CB  1 
ATOM   1434 C CG  . HIS A 1 214 ? -10.343 -13.149 -10.869 1.00 25.54  ? 215 HIS A CG  1 
ATOM   1435 N ND1 . HIS A 1 214 ? -10.258 -13.953 -11.985 1.00 26.03  ? 215 HIS A ND1 1 
ATOM   1436 C CD2 . HIS A 1 214 ? -9.439  -12.156 -11.049 1.00 26.77  ? 215 HIS A CD2 1 
ATOM   1437 C CE1 . HIS A 1 214 ? -9.329  -13.481 -12.797 1.00 26.02  ? 215 HIS A CE1 1 
ATOM   1438 N NE2 . HIS A 1 214 ? -8.831  -12.379 -12.263 1.00 26.54  ? 215 HIS A NE2 1 
ATOM   1439 N N   . PHE A 1 215 ? -12.083 -10.010 -9.936  1.00 29.16  ? 216 PHE A N   1 
ATOM   1440 C CA  . PHE A 1 215 ? -12.714 -8.970  -10.764 1.00 26.03  ? 216 PHE A CA  1 
ATOM   1441 C C   . PHE A 1 215 ? -11.931 -8.805  -12.108 1.00 30.72  ? 216 PHE A C   1 
ATOM   1442 O O   . PHE A 1 215 ? -10.741 -8.442  -12.113 1.00 29.76  ? 216 PHE A O   1 
ATOM   1443 C CB  . PHE A 1 215 ? -12.753 -7.657  -9.966  1.00 23.75  ? 216 PHE A CB  1 
ATOM   1444 C CG  . PHE A 1 215 ? -13.345 -7.794  -8.573  1.00 21.14  ? 216 PHE A CG  1 
ATOM   1445 C CD1 . PHE A 1 215 ? -14.602 -8.363  -8.385  1.00 19.26  ? 216 PHE A CD1 1 
ATOM   1446 C CD2 . PHE A 1 215 ? -12.659 -7.320  -7.451  1.00 19.51  ? 216 PHE A CD2 1 
ATOM   1447 C CE1 . PHE A 1 215 ? -15.163 -8.442  -7.120  1.00 17.45  ? 216 PHE A CE1 1 
ATOM   1448 C CE2 . PHE A 1 215 ? -13.208 -7.445  -6.172  1.00 20.38  ? 216 PHE A CE2 1 
ATOM   1449 C CZ  . PHE A 1 215 ? -14.463 -7.996  -6.012  1.00 16.54  ? 216 PHE A CZ  1 
ATOM   1450 N N   . HIS A 1 216 ? -12.584 -9.136  -13.227 1.00 26.38  ? 217 HIS A N   1 
ATOM   1451 C CA  . HIS A 1 216 ? -11.936 -9.107  -14.545 1.00 62.82  ? 217 HIS A CA  1 
ATOM   1452 C C   . HIS A 1 216 ? -12.698 -8.388  -15.666 1.00 66.77  ? 217 HIS A C   1 
ATOM   1453 O O   . HIS A 1 216 ? -13.918 -8.483  -15.780 1.00 38.27  ? 217 HIS A O   1 
ATOM   1454 C CB  . HIS A 1 216 ? -11.464 -10.529 -15.002 1.00 64.05  ? 217 HIS A CB  1 
ATOM   1455 C CG  . HIS A 1 216 ? -12.423 -11.639 -14.673 1.00 68.73  ? 217 HIS A CG  1 
ATOM   1456 N ND1 . HIS A 1 216 ? -13.767 -11.601 -14.997 1.00 71.72  ? 217 HIS A ND1 1 
ATOM   1457 C CD2 . HIS A 1 216 ? -12.223 -12.832 -14.062 1.00 71.21  ? 217 HIS A CD2 1 
ATOM   1458 C CE1 . HIS A 1 216 ? -14.351 -12.714 -14.584 1.00 71.35  ? 217 HIS A CE1 1 
ATOM   1459 N NE2 . HIS A 1 216 ? -13.439 -13.474 -14.006 1.00 71.34  ? 217 HIS A NE2 1 
HETATM 1460 C C1  . NOV B 2 .   ? 4.634   2.899   -5.079  1.00 8.94   ? 1   NOV A C1  1 
HETATM 1461 O O1  . NOV B 2 .   ? 5.658   3.146   -6.053  1.00 17.79  ? 1   NOV A O1  1 
HETATM 1462 N N1  . NOV B 2 .   ? 3.081   -0.547  -7.226  1.00 13.82  ? 1   NOV A N1  1 
HETATM 1463 C C12 . NOV B 2 .   ? 3.939   0.171   -7.901  1.00 12.46  ? 1   NOV A C12 1 
HETATM 1464 O O4  . NOV B 2 .   ? 4.690   -0.292  -8.708  1.00 18.73  ? 1   NOV A O4  1 
HETATM 1465 O O5  . NOV B 2 .   ? 3.928   1.438   -7.579  1.00 7.69   ? 1   NOV A O5  1 
HETATM 1466 C C27 . NOV B 2 .   ? 5.119   3.548   -7.319  1.00 7.54   ? 1   NOV A C27 1 
HETATM 1467 C C28 . NOV B 2 .   ? 4.901   2.325   -8.203  1.00 10.88  ? 1   NOV A C28 1 
HETATM 1468 C C29 . NOV B 2 .   ? 4.235   2.829   -9.474  1.00 10.41  ? 1   NOV A C29 1 
HETATM 1469 O O6  . NOV B 2 .   ? 2.907   3.223   -9.160  1.00 7.49   ? 1   NOV A O6  1 
HETATM 1470 C C30 . NOV B 2 .   ? 5.127   3.871   -10.137 1.00 10.72  ? 1   NOV A C30 1 
HETATM 1471 O O7  . NOV B 2 .   ? 5.437   4.990   -9.295  1.00 8.62   ? 1   NOV A O7  1 
HETATM 1472 C C31 . NOV B 2 .   ? 5.900   4.717   -7.981  1.00 8.42   ? 1   NOV A C31 1 
HETATM 1473 C C23 . NOV B 2 .   ? 7.413   4.392   -7.983  1.00 3.62   ? 1   NOV A C23 1 
HETATM 1474 C C26 . NOV B 2 .   ? 5.589   6.033   -7.212  1.00 1.34   ? 1   NOV A C26 1 
HETATM 1475 O O8  . NOV B 2 .   ? 6.287   3.104   -10.339 1.00 17.48  ? 1   NOV A O8  1 
HETATM 1476 C C3  . NOV B 2 .   ? 7.289   3.581   -11.166 1.00 16.96  ? 1   NOV A C3  1 
HETATM 1477 C C4  . NOV B 2 .   ? 8.246   2.605   -11.429 1.00 15.37  ? 1   NOV A C4  1 
HETATM 1478 C C2  . NOV B 2 .   ? 8.206   1.227   -10.905 1.00 11.68  ? 1   NOV A C2  1 
HETATM 1479 C C5  . NOV B 2 .   ? 9.252   2.904   -12.275 1.00 19.45  ? 1   NOV A C5  1 
HETATM 1480 C C9  . NOV B 2 .   ? 9.398   4.190   -12.829 1.00 19.44  ? 1   NOV A C9  1 
HETATM 1481 C C10 . NOV B 2 .   ? 8.407   5.171   -12.629 1.00 8.06   ? 1   NOV A C10 1 
HETATM 1482 C C11 . NOV B 2 .   ? 7.325   4.853   -11.799 1.00 5.58   ? 1   NOV A C11 1 
HETATM 1483 O O10 . NOV B 2 .   ? 10.167  1.858   -12.477 1.00 21.69  ? 1   NOV A O10 1 
HETATM 1484 C C6  . NOV B 2 .   ? 11.252  2.084   -13.195 1.00 21.00  ? 1   NOV A C6  1 
HETATM 1485 O O11 . NOV B 2 .   ? 12.109  1.263   -13.316 1.00 24.59  ? 1   NOV A O11 1 
HETATM 1486 C C7  . NOV B 2 .   ? 11.458  3.409   -13.828 1.00 13.43  ? 1   NOV A C7  1 
HETATM 1487 C C8  . NOV B 2 .   ? 10.596  4.416   -13.657 1.00 13.74  ? 1   NOV A C8  1 
HETATM 1488 O O9  . NOV B 2 .   ? 10.822  5.614   -14.231 1.00 19.95  ? 1   NOV A O9  1 
HETATM 1489 N N2  . NOV B 2 .   ? 12.580  3.541   -14.735 1.00 17.42  ? 1   NOV A N2  1 
HETATM 1490 C C13 . NOV B 2 .   ? 13.838  3.947   -14.505 1.00 21.38  ? 1   NOV A C13 1 
HETATM 1491 O O2  . NOV B 2 .   ? 14.593  3.964   -15.444 1.00 24.29  ? 1   NOV A O2  1 
HETATM 1492 C C14 . NOV B 2 .   ? 14.338  4.398   -13.210 1.00 19.69  ? 1   NOV A C14 1 
HETATM 1493 C C15 . NOV B 2 .   ? 13.689  5.414   -12.479 1.00 20.88  ? 1   NOV A C15 1 
HETATM 1494 C C16 . NOV B 2 .   ? 14.272  5.835   -11.272 1.00 13.47  ? 1   NOV A C16 1 
HETATM 1495 C C17 . NOV B 2 .   ? 15.436  5.224   -10.814 1.00 17.92  ? 1   NOV A C17 1 
HETATM 1496 O O3  . NOV B 2 .   ? 15.987  5.623   -9.624  1.00 16.64  ? 1   NOV A O3  1 
HETATM 1497 C C18 . NOV B 2 .   ? 16.087  4.209   -11.545 1.00 23.09  ? 1   NOV A C18 1 
HETATM 1498 C C19 . NOV B 2 .   ? 15.525  3.808   -12.766 1.00 21.22  ? 1   NOV A C19 1 
HETATM 1499 C C20 . NOV B 2 .   ? 13.611  6.874   -10.403 1.00 16.20  ? 1   NOV A C20 1 
HETATM 1500 C C21 . NOV B 2 .   ? 12.686  6.337   -9.327  1.00 13.64  ? 1   NOV A C21 1 
HETATM 1501 C C22 . NOV B 2 .   ? 11.345  6.451   -9.255  1.00 11.56  ? 1   NOV A C22 1 
HETATM 1502 C C24 . NOV B 2 .   ? 10.539  5.842   -8.128  1.00 20.49  ? 1   NOV A C24 1 
HETATM 1503 C C25 . NOV B 2 .   ? 10.512  7.193   -10.254 1.00 3.37   ? 1   NOV A C25 1 
HETATM 1504 O O   . HOH C 3 .   ? 1.592   -3.556  -4.862  1.00 8.46   ? 221 HOH A O   1 
HETATM 1505 O O   . HOH C 3 .   ? 3.653   -7.213  13.387  1.00 17.27  ? 222 HOH A O   1 
HETATM 1506 O O   . HOH C 3 .   ? -2.180  10.218  14.717  1.00 10.00  ? 223 HOH A O   1 
HETATM 1507 O O   . HOH C 3 .   ? 7.548   -8.417  -4.571  1.00 10.62  ? 224 HOH A O   1 
HETATM 1508 O O   . HOH C 3 .   ? -18.843 -2.400  -7.801  1.00 26.62  ? 225 HOH A O   1 
HETATM 1509 O O   . HOH C 3 .   ? -1.974  -9.754  -1.507  1.00 8.13   ? 226 HOH A O   1 
HETATM 1510 O O   . HOH C 3 .   ? 5.886   -2.966  -9.178  1.00 7.14   ? 227 HOH A O   1 
HETATM 1511 O O   . HOH C 3 .   ? 7.372   -8.512  11.017  1.00 19.99  ? 228 HOH A O   1 
HETATM 1512 O O   . HOH C 3 .   ? -16.438 0.915   -1.078  1.00 9.16   ? 229 HOH A O   1 
HETATM 1513 O O   . HOH C 3 .   ? 1.422   -0.699  -4.601  1.00 11.54  ? 230 HOH A O   1 
HETATM 1514 O O   . HOH C 3 .   ? 12.193  -1.195  -12.042 1.00 25.93  ? 231 HOH A O   1 
HETATM 1515 O O   . HOH C 3 .   ? 6.639   4.924   -15.940 1.00 34.91  ? 232 HOH A O   1 
HETATM 1516 O O   . HOH C 3 .   ? 2.711   6.533   -3.527  1.00 21.29  ? 233 HOH A O   1 
HETATM 1517 O O   . HOH C 3 .   ? 5.153   2.162   9.118   1.00 13.10  ? 234 HOH A O   1 
HETATM 1518 O O   . HOH C 3 .   ? -2.913  -2.694  13.661  1.00 24.67  ? 235 HOH A O   1 
HETATM 1519 O O   . HOH C 3 .   ? -16.751 3.750   -9.069  1.00 25.84  ? 236 HOH A O   1 
HETATM 1520 O O   . HOH C 3 .   ? -9.361  -13.434 12.625  1.00 25.22  ? 237 HOH A O   1 
HETATM 1521 O O   . HOH C 3 .   ? -11.771 4.633   11.832  1.00 14.39  ? 238 HOH A O   1 
HETATM 1522 O O   . HOH C 3 .   ? -10.006 9.196   15.466  1.00 21.70  ? 239 HOH A O   1 
HETATM 1523 O O   . HOH C 3 .   ? -9.183  -8.054  10.937  1.00 14.66  ? 240 HOH A O   1 
HETATM 1524 O O   . HOH C 3 .   ? 1.794   5.981   12.787  1.00 17.02  ? 241 HOH A O   1 
HETATM 1525 O O   . HOH C 3 .   ? 1.095   7.708   16.755  1.00 25.15  ? 242 HOH A O   1 
HETATM 1526 O O   . HOH C 3 .   ? -8.268  -10.056 13.408  1.00 28.00  ? 243 HOH A O   1 
HETATM 1527 O O   . HOH C 3 .   ? -5.446  -3.084  14.439  1.00 44.88  ? 244 HOH A O   1 
HETATM 1528 O O   . HOH C 3 .   ? 5.331   -11.697 -9.178  1.00 13.66  ? 245 HOH A O   1 
HETATM 1529 O O   . HOH C 3 .   ? 6.443   -12.046 -12.403 1.00 22.51  ? 246 HOH A O   1 
HETATM 1530 O O   . HOH C 3 .   ? 14.471  -3.439  7.201   1.00 12.50  ? 247 HOH A O   1 
HETATM 1531 O O   . HOH C 3 .   ? 0.398   7.089   14.227  1.00 20.36  ? 248 HOH A O   1 
HETATM 1532 O O   . HOH C 3 .   ? -16.241 -2.288  8.787   1.00 47.73  ? 249 HOH A O   1 
HETATM 1533 O O   . HOH C 3 .   ? -18.644 0.977   0.748   1.00 19.26  ? 250 HOH A O   1 
HETATM 1534 O O   . HOH C 3 .   ? -10.701 6.143   -10.666 1.00 45.16  ? 251 HOH A O   1 
HETATM 1535 O O   . HOH C 3 .   ? -13.567 3.925   -18.559 1.00 16.26  ? 252 HOH A O   1 
HETATM 1536 O O   . HOH C 3 .   ? -0.275  -3.447  -18.241 1.00 47.77  ? 253 HOH A O   1 
HETATM 1537 O O   . HOH C 3 .   ? -0.056  -12.617 -9.800  1.00 27.35  ? 254 HOH A O   1 
HETATM 1538 O O   . HOH C 3 .   ? -14.979 -18.807 -0.675  1.00 30.89  ? 255 HOH A O   1 
HETATM 1539 O O   . HOH C 3 .   ? 3.246   -5.764  15.019  1.00 20.35  ? 256 HOH A O   1 
HETATM 1540 O O   . HOH C 3 .   ? 5.228   -8.406  11.785  1.00 27.20  ? 257 HOH A O   1 
HETATM 1541 O O   . HOH C 3 .   ? -11.102 5.414   9.357   1.00 19.51  ? 258 HOH A O   1 
HETATM 1542 O O   . HOH C 3 .   ? 13.894  -11.055 -11.645 1.00 23.31  ? 259 HOH A O   1 
HETATM 1543 O O   . HOH C 3 .   ? 4.944   -4.968  16.317  1.00 39.96  ? 260 HOH A O   1 
HETATM 1544 O O   . HOH C 3 .   ? 11.599  -16.940 -9.759  1.00 35.94  ? 261 HOH A O   1 
HETATM 1545 O O   . HOH C 3 .   ? 14.950  -8.405  5.830   1.00 28.30  ? 262 HOH A O   1 
HETATM 1546 O O   . HOH C 3 .   ? 2.986   11.454  -0.139  1.00 22.59  ? 263 HOH A O   1 
HETATM 1547 O O   . HOH C 3 .   ? 6.745   -10.723 -2.583  1.00 29.83  ? 264 HOH A O   1 
HETATM 1548 O O   . HOH C 3 .   ? 9.382   5.278   -16.490 1.00 25.24  ? 265 HOH A O   1 
HETATM 1549 O O   . HOH C 3 .   ? -14.011 -1.775  13.503  1.00 33.71  ? 266 HOH A O   1 
HETATM 1550 O O   . HOH C 3 .   ? -11.919 -20.988 5.026   1.00 33.17  ? 267 HOH A O   1 
HETATM 1551 O O   . HOH C 3 .   ? 11.832  -11.529 1.454   1.00 26.74  ? 268 HOH A O   1 
HETATM 1552 O O   . HOH C 3 .   ? 7.889   1.782   16.929  1.00 39.25  ? 269 HOH A O   1 
HETATM 1553 O O   . HOH C 3 .   ? 11.295  2.291   -17.106 1.00 40.72  ? 270 HOH A O   1 
HETATM 1554 O O   . HOH C 3 .   ? 9.454   4.238   15.333  1.00 43.15  ? 271 HOH A O   1 
HETATM 1555 O O   . HOH C 3 .   ? 11.597  -5.226  -13.961 1.00 21.51  ? 272 HOH A O   1 
HETATM 1556 O O   . HOH C 3 .   ? 6.763   -6.146  -15.680 1.00 26.52  ? 273 HOH A O   1 
HETATM 1557 O O   . HOH C 3 .   ? 16.382  -0.860  -9.306  1.00 30.71  ? 274 HOH A O   1 
HETATM 1558 O O   . HOH C 3 .   ? 5.121   7.892   -1.891  1.00 28.10  ? 275 HOH A O   1 
HETATM 1559 O O   . HOH C 3 .   ? 8.138   13.128  5.416   1.00 26.80  ? 276 HOH A O   1 
HETATM 1560 O O   . HOH C 3 .   ? 19.515  -2.490  -6.505  1.00 35.18  ? 277 HOH A O   1 
HETATM 1561 O O   . HOH C 3 .   ? -15.782 2.761   -3.254  1.00 58.72  ? 278 HOH A O   1 
HETATM 1562 O O   . HOH C 3 .   ? -4.386  11.986  15.742  1.00 37.00  ? 279 HOH A O   1 
HETATM 1563 O O   . HOH C 3 .   ? -7.394  6.320   -3.353  1.00 26.57  ? 280 HOH A O   1 
HETATM 1564 O O   . HOH C 3 .   ? 11.003  -3.953  13.612  1.00 39.35  ? 281 HOH A O   1 
HETATM 1565 O O   . HOH C 3 .   ? -15.078 -5.814  -14.781 1.00 34.33  ? 282 HOH A O   1 
HETATM 1566 O O   . HOH C 3 .   ? 5.724   -12.853 -6.795  1.00 27.76  ? 283 HOH A O   1 
HETATM 1567 O O   . HOH C 3 .   ? -15.424 -8.419  6.561   1.00 34.58  ? 284 HOH A O   1 
HETATM 1568 O O   . HOH C 3 .   ? -3.073  -14.214 -1.257  1.00 26.49  ? 285 HOH A O   1 
HETATM 1569 O O   . HOH C 3 .   ? 17.157  2.549   1.574   1.00 22.44  ? 286 HOH A O   1 
HETATM 1570 O O   . HOH C 3 .   ? 6.530   -4.706  -18.691 1.00 51.76  ? 287 HOH A O   1 
HETATM 1571 O O   . HOH C 3 .   ? 6.353   -9.720  -15.065 1.00 42.20  ? 288 HOH A O   1 
HETATM 1572 O O   . HOH C 3 .   ? 17.929  5.981   6.132   1.00 32.31  ? 289 HOH A O   1 
HETATM 1573 O O   . HOH C 3 .   ? 2.757   -10.709 -8.124  1.00 26.35  ? 290 HOH A O   1 
HETATM 1574 O O   . HOH C 3 .   ? 13.376  -0.325  -15.998 1.00 38.29  ? 291 HOH A O   1 
HETATM 1575 O O   . HOH C 3 .   ? 12.631  0.512   17.214  1.00 39.02  ? 292 HOH A O   1 
HETATM 1576 O O   . HOH C 3 .   ? -15.835 -6.650  9.409   1.00 62.47  ? 293 HOH A O   1 
HETATM 1577 O O   . HOH C 3 .   ? -7.968  1.967   18.342  1.00 36.24  ? 294 HOH A O   1 
HETATM 1578 O O   . HOH C 3 .   ? 18.148  -4.594  6.509   1.00 28.16  ? 295 HOH A O   1 
HETATM 1579 O O   . HOH C 3 .   ? -9.490  4.186   -5.379  1.00 38.59  ? 296 HOH A O   1 
HETATM 1580 O O   . HOH C 3 .   ? -11.100 11.782  10.908  1.00 69.93  ? 297 HOH A O   1 
HETATM 1581 O O   . HOH C 3 .   ? -6.598  -1.602  -18.218 1.00 55.96  ? 298 HOH A O   1 
HETATM 1582 O O   . HOH C 3 .   ? -10.275 -5.778  -16.122 1.00 25.04  ? 299 HOH A O   1 
HETATM 1583 O O   . HOH C 3 .   ? -2.858  -4.996  12.568  1.00 24.50  ? 300 HOH A O   1 
HETATM 1584 O O   . HOH C 3 .   ? 0.419   -10.177 -8.912  1.00 21.65  ? 301 HOH A O   1 
HETATM 1585 O O   . HOH C 3 .   ? -14.772 -8.998  10.360  1.00 73.61  ? 302 HOH A O   1 
HETATM 1586 O O   . HOH C 3 .   ? 3.989   -9.085  -16.270 1.00 44.60  ? 303 HOH A O   1 
HETATM 1587 O O   . HOH C 3 .   ? -15.240 -9.508  -12.428 1.00 43.25  ? 304 HOH A O   1 
HETATM 1588 O O   . HOH C 3 .   ? -0.129  18.638  8.787   1.00 49.46  ? 305 HOH A O   1 
HETATM 1589 O O   . HOH C 3 .   ? 5.227   10.338  -5.813  1.00 28.57  ? 306 HOH A O   1 
HETATM 1590 O O   . HOH C 3 .   ? 3.737   -6.343  -18.235 1.00 55.77  ? 307 HOH A O   1 
HETATM 1591 O O   . HOH C 3 .   ? -21.280 -2.747  4.019   1.00 48.36  ? 308 HOH A O   1 
HETATM 1592 O O   . HOH C 3 .   ? 11.865  11.330  6.645   1.00 66.51  ? 309 HOH A O   1 
# 
